data_5VWL
#
_entry.id   5VWL
#
_entity_poly.entity_id   1
_entity_poly.type   'polypeptide(L)'
_entity_poly.pdbx_seq_one_letter_code
;SLALIWDDLRSLCLFSYHRLRDLLLIVTRIVELLGRRGWEALKYWWNLLQYWSQELKNSAVNLLNATAIAVAEGTDRVIE
VLQAAYRAIRHIPRRIRQGLERILL
;
_entity_poly.pdbx_strand_id   A
#
# COMPACT_ATOMS: atom_id res chain seq x y z
N SER A 1 11.05 -34.68 -41.31
CA SER A 1 11.97 -33.90 -42.12
C SER A 1 13.10 -33.33 -41.26
N LEU A 2 14.27 -33.96 -41.32
CA LEU A 2 15.42 -33.52 -40.54
C LEU A 2 15.75 -32.05 -40.85
N ALA A 3 15.87 -31.74 -42.13
CA ALA A 3 16.18 -30.38 -42.55
C ALA A 3 15.15 -29.39 -42.01
N LEU A 4 13.92 -29.86 -41.85
CA LEU A 4 12.83 -29.02 -41.34
C LEU A 4 13.02 -28.74 -39.85
N ILE A 5 13.21 -29.80 -39.07
CA ILE A 5 13.39 -29.67 -37.63
C ILE A 5 14.62 -28.83 -37.32
N TRP A 6 15.69 -29.04 -38.09
CA TRP A 6 16.92 -28.29 -37.89
C TRP A 6 16.75 -26.83 -38.25
N ASP A 7 16.25 -26.58 -39.46
CA ASP A 7 16.03 -25.22 -39.93
C ASP A 7 15.17 -24.43 -38.93
N ASP A 8 14.14 -25.08 -38.41
CA ASP A 8 13.24 -24.45 -37.45
C ASP A 8 13.96 -24.15 -36.14
N LEU A 9 14.54 -25.19 -35.54
CA LEU A 9 15.26 -25.05 -34.28
C LEU A 9 16.30 -23.93 -34.38
N ARG A 10 17.10 -23.97 -35.44
CA ARG A 10 18.13 -22.96 -35.65
C ARG A 10 17.52 -21.56 -35.75
N SER A 11 16.58 -21.41 -36.68
CA SER A 11 15.91 -20.13 -36.89
C SER A 11 15.36 -19.58 -35.57
N LEU A 12 14.62 -20.41 -34.86
CA LEU A 12 14.02 -20.03 -33.59
C LEU A 12 15.10 -19.74 -32.55
N CYS A 13 16.22 -20.45 -32.65
CA CYS A 13 17.32 -20.26 -31.73
C CYS A 13 17.91 -18.87 -31.85
N LEU A 14 18.46 -18.56 -33.03
CA LEU A 14 19.06 -17.25 -33.26
C LEU A 14 18.04 -16.14 -33.07
N PHE A 15 16.82 -16.38 -33.55
CA PHE A 15 15.74 -15.39 -33.43
C PHE A 15 15.41 -15.12 -31.97
N SER A 16 15.24 -16.19 -31.20
CA SER A 16 14.91 -16.07 -29.79
C SER A 16 16.00 -15.29 -29.04
N TYR A 17 17.25 -15.69 -29.24
CA TYR A 17 18.38 -15.03 -28.60
C TYR A 17 18.40 -13.55 -28.94
N HIS A 18 18.53 -13.24 -30.21
CA HIS A 18 18.58 -11.85 -30.68
C HIS A 18 17.36 -11.08 -30.17
N ARG A 19 16.21 -11.75 -30.15
CA ARG A 19 14.97 -11.11 -29.69
C ARG A 19 15.08 -10.75 -28.21
N LEU A 20 15.33 -11.75 -27.37
CA LEU A 20 15.45 -11.53 -25.93
C LEU A 20 16.42 -10.40 -25.63
N ARG A 21 17.58 -10.43 -26.27
CA ARG A 21 18.60 -9.40 -26.06
C ARG A 21 18.15 -8.07 -26.66
N ASP A 22 17.32 -8.15 -27.70
CA ASP A 22 16.81 -6.94 -28.36
C ASP A 22 15.85 -6.19 -27.45
N LEU A 23 14.80 -6.88 -27.01
CA LEU A 23 13.80 -6.26 -26.14
C LEU A 23 14.42 -5.89 -24.79
N LEU A 24 15.27 -6.76 -24.28
CA LEU A 24 15.93 -6.51 -23.00
C LEU A 24 16.82 -5.27 -23.07
N LEU A 25 17.61 -5.19 -24.13
CA LEU A 25 18.51 -4.05 -24.32
C LEU A 25 17.72 -2.75 -24.46
N ILE A 26 16.73 -2.75 -25.34
CA ILE A 26 15.90 -1.57 -25.56
C ILE A 26 15.27 -1.10 -24.26
N VAL A 27 14.50 -1.96 -23.62
CA VAL A 27 13.85 -1.64 -22.36
C VAL A 27 14.84 -1.09 -21.34
N THR A 28 15.87 -1.89 -21.03
CA THR A 28 16.89 -1.49 -20.08
C THR A 28 17.47 -0.13 -20.43
N ARG A 29 17.85 0.04 -21.69
CA ARG A 29 18.43 1.28 -22.17
C ARG A 29 17.53 2.47 -21.81
N ILE A 30 16.25 2.38 -22.18
CA ILE A 30 15.30 3.43 -21.89
C ILE A 30 15.18 3.68 -20.39
N VAL A 31 15.26 2.60 -19.61
CA VAL A 31 15.17 2.70 -18.16
C VAL A 31 16.31 3.53 -17.60
N GLU A 32 17.52 3.27 -18.07
CA GLU A 32 18.69 4.00 -17.61
C GLU A 32 18.73 5.41 -18.19
N LEU A 33 18.14 5.57 -19.36
CA LEU A 33 18.09 6.87 -20.03
C LEU A 33 17.01 7.76 -19.41
N LEU A 34 15.99 7.13 -18.83
CA LEU A 34 14.90 7.86 -18.21
C LEU A 34 15.18 8.11 -16.72
N GLY A 35 15.88 7.15 -16.10
CA GLY A 35 16.20 7.28 -14.69
C GLY A 35 16.88 8.60 -14.37
N ARG A 36 17.58 9.16 -15.35
CA ARG A 36 18.26 10.43 -15.16
C ARG A 36 17.32 11.49 -14.60
N ARG A 37 16.20 11.69 -15.29
CA ARG A 37 15.22 12.68 -14.87
C ARG A 37 14.20 12.06 -13.92
N GLY A 38 13.86 10.79 -14.17
CA GLY A 38 12.89 10.11 -13.33
C GLY A 38 13.35 10.02 -11.88
N TRP A 39 14.64 10.19 -11.65
CA TRP A 39 15.19 10.14 -10.30
C TRP A 39 14.43 11.07 -9.36
N GLU A 40 14.27 12.32 -9.78
CA GLU A 40 13.56 13.31 -8.98
C GLU A 40 12.17 12.80 -8.59
N ALA A 41 11.39 12.42 -9.60
CA ALA A 41 10.04 11.91 -9.36
C ALA A 41 10.04 10.80 -8.33
N LEU A 42 10.88 9.79 -8.55
CA LEU A 42 10.97 8.66 -7.63
C LEU A 42 11.20 9.13 -6.20
N LYS A 43 12.19 9.99 -6.02
CA LYS A 43 12.51 10.53 -4.70
C LYS A 43 11.29 11.20 -4.07
N TYR A 44 10.55 11.95 -4.89
CA TYR A 44 9.36 12.65 -4.42
C TYR A 44 8.34 11.66 -3.88
N TRP A 45 8.00 10.66 -4.68
CA TRP A 45 7.03 9.65 -4.28
C TRP A 45 7.45 8.97 -2.98
N TRP A 46 8.73 8.60 -2.89
CA TRP A 46 9.25 7.95 -1.70
C TRP A 46 9.17 8.88 -0.50
N ASN A 47 9.73 10.07 -0.64
CA ASN A 47 9.73 11.05 0.44
C ASN A 47 8.30 11.33 0.92
N LEU A 48 7.44 11.74 0.00
CA LEU A 48 6.06 12.03 0.33
C LEU A 48 5.37 10.82 0.96
N LEU A 49 5.64 9.64 0.40
CA LEU A 49 5.06 8.40 0.91
C LEU A 49 5.35 8.23 2.39
N GLN A 50 6.65 8.18 2.73
CA GLN A 50 7.06 8.02 4.11
C GLN A 50 6.62 9.21 4.96
N TYR A 51 6.61 10.39 4.35
CA TYR A 51 6.22 11.61 5.04
C TYR A 51 4.77 11.53 5.51
N TRP A 52 3.86 11.33 4.56
CA TRP A 52 2.44 11.23 4.88
C TRP A 52 2.17 10.07 5.83
N SER A 53 2.72 8.90 5.50
CA SER A 53 2.54 7.72 6.33
C SER A 53 2.89 8.01 7.78
N GLN A 54 4.15 8.37 8.02
CA GLN A 54 4.61 8.67 9.36
C GLN A 54 3.85 9.86 9.95
N GLU A 55 3.44 10.78 9.09
CA GLU A 55 2.70 11.95 9.53
C GLU A 55 1.36 11.56 10.15
N LEU A 56 0.62 10.70 9.44
CA LEU A 56 -0.67 10.24 9.92
C LEU A 56 -0.52 9.33 11.13
N LYS A 57 0.55 8.55 11.14
CA LYS A 57 0.83 7.63 12.25
C LYS A 57 1.19 8.40 13.51
N ASN A 58 2.24 9.21 13.43
CA ASN A 58 2.70 10.01 14.56
C ASN A 58 1.58 10.91 15.07
N SER A 59 0.88 11.57 14.15
CA SER A 59 -0.20 12.47 14.51
C SER A 59 -1.34 11.71 15.19
N ALA A 60 -1.78 10.63 14.55
CA ALA A 60 -2.86 9.81 15.09
C ALA A 60 -2.57 9.41 16.54
N VAL A 61 -1.39 8.85 16.77
CA VAL A 61 -1.00 8.43 18.11
C VAL A 61 -0.91 9.61 19.06
N ASN A 62 -0.43 10.75 18.54
CA ASN A 62 -0.29 11.96 19.33
C ASN A 62 -1.65 12.50 19.75
N LEU A 63 -2.63 12.36 18.86
CA LEU A 63 -3.99 12.83 19.13
C LEU A 63 -4.67 11.96 20.17
N LEU A 64 -4.52 10.64 20.04
CA LEU A 64 -5.11 9.70 20.96
C LEU A 64 -4.54 9.87 22.37
N ASN A 65 -3.22 9.89 22.47
CA ASN A 65 -2.55 10.06 23.75
C ASN A 65 -2.92 11.39 24.39
N ALA A 66 -2.65 12.49 23.68
CA ALA A 66 -2.97 13.82 24.18
C ALA A 66 -4.41 13.90 24.65
N THR A 67 -5.32 13.32 23.88
CA THR A 67 -6.74 13.33 24.22
C THR A 67 -6.99 12.58 25.53
N ALA A 68 -6.32 11.45 25.70
CA ALA A 68 -6.46 10.64 26.91
C ALA A 68 -5.96 11.39 28.13
N ILE A 69 -4.86 12.12 27.97
CA ILE A 69 -4.28 12.88 29.07
C ILE A 69 -5.17 14.05 29.45
N ALA A 70 -5.82 14.64 28.46
CA ALA A 70 -6.71 15.78 28.70
C ALA A 70 -8.06 15.31 29.25
N VAL A 71 -8.44 14.09 28.89
CA VAL A 71 -9.70 13.52 29.35
C VAL A 71 -9.55 12.84 30.71
N ALA A 72 -8.33 12.40 31.01
CA ALA A 72 -8.04 11.74 32.27
C ALA A 72 -8.22 12.70 33.44
N GLU A 73 -8.09 14.00 33.17
CA GLU A 73 -8.23 15.02 34.20
C GLU A 73 -9.70 15.23 34.56
N GLY A 74 -10.59 14.57 33.81
CA GLY A 74 -12.01 14.71 34.06
C GLY A 74 -12.76 13.41 33.81
N THR A 75 -13.36 12.88 34.86
CA THR A 75 -14.13 11.63 34.76
C THR A 75 -15.46 11.86 34.05
N ASP A 76 -15.87 13.11 33.99
CA ASP A 76 -17.14 13.46 33.34
C ASP A 76 -17.21 12.87 31.93
N ARG A 77 -16.11 13.02 31.18
CA ARG A 77 -16.05 12.51 29.82
C ARG A 77 -16.37 11.01 29.78
N VAL A 78 -15.65 10.24 30.58
CA VAL A 78 -15.86 8.80 30.65
C VAL A 78 -17.30 8.47 31.00
N ILE A 79 -17.85 9.21 31.95
CA ILE A 79 -19.22 9.00 32.38
C ILE A 79 -20.21 9.28 31.25
N GLU A 80 -20.07 10.45 30.63
CA GLU A 80 -20.95 10.83 29.53
C GLU A 80 -20.88 9.82 28.40
N VAL A 81 -19.67 9.32 28.13
CA VAL A 81 -19.46 8.34 27.07
C VAL A 81 -20.05 6.98 27.46
N LEU A 82 -19.53 6.40 28.54
CA LEU A 82 -19.99 5.10 29.01
C LEU A 82 -21.51 5.10 29.16
N GLN A 83 -22.06 6.17 29.75
CA GLN A 83 -23.49 6.27 29.95
C GLN A 83 -24.23 6.34 28.62
N ALA A 84 -23.83 7.29 27.78
CA ALA A 84 -24.45 7.47 26.47
C ALA A 84 -24.43 6.16 25.68
N ALA A 85 -23.23 5.61 25.50
CA ALA A 85 -23.07 4.36 24.77
C ALA A 85 -23.98 3.27 25.32
N TYR A 86 -23.80 2.94 26.60
CA TYR A 86 -24.60 1.91 27.24
C TYR A 86 -26.08 2.21 27.10
N ARG A 87 -26.43 3.50 27.08
CA ARG A 87 -27.81 3.91 26.95
C ARG A 87 -28.39 3.49 25.60
N ALA A 88 -27.69 3.83 24.53
CA ALA A 88 -28.13 3.48 23.18
C ALA A 88 -28.14 1.96 23.00
N ILE A 89 -27.19 1.29 23.63
CA ILE A 89 -27.08 -0.17 23.53
C ILE A 89 -28.20 -0.85 24.32
N ARG A 90 -28.54 -0.27 25.46
CA ARG A 90 -29.60 -0.83 26.31
C ARG A 90 -30.96 -0.68 25.65
N HIS A 91 -31.25 0.52 25.16
CA HIS A 91 -32.53 0.79 24.50
C HIS A 91 -32.56 0.19 23.11
N ILE A 92 -31.40 0.11 22.47
CA ILE A 92 -31.30 -0.45 21.13
C ILE A 92 -29.99 -1.20 20.94
N PRO A 93 -29.94 -2.45 21.43
CA PRO A 93 -28.75 -3.30 21.33
C PRO A 93 -28.48 -3.74 19.89
N ARG A 94 -27.39 -3.23 19.32
CA ARG A 94 -27.02 -3.57 17.95
C ARG A 94 -25.51 -3.47 17.76
N ARG A 95 -24.80 -4.55 18.08
CA ARG A 95 -23.35 -4.59 17.94
C ARG A 95 -22.86 -6.00 17.62
N ILE A 96 -23.48 -6.62 16.62
CA ILE A 96 -23.11 -7.96 16.22
C ILE A 96 -21.89 -7.95 15.30
N ARG A 97 -21.77 -6.89 14.50
CA ARG A 97 -20.65 -6.75 13.57
C ARG A 97 -19.32 -6.80 14.31
N GLN A 98 -19.34 -6.40 15.58
CA GLN A 98 -18.13 -6.39 16.40
C GLN A 98 -17.43 -7.74 16.35
N GLY A 99 -18.21 -8.82 16.45
CA GLY A 99 -17.64 -10.15 16.41
C GLY A 99 -17.08 -10.50 15.05
N LEU A 100 -17.86 -10.28 14.01
CA LEU A 100 -17.44 -10.57 12.65
C LEU A 100 -16.09 -9.93 12.34
N GLU A 101 -15.94 -8.66 12.71
CA GLU A 101 -14.69 -7.94 12.48
C GLU A 101 -13.62 -8.39 13.46
N ARG A 102 -14.05 -8.73 14.68
CA ARG A 102 -13.11 -9.17 15.71
C ARG A 102 -12.42 -10.46 15.30
N ILE A 103 -13.14 -11.30 14.56
CA ILE A 103 -12.60 -12.58 14.10
C ILE A 103 -11.97 -12.44 12.72
N LEU A 104 -11.73 -11.20 12.31
CA LEU A 104 -11.13 -10.94 11.00
C LEU A 104 -9.70 -10.44 11.15
N LEU A 105 -9.53 -9.39 11.96
CA LEU A 105 -8.21 -8.81 12.19
C LEU A 105 -7.93 -8.67 13.68
N SER A 1 0.94 -31.85 -35.68
CA SER A 1 1.98 -32.17 -36.66
C SER A 1 3.35 -31.73 -36.17
N LEU A 2 4.37 -32.51 -36.51
CA LEU A 2 5.73 -32.21 -36.11
C LEU A 2 6.11 -30.79 -36.49
N ALA A 3 5.79 -30.41 -37.72
CA ALA A 3 6.09 -29.07 -38.22
C ALA A 3 5.35 -28.01 -37.41
N LEU A 4 4.16 -28.36 -36.93
CA LEU A 4 3.35 -27.45 -36.14
C LEU A 4 3.95 -27.22 -34.76
N ILE A 5 4.20 -28.32 -34.04
CA ILE A 5 4.78 -28.24 -32.71
C ILE A 5 6.16 -27.57 -32.75
N TRP A 6 6.90 -27.83 -33.82
CA TRP A 6 8.23 -27.25 -33.98
C TRP A 6 8.14 -25.76 -34.26
N ASP A 7 7.27 -25.38 -35.19
CA ASP A 7 7.09 -23.98 -35.55
C ASP A 7 6.64 -23.16 -34.34
N ASP A 8 5.79 -23.75 -33.51
CA ASP A 8 5.28 -23.07 -32.32
C ASP A 8 6.38 -22.94 -31.27
N LEU A 9 6.97 -24.06 -30.89
CA LEU A 9 8.03 -24.07 -29.89
C LEU A 9 9.13 -23.07 -30.25
N ARG A 10 9.56 -23.10 -31.51
CA ARG A 10 10.60 -22.20 -31.97
C ARG A 10 10.12 -20.75 -31.94
N SER A 11 8.95 -20.51 -32.53
CA SER A 11 8.37 -19.17 -32.58
C SER A 11 8.32 -18.56 -31.19
N LEU A 12 7.79 -19.31 -30.23
CA LEU A 12 7.67 -18.84 -28.86
C LEU A 12 9.05 -18.64 -28.24
N CYS A 13 9.96 -19.56 -28.53
CA CYS A 13 11.32 -19.49 -28.00
C CYS A 13 12.01 -18.22 -28.46
N LEU A 14 12.19 -18.08 -29.78
CA LEU A 14 12.84 -16.91 -30.34
C LEU A 14 12.14 -15.62 -29.89
N PHE A 15 10.83 -15.58 -30.08
CA PHE A 15 10.04 -14.40 -29.70
C PHE A 15 10.27 -14.06 -28.23
N SER A 16 10.14 -15.06 -27.36
CA SER A 16 10.33 -14.85 -25.93
C SER A 16 11.71 -14.29 -25.64
N TYR A 17 12.71 -14.79 -26.36
CA TYR A 17 14.09 -14.34 -26.18
C TYR A 17 14.22 -12.85 -26.51
N HIS A 18 13.90 -12.51 -27.76
CA HIS A 18 13.98 -11.11 -28.20
C HIS A 18 13.12 -10.21 -27.33
N ARG A 19 11.94 -10.70 -26.96
CA ARG A 19 11.02 -9.94 -26.13
C ARG A 19 11.61 -9.69 -24.74
N LEU A 20 11.95 -10.77 -24.05
CA LEU A 20 12.53 -10.66 -22.71
C LEU A 20 13.71 -9.70 -22.70
N ARG A 21 14.60 -9.86 -23.67
CA ARG A 21 15.78 -9.00 -23.77
C ARG A 21 15.38 -7.59 -24.18
N ASP A 22 14.28 -7.47 -24.92
CA ASP A 22 13.80 -6.17 -25.36
C ASP A 22 13.28 -5.35 -24.20
N LEU A 23 12.32 -5.89 -23.47
CA LEU A 23 11.74 -5.21 -22.32
C LEU A 23 12.78 -5.02 -21.22
N LEU A 24 13.59 -6.05 -20.99
CA LEU A 24 14.62 -6.00 -19.96
C LEU A 24 15.65 -4.91 -20.28
N LEU A 25 16.08 -4.86 -21.53
CA LEU A 25 17.06 -3.86 -21.97
C LEU A 25 16.49 -2.46 -21.83
N ILE A 26 15.30 -2.23 -22.38
CA ILE A 26 14.66 -0.93 -22.31
C ILE A 26 14.54 -0.45 -20.87
N VAL A 27 13.88 -1.25 -20.03
CA VAL A 27 13.71 -0.91 -18.63
C VAL A 27 15.05 -0.61 -17.96
N THR A 28 15.96 -1.57 -18.02
CA THR A 28 17.29 -1.40 -17.42
C THR A 28 17.96 -0.12 -17.93
N ARG A 29 17.76 0.18 -19.21
CA ARG A 29 18.36 1.36 -19.81
C ARG A 29 17.82 2.63 -19.16
N ILE A 30 16.49 2.74 -19.09
CA ILE A 30 15.86 3.90 -18.48
C ILE A 30 16.22 4.03 -17.01
N VAL A 31 16.28 2.89 -16.31
CA VAL A 31 16.62 2.88 -14.90
C VAL A 31 18.05 3.35 -14.67
N GLU A 32 18.95 2.93 -15.55
CA GLU A 32 20.35 3.31 -15.44
C GLU A 32 20.55 4.77 -15.84
N LEU A 33 19.96 5.17 -16.96
CA LEU A 33 20.06 6.53 -17.45
C LEU A 33 19.43 7.51 -16.47
N LEU A 34 18.25 7.16 -15.98
CA LEU A 34 17.54 8.01 -15.02
C LEU A 34 18.16 7.90 -13.64
N GLY A 35 18.80 6.77 -13.36
CA GLY A 35 19.43 6.56 -12.07
C GLY A 35 20.36 7.71 -11.69
N ARG A 36 20.95 8.35 -12.69
CA ARG A 36 21.87 9.46 -12.45
C ARG A 36 21.21 10.52 -11.57
N ARG A 37 20.12 11.09 -12.07
CA ARG A 37 19.39 12.12 -11.32
C ARG A 37 18.25 11.52 -10.52
N GLY A 38 18.23 10.19 -10.42
CA GLY A 38 17.19 9.51 -9.68
C GLY A 38 17.28 9.76 -8.18
N TRP A 39 18.46 10.17 -7.73
CA TRP A 39 18.67 10.45 -6.32
C TRP A 39 17.60 11.41 -5.78
N GLU A 40 17.38 12.50 -6.49
CA GLU A 40 16.39 13.49 -6.08
C GLU A 40 15.01 12.86 -5.97
N ALA A 41 14.54 12.27 -7.07
CA ALA A 41 13.23 11.63 -7.09
C ALA A 41 13.09 10.64 -5.94
N LEU A 42 14.05 9.74 -5.82
CA LEU A 42 14.02 8.74 -4.76
C LEU A 42 13.82 9.39 -3.40
N LYS A 43 14.69 10.32 -3.05
CA LYS A 43 14.59 11.03 -1.77
C LYS A 43 13.20 11.59 -1.57
N TYR A 44 12.65 12.19 -2.62
CA TYR A 44 11.32 12.78 -2.57
C TYR A 44 10.28 11.75 -2.15
N TRP A 45 10.20 10.65 -2.90
CA TRP A 45 9.25 9.59 -2.61
C TRP A 45 9.38 9.13 -1.15
N TRP A 46 10.61 8.95 -0.70
CA TRP A 46 10.87 8.52 0.67
C TRP A 46 10.38 9.57 1.67
N ASN A 47 10.86 10.80 1.52
CA ASN A 47 10.47 11.88 2.41
C ASN A 47 8.96 12.03 2.45
N LEU A 48 8.35 12.22 1.30
CA LEU A 48 6.90 12.37 1.21
C LEU A 48 6.18 11.23 1.93
N LEU A 49 6.59 10.00 1.62
CA LEU A 49 5.99 8.82 2.23
C LEU A 49 5.99 8.95 3.75
N GLN A 50 7.17 9.13 4.33
CA GLN A 50 7.30 9.26 5.77
C GLN A 50 6.47 10.43 6.29
N TYR A 51 6.35 11.48 5.47
CA TYR A 51 5.59 12.65 5.85
C TYR A 51 4.12 12.30 6.10
N TRP A 52 3.47 11.78 5.06
CA TRP A 52 2.06 11.40 5.16
C TRP A 52 1.86 10.37 6.27
N SER A 53 2.71 9.35 6.29
CA SER A 53 2.62 8.30 7.30
C SER A 53 2.57 8.90 8.70
N GLN A 54 3.63 9.61 9.07
CA GLN A 54 3.70 10.24 10.39
C GLN A 54 2.54 11.19 10.61
N GLU A 55 2.10 11.84 9.53
CA GLU A 55 0.99 12.78 9.62
C GLU A 55 -0.28 12.09 10.11
N LEU A 56 -0.61 10.96 9.49
CA LEU A 56 -1.80 10.22 9.87
C LEU A 56 -1.63 9.60 11.26
N LYS A 57 -0.41 9.18 11.57
CA LYS A 57 -0.12 8.57 12.87
C LYS A 57 -0.27 9.60 13.99
N ASN A 58 0.52 10.66 13.92
CA ASN A 58 0.49 11.72 14.92
C ASN A 58 -0.92 12.29 15.05
N SER A 59 -1.57 12.54 13.92
CA SER A 59 -2.91 13.09 13.91
C SER A 59 -3.90 12.12 14.55
N ALA A 60 -3.88 10.87 14.09
CA ALA A 60 -4.77 9.86 14.62
C ALA A 60 -4.70 9.80 16.14
N VAL A 61 -3.49 9.67 16.67
CA VAL A 61 -3.28 9.60 18.11
C VAL A 61 -3.73 10.89 18.78
N ASN A 62 -3.49 12.01 18.13
CA ASN A 62 -3.87 13.32 18.67
C ASN A 62 -5.38 13.45 18.74
N LEU A 63 -6.07 12.88 17.76
CA LEU A 63 -7.53 12.94 17.70
C LEU A 63 -8.15 12.06 18.79
N LEU A 64 -7.60 10.87 18.95
CA LEU A 64 -8.09 9.93 19.96
C LEU A 64 -7.91 10.49 21.36
N ASN A 65 -6.69 10.95 21.67
CA ASN A 65 -6.39 11.51 22.98
C ASN A 65 -7.25 12.74 23.25
N ALA A 66 -7.15 13.73 22.38
CA ALA A 66 -7.92 14.96 22.52
C ALA A 66 -9.40 14.66 22.75
N THR A 67 -9.93 13.71 21.98
CA THR A 67 -11.33 13.32 22.10
C THR A 67 -11.63 12.75 23.47
N ALA A 68 -10.71 11.92 23.98
CA ALA A 68 -10.88 11.30 25.28
C ALA A 68 -10.88 12.35 26.40
N ILE A 69 -10.03 13.37 26.25
CA ILE A 69 -9.93 14.43 27.23
C ILE A 69 -11.19 15.31 27.22
N ALA A 70 -11.75 15.50 26.03
CA ALA A 70 -12.95 16.32 25.88
C ALA A 70 -14.20 15.54 26.29
N VAL A 71 -14.13 14.22 26.17
CA VAL A 71 -15.25 13.36 26.53
C VAL A 71 -15.22 13.01 28.01
N ALA A 72 -14.02 12.92 28.57
CA ALA A 72 -13.85 12.59 29.97
C ALA A 72 -14.44 13.67 30.86
N GLU A 73 -14.56 14.88 30.32
CA GLU A 73 -15.11 16.00 31.07
C GLU A 73 -16.61 16.14 30.83
N GLY A 74 -17.22 15.07 30.32
CA GLY A 74 -18.64 15.08 30.05
C GLY A 74 -19.28 13.72 30.23
N THR A 75 -20.38 13.68 30.99
CA THR A 75 -21.08 12.43 31.23
C THR A 75 -21.83 11.96 29.99
N ASP A 76 -22.68 12.83 29.46
CA ASP A 76 -23.47 12.51 28.27
C ASP A 76 -22.56 12.05 27.14
N ARG A 77 -21.35 12.59 27.09
CA ARG A 77 -20.39 12.24 26.05
C ARG A 77 -19.93 10.79 26.22
N VAL A 78 -19.41 10.46 27.39
CA VAL A 78 -18.93 9.11 27.69
C VAL A 78 -20.04 8.08 27.47
N ILE A 79 -21.25 8.43 27.89
CA ILE A 79 -22.39 7.54 27.74
C ILE A 79 -22.77 7.36 26.27
N GLU A 80 -22.87 8.48 25.56
CA GLU A 80 -23.22 8.45 24.15
C GLU A 80 -22.21 7.62 23.35
N VAL A 81 -20.95 7.70 23.75
CA VAL A 81 -19.88 6.96 23.08
C VAL A 81 -19.92 5.49 23.45
N LEU A 82 -19.75 5.20 24.73
CA LEU A 82 -19.77 3.83 25.22
C LEU A 82 -21.02 3.09 24.74
N GLN A 83 -22.14 3.81 24.68
CA GLN A 83 -23.40 3.22 24.24
C GLN A 83 -23.39 3.02 22.72
N ALA A 84 -23.15 4.10 21.99
CA ALA A 84 -23.12 4.03 20.53
C ALA A 84 -22.18 2.94 20.05
N ALA A 85 -21.01 2.84 20.68
CA ALA A 85 -20.02 1.84 20.31
C ALA A 85 -20.49 0.45 20.72
N TYR A 86 -20.82 0.30 21.99
CA TYR A 86 -21.28 -0.99 22.51
C TYR A 86 -22.42 -1.56 21.66
N ARG A 87 -23.43 -0.73 21.42
CA ARG A 87 -24.58 -1.14 20.62
C ARG A 87 -24.16 -1.42 19.17
N ALA A 88 -23.37 -0.51 18.60
CA ALA A 88 -22.90 -0.66 17.23
C ALA A 88 -22.26 -2.03 17.01
N ILE A 89 -21.30 -2.37 17.86
CA ILE A 89 -20.61 -3.65 17.76
C ILE A 89 -21.52 -4.80 18.17
N ARG A 90 -22.44 -4.52 19.09
CA ARG A 90 -23.39 -5.52 19.56
C ARG A 90 -24.38 -5.91 18.47
N HIS A 91 -24.62 -4.98 17.55
CA HIS A 91 -25.54 -5.23 16.44
C HIS A 91 -24.80 -5.72 15.21
N ILE A 92 -23.56 -5.26 15.04
CA ILE A 92 -22.74 -5.66 13.90
C ILE A 92 -21.28 -5.80 14.29
N PRO A 93 -20.95 -6.93 14.96
CA PRO A 93 -19.59 -7.21 15.40
C PRO A 93 -18.64 -7.51 14.24
N ARG A 94 -17.95 -6.48 13.77
CA ARG A 94 -17.02 -6.63 12.66
C ARG A 94 -16.32 -5.30 12.36
N ARG A 95 -15.06 -5.20 12.78
CA ARG A 95 -14.27 -4.00 12.56
C ARG A 95 -12.84 -4.18 13.04
N ILE A 96 -12.68 -4.91 14.14
CA ILE A 96 -11.35 -5.17 14.70
C ILE A 96 -10.62 -6.25 13.91
N ARG A 97 -11.39 -7.11 13.26
CA ARG A 97 -10.81 -8.20 12.47
C ARG A 97 -9.84 -7.65 11.42
N GLN A 98 -10.37 -6.86 10.50
CA GLN A 98 -9.55 -6.27 9.44
C GLN A 98 -8.33 -5.57 10.02
N GLY A 99 -8.52 -4.93 11.18
CA GLY A 99 -7.43 -4.22 11.82
C GLY A 99 -6.33 -5.16 12.28
N LEU A 100 -6.68 -6.16 13.06
CA LEU A 100 -5.71 -7.13 13.57
C LEU A 100 -4.97 -7.80 12.42
N GLU A 101 -5.70 -8.11 11.35
CA GLU A 101 -5.11 -8.75 10.18
C GLU A 101 -4.26 -7.78 9.39
N ARG A 102 -4.65 -6.50 9.41
CA ARG A 102 -3.93 -5.47 8.69
C ARG A 102 -2.57 -5.20 9.33
N ILE A 103 -2.53 -5.21 10.66
CA ILE A 103 -1.30 -4.97 11.39
C ILE A 103 -0.58 -6.29 11.70
N LEU A 104 -0.99 -7.36 11.02
CA LEU A 104 -0.40 -8.66 11.23
C LEU A 104 0.51 -9.04 10.06
N LEU A 105 0.07 -8.71 8.84
CA LEU A 105 0.83 -9.01 7.64
C LEU A 105 0.28 -8.25 6.44
N SER A 1 31.44 -12.69 -61.40
CA SER A 1 30.15 -12.41 -60.79
C SER A 1 30.31 -11.84 -59.38
N LEU A 2 31.20 -10.86 -59.25
CA LEU A 2 31.46 -10.25 -57.96
C LEU A 2 30.16 -9.77 -57.31
N ALA A 3 29.30 -9.15 -58.11
CA ALA A 3 28.01 -8.66 -57.62
C ALA A 3 27.20 -9.78 -56.99
N LEU A 4 26.96 -10.84 -57.76
CA LEU A 4 26.19 -11.98 -57.27
C LEU A 4 26.78 -12.51 -55.97
N ILE A 5 28.07 -12.82 -55.98
CA ILE A 5 28.75 -13.33 -54.80
C ILE A 5 28.57 -12.39 -53.61
N TRP A 6 28.81 -11.10 -53.84
CA TRP A 6 28.68 -10.10 -52.80
C TRP A 6 27.26 -10.09 -52.23
N ASP A 7 26.27 -10.16 -53.12
CA ASP A 7 24.87 -10.17 -52.71
C ASP A 7 24.57 -11.35 -51.79
N ASP A 8 25.00 -12.53 -52.21
CA ASP A 8 24.77 -13.74 -51.42
C ASP A 8 25.53 -13.68 -50.10
N LEU A 9 26.71 -13.08 -50.13
CA LEU A 9 27.54 -12.96 -48.93
C LEU A 9 26.84 -12.08 -47.89
N ARG A 10 26.56 -10.83 -48.26
CA ARG A 10 25.91 -9.90 -47.35
C ARG A 10 24.52 -10.41 -46.97
N SER A 11 23.87 -11.09 -47.89
CA SER A 11 22.54 -11.62 -47.65
C SER A 11 22.56 -12.66 -46.53
N LEU A 12 23.38 -13.68 -46.69
CA LEU A 12 23.51 -14.74 -45.69
C LEU A 12 23.98 -14.18 -44.36
N CYS A 13 25.01 -13.34 -44.40
CA CYS A 13 25.55 -12.74 -43.20
C CYS A 13 24.49 -11.90 -42.49
N LEU A 14 23.71 -11.17 -43.26
CA LEU A 14 22.65 -10.32 -42.70
C LEU A 14 21.57 -11.17 -42.03
N PHE A 15 21.12 -12.20 -42.75
CA PHE A 15 20.08 -13.09 -42.22
C PHE A 15 20.54 -13.74 -40.92
N SER A 16 21.72 -14.36 -40.96
CA SER A 16 22.27 -15.03 -39.78
C SER A 16 22.48 -14.04 -38.64
N TYR A 17 23.24 -12.99 -38.91
CA TYR A 17 23.53 -11.96 -37.91
C TYR A 17 22.24 -11.43 -37.30
N HIS A 18 21.25 -11.18 -38.16
CA HIS A 18 19.97 -10.65 -37.71
C HIS A 18 19.28 -11.63 -36.76
N ARG A 19 19.24 -12.90 -37.15
CA ARG A 19 18.62 -13.93 -36.34
C ARG A 19 19.33 -14.08 -35.00
N LEU A 20 20.62 -14.36 -35.05
CA LEU A 20 21.43 -14.52 -33.84
C LEU A 20 21.21 -13.36 -32.89
N ARG A 21 21.37 -12.14 -33.40
CA ARG A 21 21.19 -10.95 -32.59
C ARG A 21 19.77 -10.84 -32.07
N ASP A 22 18.82 -11.33 -32.87
CA ASP A 22 17.41 -11.30 -32.47
C ASP A 22 17.17 -12.12 -31.22
N LEU A 23 17.52 -13.41 -31.28
CA LEU A 23 17.35 -14.31 -30.14
C LEU A 23 18.12 -13.80 -28.93
N LEU A 24 19.34 -13.33 -29.17
CA LEU A 24 20.18 -12.82 -28.09
C LEU A 24 19.54 -11.61 -27.42
N LEU A 25 18.85 -10.79 -28.22
CA LEU A 25 18.19 -9.60 -27.71
C LEU A 25 17.00 -9.97 -26.83
N ILE A 26 16.05 -10.69 -27.41
CA ILE A 26 14.86 -11.11 -26.68
C ILE A 26 15.23 -11.82 -25.39
N VAL A 27 16.22 -12.71 -25.47
CA VAL A 27 16.69 -13.45 -24.30
C VAL A 27 17.27 -12.52 -23.25
N THR A 28 18.35 -11.84 -23.62
CA THR A 28 19.02 -10.92 -22.70
C THR A 28 18.03 -9.92 -22.11
N ARG A 29 17.03 -9.54 -22.90
CA ARG A 29 16.02 -8.59 -22.46
C ARG A 29 15.18 -9.18 -21.32
N ILE A 30 14.55 -10.32 -21.59
CA ILE A 30 13.72 -10.98 -20.60
C ILE A 30 14.53 -11.31 -19.34
N VAL A 31 15.82 -11.56 -19.52
CA VAL A 31 16.70 -11.88 -18.41
C VAL A 31 16.89 -10.68 -17.50
N GLU A 32 17.33 -9.56 -18.07
CA GLU A 32 17.56 -8.34 -17.32
C GLU A 32 16.26 -7.82 -16.71
N LEU A 33 15.15 -8.09 -17.39
CA LEU A 33 13.84 -7.65 -16.92
C LEU A 33 13.33 -8.58 -15.82
N LEU A 34 13.69 -9.85 -15.91
CA LEU A 34 13.27 -10.84 -14.93
C LEU A 34 14.17 -10.81 -13.69
N GLY A 35 15.40 -10.33 -13.88
CA GLY A 35 16.34 -10.25 -12.78
C GLY A 35 16.15 -8.98 -11.96
N ARG A 36 15.89 -7.88 -12.63
CA ARG A 36 15.71 -6.60 -11.95
C ARG A 36 14.41 -6.59 -11.15
N ARG A 37 13.45 -7.40 -11.58
CA ARG A 37 12.17 -7.49 -10.91
C ARG A 37 12.35 -7.74 -9.42
N GLY A 38 13.34 -8.55 -9.08
CA GLY A 38 13.61 -8.86 -7.68
C GLY A 38 13.88 -7.62 -6.85
N TRP A 39 14.64 -6.69 -7.42
CA TRP A 39 14.98 -5.46 -6.73
C TRP A 39 13.77 -4.53 -6.65
N GLU A 40 13.22 -4.17 -7.80
CA GLU A 40 12.07 -3.29 -7.86
C GLU A 40 10.94 -3.81 -6.98
N ALA A 41 10.52 -5.05 -7.22
CA ALA A 41 9.45 -5.67 -6.45
C ALA A 41 9.73 -5.55 -4.95
N LEU A 42 10.92 -5.97 -4.54
CA LEU A 42 11.31 -5.93 -3.14
C LEU A 42 11.06 -4.54 -2.55
N LYS A 43 11.67 -3.53 -3.17
CA LYS A 43 11.52 -2.15 -2.71
C LYS A 43 10.04 -1.80 -2.56
N TYR A 44 9.24 -2.20 -3.54
CA TYR A 44 7.80 -1.91 -3.51
C TYR A 44 7.17 -2.46 -2.23
N TRP A 45 7.31 -3.76 -2.01
CA TRP A 45 6.74 -4.40 -0.84
C TRP A 45 7.15 -3.65 0.43
N TRP A 46 8.43 -3.35 0.55
CA TRP A 46 8.94 -2.63 1.71
C TRP A 46 8.30 -1.25 1.83
N ASN A 47 8.45 -0.45 0.79
CA ASN A 47 7.89 0.90 0.78
C ASN A 47 6.40 0.87 1.14
N LEU A 48 5.63 0.09 0.39
CA LEU A 48 4.20 -0.02 0.63
C LEU A 48 3.92 -0.37 2.09
N LEU A 49 4.67 -1.34 2.62
CA LEU A 49 4.50 -1.77 3.99
C LEU A 49 4.61 -0.59 4.96
N GLN A 50 5.76 0.08 4.92
CA GLN A 50 5.99 1.24 5.78
C GLN A 50 4.97 2.34 5.50
N TYR A 51 4.60 2.49 4.24
CA TYR A 51 3.64 3.50 3.83
C TYR A 51 2.28 3.26 4.50
N TRP A 52 1.69 2.10 4.23
CA TRP A 52 0.40 1.76 4.80
C TRP A 52 0.44 1.83 6.33
N SER A 53 1.45 1.20 6.92
CA SER A 53 1.61 1.19 8.36
C SER A 53 1.55 2.61 8.93
N GLN A 54 2.49 3.45 8.51
CA GLN A 54 2.54 4.83 8.96
C GLN A 54 1.23 5.55 8.66
N GLU A 55 0.59 5.17 7.56
CA GLU A 55 -0.67 5.79 7.17
C GLU A 55 -1.75 5.58 8.22
N LEU A 56 -1.91 4.33 8.66
CA LEU A 56 -2.90 3.98 9.66
C LEU A 56 -2.52 4.57 11.02
N LYS A 57 -1.23 4.61 11.30
CA LYS A 57 -0.72 5.15 12.56
C LYS A 57 -0.96 6.65 12.63
N ASN A 58 -0.40 7.39 11.68
CA ASN A 58 -0.55 8.84 11.64
C ASN A 58 -2.02 9.23 11.60
N SER A 59 -2.80 8.55 10.75
CA SER A 59 -4.21 8.82 10.63
C SER A 59 -4.96 8.55 11.93
N ALA A 60 -4.74 7.37 12.49
CA ALA A 60 -5.38 6.98 13.73
C ALA A 60 -5.17 8.03 14.81
N VAL A 61 -3.92 8.42 15.02
CA VAL A 61 -3.59 9.42 16.03
C VAL A 61 -4.20 10.77 15.68
N ASN A 62 -4.23 11.08 14.39
CA ASN A 62 -4.80 12.34 13.91
C ASN A 62 -6.31 12.38 14.17
N LEU A 63 -6.96 11.23 14.01
CA LEU A 63 -8.39 11.14 14.22
C LEU A 63 -8.75 11.27 15.70
N LEU A 64 -7.97 10.61 16.55
CA LEU A 64 -8.20 10.65 17.99
C LEU A 64 -8.01 12.07 18.53
N ASN A 65 -6.87 12.67 18.19
CA ASN A 65 -6.57 14.03 18.63
C ASN A 65 -7.62 15.01 18.13
N ALA A 66 -7.77 15.08 16.80
CA ALA A 66 -8.74 15.98 16.19
C ALA A 66 -10.11 15.83 16.84
N THR A 67 -10.52 14.58 17.09
CA THR A 67 -11.81 14.31 17.70
C THR A 67 -11.89 14.88 19.11
N ALA A 68 -10.80 14.74 19.86
CA ALA A 68 -10.74 15.25 21.23
C ALA A 68 -10.86 16.76 21.25
N ILE A 69 -10.20 17.42 20.30
CA ILE A 69 -10.22 18.87 20.20
C ILE A 69 -11.61 19.37 19.83
N ALA A 70 -12.29 18.63 18.97
CA ALA A 70 -13.62 19.00 18.53
C ALA A 70 -14.67 18.67 19.60
N VAL A 71 -14.37 17.67 20.42
CA VAL A 71 -15.27 17.26 21.48
C VAL A 71 -15.06 18.08 22.75
N ALA A 72 -13.84 18.61 22.90
CA ALA A 72 -13.50 19.41 24.07
C ALA A 72 -13.89 20.88 23.84
N GLU A 73 -14.02 21.27 22.57
CA GLU A 73 -14.38 22.64 22.24
C GLU A 73 -15.88 22.86 22.41
N GLY A 74 -16.60 21.80 22.72
CA GLY A 74 -18.04 21.90 22.91
C GLY A 74 -18.50 21.17 24.15
N THR A 75 -19.37 21.81 24.92
CA THR A 75 -19.90 21.21 26.14
C THR A 75 -21.08 20.30 25.84
N ASP A 76 -21.67 20.46 24.67
CA ASP A 76 -22.81 19.65 24.25
C ASP A 76 -22.51 18.16 24.41
N ARG A 77 -21.34 17.75 23.96
CA ARG A 77 -20.92 16.36 24.04
C ARG A 77 -20.88 15.89 25.50
N VAL A 78 -20.23 16.69 26.35
CA VAL A 78 -20.12 16.37 27.76
C VAL A 78 -21.49 16.15 28.39
N ILE A 79 -22.32 17.18 28.36
CA ILE A 79 -23.67 17.11 28.92
C ILE A 79 -24.48 16.01 28.26
N GLU A 80 -24.20 15.77 26.96
CA GLU A 80 -24.91 14.74 26.21
C GLU A 80 -24.65 13.36 26.82
N VAL A 81 -23.40 13.08 27.13
CA VAL A 81 -23.02 11.80 27.70
C VAL A 81 -23.51 11.67 29.14
N LEU A 82 -23.43 12.77 29.88
CA LEU A 82 -23.87 12.78 31.27
C LEU A 82 -25.37 12.51 31.37
N GLN A 83 -26.13 13.20 30.54
CA GLN A 83 -27.59 13.04 30.53
C GLN A 83 -27.98 11.70 29.92
N ALA A 84 -27.21 11.26 28.93
CA ALA A 84 -27.47 9.98 28.26
C ALA A 84 -27.25 8.81 29.20
N ALA A 85 -26.11 8.80 29.87
CA ALA A 85 -25.78 7.72 30.80
C ALA A 85 -26.65 7.80 32.04
N TYR A 86 -26.81 8.99 32.60
CA TYR A 86 -27.62 9.18 33.79
C TYR A 86 -29.05 8.74 33.55
N ARG A 87 -29.66 9.25 32.48
CA ARG A 87 -31.03 8.91 32.13
C ARG A 87 -31.16 7.43 31.79
N ALA A 88 -30.19 6.92 31.02
CA ALA A 88 -30.19 5.52 30.64
C ALA A 88 -30.29 4.60 31.85
N ILE A 89 -29.34 4.74 32.76
CA ILE A 89 -29.32 3.92 33.97
C ILE A 89 -30.50 4.25 34.88
N ARG A 90 -30.94 5.52 34.83
CA ARG A 90 -32.06 5.97 35.65
C ARG A 90 -33.36 5.33 35.19
N HIS A 91 -33.44 5.01 33.89
CA HIS A 91 -34.63 4.40 33.32
C HIS A 91 -34.54 2.88 33.39
N ILE A 92 -33.32 2.35 33.29
CA ILE A 92 -33.10 0.92 33.34
C ILE A 92 -31.84 0.58 34.13
N PRO A 93 -31.94 0.73 35.47
CA PRO A 93 -30.82 0.44 36.37
C PRO A 93 -30.51 -1.05 36.46
N ARG A 94 -29.40 -1.44 35.87
CA ARG A 94 -28.99 -2.85 35.88
C ARG A 94 -27.60 -3.01 35.26
N ARG A 95 -26.76 -2.00 35.42
CA ARG A 95 -25.40 -2.03 34.88
C ARG A 95 -24.61 -0.81 35.34
N ILE A 96 -24.02 -0.92 36.53
CA ILE A 96 -23.23 0.17 37.07
C ILE A 96 -21.80 0.15 36.53
N ARG A 97 -21.31 -1.04 36.21
CA ARG A 97 -19.96 -1.20 35.67
C ARG A 97 -19.78 -0.34 34.42
N GLN A 98 -20.88 -0.07 33.73
CA GLN A 98 -20.84 0.74 32.52
C GLN A 98 -20.10 2.05 32.76
N GLY A 99 -20.47 2.75 33.82
CA GLY A 99 -19.84 4.01 34.15
C GLY A 99 -18.40 3.84 34.59
N LEU A 100 -18.15 2.83 35.42
CA LEU A 100 -16.81 2.56 35.91
C LEU A 100 -15.82 2.44 34.76
N GLU A 101 -16.18 1.64 33.76
CA GLU A 101 -15.32 1.44 32.60
C GLU A 101 -15.41 2.63 31.64
N ARG A 102 -16.57 3.27 31.63
CA ARG A 102 -16.80 4.42 30.75
C ARG A 102 -15.82 5.55 31.07
N ILE A 103 -15.56 5.75 32.36
CA ILE A 103 -14.64 6.79 32.81
C ILE A 103 -13.21 6.25 32.94
N LEU A 104 -12.97 5.08 32.36
CA LEU A 104 -11.66 4.46 32.41
C LEU A 104 -10.98 4.51 31.04
N LEU A 105 -11.65 3.95 30.04
CA LEU A 105 -11.11 3.93 28.68
C LEU A 105 -11.65 5.10 27.87
N SER A 1 28.15 -26.65 -58.17
CA SER A 1 27.01 -26.72 -57.27
C SER A 1 27.46 -26.63 -55.82
N LEU A 2 28.53 -27.33 -55.48
CA LEU A 2 29.06 -27.32 -54.12
C LEU A 2 29.28 -25.89 -53.63
N ALA A 3 29.90 -25.07 -54.48
CA ALA A 3 30.15 -23.67 -54.13
C ALA A 3 28.86 -22.91 -53.91
N LEU A 4 27.82 -23.29 -54.65
CA LEU A 4 26.52 -22.62 -54.53
C LEU A 4 25.86 -22.96 -53.19
N ILE A 5 25.73 -24.26 -52.91
CA ILE A 5 25.12 -24.71 -51.68
C ILE A 5 25.90 -24.21 -50.46
N TRP A 6 27.22 -24.15 -50.60
CA TRP A 6 28.08 -23.68 -49.52
C TRP A 6 27.87 -22.19 -49.26
N ASP A 7 27.95 -21.40 -50.32
CA ASP A 7 27.78 -19.96 -50.20
C ASP A 7 26.43 -19.62 -49.57
N ASP A 8 25.38 -20.30 -50.02
CA ASP A 8 24.04 -20.08 -49.49
C ASP A 8 23.97 -20.44 -48.01
N LEU A 9 24.42 -21.64 -47.68
CA LEU A 9 24.41 -22.11 -46.30
C LEU A 9 25.08 -21.10 -45.38
N ARG A 10 26.24 -20.61 -45.79
CA ARG A 10 26.99 -19.62 -45.00
C ARG A 10 26.25 -18.28 -44.97
N SER A 11 25.59 -17.95 -46.07
CA SER A 11 24.84 -16.70 -46.17
C SER A 11 23.71 -16.66 -45.16
N LEU A 12 22.98 -17.77 -45.04
CA LEU A 12 21.87 -17.85 -44.10
C LEU A 12 22.37 -17.95 -42.66
N CYS A 13 23.36 -18.81 -42.44
CA CYS A 13 23.93 -18.98 -41.11
C CYS A 13 24.53 -17.68 -40.59
N LEU A 14 25.29 -17.00 -41.45
CA LEU A 14 25.92 -15.74 -41.08
C LEU A 14 24.87 -14.65 -40.88
N PHE A 15 24.00 -14.48 -41.88
CA PHE A 15 22.96 -13.46 -41.81
C PHE A 15 22.09 -13.67 -40.58
N SER A 16 21.65 -14.90 -40.36
CA SER A 16 20.80 -15.23 -39.21
C SER A 16 21.52 -14.93 -37.90
N TYR A 17 22.68 -15.56 -37.71
CA TYR A 17 23.46 -15.37 -36.51
C TYR A 17 23.74 -13.88 -36.27
N HIS A 18 24.40 -13.26 -37.22
CA HIS A 18 24.73 -11.83 -37.13
C HIS A 18 23.48 -11.02 -36.80
N ARG A 19 22.36 -11.39 -37.39
CA ARG A 19 21.11 -10.69 -37.16
C ARG A 19 20.64 -10.84 -35.72
N LEU A 20 20.50 -12.09 -35.28
CA LEU A 20 20.06 -12.37 -33.92
C LEU A 20 20.90 -11.59 -32.90
N ARG A 21 22.22 -11.66 -33.06
CA ARG A 21 23.13 -10.97 -32.16
C ARG A 21 23.01 -9.45 -32.33
N ASP A 22 22.71 -9.02 -33.56
CA ASP A 22 22.57 -7.61 -33.86
C ASP A 22 21.40 -7.00 -33.09
N LEU A 23 20.20 -7.55 -33.31
CA LEU A 23 19.01 -7.07 -32.64
C LEU A 23 19.13 -7.23 -31.13
N LEU A 24 19.60 -8.39 -30.70
CA LEU A 24 19.76 -8.67 -29.28
C LEU A 24 20.76 -7.71 -28.64
N LEU A 25 21.75 -7.30 -29.42
CA LEU A 25 22.77 -6.37 -28.94
C LEU A 25 22.19 -4.97 -28.73
N ILE A 26 21.64 -4.40 -29.79
CA ILE A 26 21.05 -3.07 -29.73
C ILE A 26 20.00 -3.00 -28.63
N VAL A 27 19.20 -4.06 -28.51
CA VAL A 27 18.15 -4.11 -27.50
C VAL A 27 18.75 -4.13 -26.09
N THR A 28 19.58 -5.14 -25.83
CA THR A 28 20.21 -5.29 -24.52
C THR A 28 20.98 -4.02 -24.14
N ARG A 29 21.54 -3.35 -25.14
CA ARG A 29 22.30 -2.13 -24.91
C ARG A 29 21.38 -1.00 -24.44
N ILE A 30 20.39 -0.68 -25.26
CA ILE A 30 19.43 0.38 -24.93
C ILE A 30 18.80 0.14 -23.57
N VAL A 31 18.53 -1.12 -23.26
CA VAL A 31 17.92 -1.49 -21.99
C VAL A 31 18.86 -1.20 -20.82
N GLU A 32 20.06 -1.78 -20.90
CA GLU A 32 21.07 -1.58 -19.85
C GLU A 32 21.38 -0.10 -19.66
N LEU A 33 21.44 0.63 -20.77
CA LEU A 33 21.73 2.06 -20.73
C LEU A 33 20.55 2.84 -20.14
N LEU A 34 19.34 2.38 -20.45
CA LEU A 34 18.13 3.03 -19.95
C LEU A 34 17.89 2.69 -18.49
N GLY A 35 18.42 1.55 -18.05
CA GLY A 35 18.26 1.14 -16.67
C GLY A 35 18.73 2.19 -15.68
N ARG A 36 19.65 3.03 -16.12
CA ARG A 36 20.18 4.09 -15.27
C ARG A 36 19.17 5.22 -15.10
N ARG A 37 18.61 5.68 -16.21
CA ARG A 37 17.64 6.76 -16.17
C ARG A 37 16.40 6.36 -15.36
N GLY A 38 15.88 5.18 -15.64
CA GLY A 38 14.71 4.70 -14.93
C GLY A 38 14.96 4.56 -13.43
N TRP A 39 16.23 4.49 -13.05
CA TRP A 39 16.60 4.36 -11.65
C TRP A 39 16.01 5.50 -10.83
N GLU A 40 16.37 6.73 -11.19
CA GLU A 40 15.87 7.91 -10.49
C GLU A 40 14.36 7.89 -10.39
N ALA A 41 13.70 7.83 -11.54
CA ALA A 41 12.23 7.80 -11.58
C ALA A 41 11.68 6.73 -10.66
N LEU A 42 12.15 5.50 -10.84
CA LEU A 42 11.70 4.38 -10.02
C LEU A 42 11.80 4.70 -8.54
N LYS A 43 12.99 5.13 -8.12
CA LYS A 43 13.22 5.48 -6.72
C LYS A 43 12.20 6.50 -6.23
N TYR A 44 11.91 7.49 -7.08
CA TYR A 44 10.95 8.53 -6.74
C TYR A 44 9.57 7.93 -6.47
N TRP A 45 9.07 7.16 -7.42
CA TRP A 45 7.76 6.52 -7.28
C TRP A 45 7.68 5.72 -5.98
N TRP A 46 8.72 4.93 -5.72
CA TRP A 46 8.77 4.11 -4.51
C TRP A 46 8.80 4.99 -3.26
N ASN A 47 9.80 5.86 -3.18
CA ASN A 47 9.95 6.76 -2.03
C ASN A 47 8.65 7.51 -1.76
N LEU A 48 8.11 8.14 -2.78
CA LEU A 48 6.86 8.90 -2.66
C LEU A 48 5.73 8.00 -2.16
N LEU A 49 5.62 6.82 -2.77
CA LEU A 49 4.58 5.87 -2.38
C LEU A 49 4.61 5.60 -0.88
N GLN A 50 5.74 5.12 -0.39
CA GLN A 50 5.89 4.83 1.03
C GLN A 50 5.75 6.10 1.87
N TYR A 51 6.26 7.20 1.34
CA TYR A 51 6.18 8.48 2.04
C TYR A 51 4.74 8.88 2.31
N TRP A 52 3.97 9.02 1.24
CA TRP A 52 2.56 9.39 1.35
C TRP A 52 1.80 8.41 2.24
N SER A 53 2.01 7.12 1.99
CA SER A 53 1.34 6.08 2.76
C SER A 53 1.53 6.31 4.26
N GLN A 54 2.78 6.29 4.70
CA GLN A 54 3.10 6.50 6.11
C GLN A 54 2.69 7.90 6.55
N GLU A 55 2.67 8.83 5.61
CA GLU A 55 2.31 10.21 5.91
C GLU A 55 0.84 10.31 6.29
N LEU A 56 -0.02 9.66 5.51
CA LEU A 56 -1.45 9.68 5.77
C LEU A 56 -1.80 8.85 7.00
N LYS A 57 -1.08 7.75 7.19
CA LYS A 57 -1.30 6.87 8.33
C LYS A 57 -0.83 7.52 9.62
N ASN A 58 0.43 7.97 9.62
CA ASN A 58 1.01 8.62 10.79
C ASN A 58 0.23 9.87 11.17
N SER A 59 -0.09 10.69 10.17
CA SER A 59 -0.84 11.92 10.38
C SER A 59 -2.23 11.62 10.92
N ALA A 60 -2.94 10.73 10.23
CA ALA A 60 -4.29 10.36 10.64
C ALA A 60 -4.34 9.94 12.10
N VAL A 61 -3.45 9.02 12.47
CA VAL A 61 -3.39 8.54 13.85
C VAL A 61 -3.01 9.66 14.81
N ASN A 62 -2.11 10.53 14.36
CA ASN A 62 -1.65 11.65 15.17
C ASN A 62 -2.79 12.65 15.42
N LEU A 63 -3.64 12.83 14.41
CA LEU A 63 -4.76 13.75 14.51
C LEU A 63 -5.83 13.20 15.44
N LEU A 64 -6.13 11.91 15.32
CA LEU A 64 -7.12 11.26 16.17
C LEU A 64 -6.70 11.29 17.63
N ASN A 65 -5.48 10.85 17.90
CA ASN A 65 -4.94 10.83 19.25
C ASN A 65 -4.91 12.23 19.85
N ALA A 66 -4.19 13.13 19.19
CA ALA A 66 -4.07 14.51 19.64
C ALA A 66 -5.44 15.11 19.94
N THR A 67 -6.40 14.85 19.06
CA THR A 67 -7.75 15.36 19.21
C THR A 67 -8.41 14.81 20.48
N ALA A 68 -8.20 13.51 20.72
CA ALA A 68 -8.77 12.86 21.89
C ALA A 68 -8.18 13.43 23.18
N ILE A 69 -6.89 13.72 23.16
CA ILE A 69 -6.21 14.28 24.32
C ILE A 69 -6.67 15.70 24.60
N ALA A 70 -6.95 16.45 23.54
CA ALA A 70 -7.41 17.83 23.66
C ALA A 70 -8.90 17.88 24.03
N VAL A 71 -9.63 16.85 23.64
CA VAL A 71 -11.06 16.78 23.92
C VAL A 71 -11.32 16.16 25.29
N ALA A 72 -10.40 15.30 25.72
CA ALA A 72 -10.52 14.64 27.02
C ALA A 72 -10.02 15.53 28.14
N GLU A 73 -9.35 16.63 27.77
CA GLU A 73 -8.81 17.56 28.75
C GLU A 73 -9.90 18.53 29.23
N GLY A 74 -11.07 18.44 28.61
CA GLY A 74 -12.17 19.32 28.99
C GLY A 74 -13.52 18.66 28.78
N THR A 75 -13.78 18.21 27.55
CA THR A 75 -15.05 17.58 27.21
C THR A 75 -15.25 16.30 28.03
N ASP A 76 -14.16 15.79 28.61
CA ASP A 76 -14.23 14.58 29.41
C ASP A 76 -15.30 14.70 30.48
N ARG A 77 -15.47 15.90 31.03
CA ARG A 77 -16.46 16.14 32.07
C ARG A 77 -17.87 15.93 31.52
N VAL A 78 -18.24 16.72 30.51
CA VAL A 78 -19.55 16.61 29.90
C VAL A 78 -19.85 15.18 29.45
N ILE A 79 -18.87 14.57 28.79
CA ILE A 79 -19.03 13.20 28.31
C ILE A 79 -19.14 12.22 29.47
N GLU A 80 -18.43 12.51 30.56
CA GLU A 80 -18.45 11.66 31.74
C GLU A 80 -19.84 11.62 32.35
N VAL A 81 -20.43 12.80 32.56
CA VAL A 81 -21.76 12.90 33.15
C VAL A 81 -22.82 12.38 32.19
N LEU A 82 -22.61 12.61 30.90
CA LEU A 82 -23.55 12.16 29.87
C LEU A 82 -23.67 10.65 29.86
N GLN A 83 -22.54 9.97 29.65
CA GLN A 83 -22.53 8.52 29.62
C GLN A 83 -22.93 7.93 30.98
N ALA A 84 -22.44 8.54 32.04
CA ALA A 84 -22.76 8.09 33.39
C ALA A 84 -24.24 8.20 33.67
N ALA A 85 -24.79 9.39 33.50
CA ALA A 85 -26.22 9.62 33.74
C ALA A 85 -27.07 8.66 32.92
N TYR A 86 -26.84 8.64 31.61
CA TYR A 86 -27.59 7.76 30.72
C TYR A 86 -27.41 6.30 31.11
N ARG A 87 -26.19 5.94 31.49
CA ARG A 87 -25.89 4.58 31.90
C ARG A 87 -26.79 4.13 33.03
N ALA A 88 -26.83 4.93 34.10
CA ALA A 88 -27.66 4.61 35.26
C ALA A 88 -29.13 4.59 34.89
N ILE A 89 -29.55 5.57 34.09
CA ILE A 89 -30.94 5.66 33.65
C ILE A 89 -31.38 4.41 32.91
N ARG A 90 -30.46 3.86 32.12
CA ARG A 90 -30.75 2.65 31.34
C ARG A 90 -30.57 1.41 32.20
N HIS A 91 -29.71 1.51 33.21
CA HIS A 91 -29.45 0.38 34.11
C HIS A 91 -30.63 0.15 35.05
N ILE A 92 -31.31 1.23 35.41
CA ILE A 92 -32.46 1.14 36.31
C ILE A 92 -33.53 2.16 35.93
N PRO A 93 -34.42 1.78 34.99
CA PRO A 93 -35.50 2.65 34.52
C PRO A 93 -36.57 2.85 35.59
N ARG A 94 -36.81 1.82 36.38
CA ARG A 94 -37.82 1.87 37.44
C ARG A 94 -37.60 0.78 38.48
N ARG A 95 -37.68 -0.47 38.03
CA ARG A 95 -37.49 -1.61 38.91
C ARG A 95 -37.06 -2.85 38.12
N ILE A 96 -35.99 -2.71 37.36
CA ILE A 96 -35.48 -3.82 36.55
C ILE A 96 -34.59 -4.73 37.39
N ARG A 97 -34.01 -4.18 38.45
CA ARG A 97 -33.14 -4.96 39.33
C ARG A 97 -33.83 -6.24 39.79
N GLN A 98 -35.08 -6.10 40.21
CA GLN A 98 -35.85 -7.24 40.68
C GLN A 98 -35.83 -8.38 39.65
N GLY A 99 -36.17 -8.06 38.41
CA GLY A 99 -36.17 -9.06 37.37
C GLY A 99 -34.79 -9.55 37.02
N LEU A 100 -33.83 -8.63 36.92
CA LEU A 100 -32.46 -8.97 36.59
C LEU A 100 -31.94 -10.06 37.52
N GLU A 101 -32.14 -9.87 38.82
CA GLU A 101 -31.69 -10.84 39.82
C GLU A 101 -32.64 -12.02 39.89
N ARG A 102 -33.93 -11.76 39.70
CA ARG A 102 -34.95 -12.80 39.74
C ARG A 102 -34.58 -13.96 38.81
N ILE A 103 -34.23 -13.62 37.57
CA ILE A 103 -33.86 -14.64 36.59
C ILE A 103 -32.45 -15.14 36.83
N LEU A 104 -31.65 -14.35 37.54
CA LEU A 104 -30.28 -14.72 37.85
C LEU A 104 -30.18 -15.40 39.20
N LEU A 105 -31.31 -15.90 39.68
CA LEU A 105 -31.36 -16.59 40.98
C LEU A 105 -30.85 -15.68 42.09
N SER A 1 28.95 -9.16 -60.78
CA SER A 1 29.90 -10.25 -60.93
C SER A 1 29.80 -11.23 -59.75
N LEU A 2 30.62 -12.27 -59.79
CA LEU A 2 30.62 -13.28 -58.73
C LEU A 2 30.75 -12.62 -57.36
N ALA A 3 31.68 -11.69 -57.25
CA ALA A 3 31.91 -10.98 -55.98
C ALA A 3 30.68 -10.19 -55.57
N LEU A 4 29.94 -9.70 -56.55
CA LEU A 4 28.74 -8.92 -56.29
C LEU A 4 27.62 -9.80 -55.74
N ILE A 5 27.30 -10.87 -56.48
CA ILE A 5 26.26 -11.79 -56.08
C ILE A 5 26.59 -12.43 -54.74
N TRP A 6 27.87 -12.68 -54.50
CA TRP A 6 28.33 -13.29 -53.24
C TRP A 6 28.19 -12.31 -52.09
N ASP A 7 28.64 -11.08 -52.30
CA ASP A 7 28.57 -10.04 -51.28
C ASP A 7 27.12 -9.77 -50.88
N ASP A 8 26.23 -9.78 -51.86
CA ASP A 8 24.82 -9.53 -51.62
C ASP A 8 24.19 -10.70 -50.85
N LEU A 9 24.33 -11.90 -51.40
CA LEU A 9 23.77 -13.09 -50.78
C LEU A 9 24.24 -13.22 -49.33
N ARG A 10 25.54 -13.10 -49.11
CA ARG A 10 26.10 -13.18 -47.77
C ARG A 10 25.59 -12.06 -46.88
N SER A 11 25.60 -10.84 -47.42
CA SER A 11 25.14 -9.67 -46.68
C SER A 11 23.69 -9.85 -46.24
N LEU A 12 22.85 -10.34 -47.14
CA LEU A 12 21.43 -10.55 -46.85
C LEU A 12 21.27 -11.63 -45.77
N CYS A 13 21.72 -12.83 -46.07
CA CYS A 13 21.62 -13.94 -45.13
C CYS A 13 22.20 -13.56 -43.78
N LEU A 14 23.45 -13.12 -43.77
CA LEU A 14 24.12 -12.71 -42.54
C LEU A 14 23.29 -11.68 -41.78
N PHE A 15 22.79 -10.68 -42.50
CA PHE A 15 21.98 -9.64 -41.90
C PHE A 15 20.75 -10.23 -41.23
N SER A 16 20.09 -11.15 -41.91
CA SER A 16 18.88 -11.79 -41.37
C SER A 16 19.20 -12.56 -40.09
N TYR A 17 20.12 -13.51 -40.19
CA TYR A 17 20.51 -14.32 -39.04
C TYR A 17 20.98 -13.43 -37.89
N HIS A 18 21.97 -12.58 -38.16
CA HIS A 18 22.50 -11.68 -37.15
C HIS A 18 21.39 -10.87 -36.50
N ARG A 19 20.47 -10.37 -37.31
CA ARG A 19 19.35 -9.58 -36.81
C ARG A 19 18.50 -10.41 -35.84
N LEU A 20 17.98 -11.52 -36.32
CA LEU A 20 17.15 -12.40 -35.50
C LEU A 20 17.82 -12.70 -34.16
N ARG A 21 19.07 -13.15 -34.22
CA ARG A 21 19.82 -13.47 -33.02
C ARG A 21 20.00 -12.24 -32.15
N ASP A 22 20.10 -11.07 -32.78
CA ASP A 22 20.27 -9.82 -32.06
C ASP A 22 19.03 -9.49 -31.23
N LEU A 23 17.88 -9.38 -31.90
CA LEU A 23 16.63 -9.07 -31.21
C LEU A 23 16.35 -10.08 -30.11
N LEU A 24 16.51 -11.36 -30.42
CA LEU A 24 16.28 -12.43 -29.45
C LEU A 24 17.15 -12.24 -28.22
N LEU A 25 18.45 -12.06 -28.43
CA LEU A 25 19.39 -11.86 -27.34
C LEU A 25 18.94 -10.71 -26.44
N ILE A 26 18.59 -9.59 -27.06
CA ILE A 26 18.14 -8.41 -26.31
C ILE A 26 16.89 -8.73 -25.50
N VAL A 27 15.99 -9.51 -26.09
CA VAL A 27 14.75 -9.88 -25.42
C VAL A 27 15.03 -10.69 -24.15
N THR A 28 15.64 -11.86 -24.33
CA THR A 28 15.96 -12.74 -23.21
C THR A 28 16.77 -11.99 -22.16
N ARG A 29 17.68 -11.12 -22.61
CA ARG A 29 18.51 -10.35 -21.70
C ARG A 29 17.67 -9.47 -20.80
N ILE A 30 16.86 -8.61 -21.41
CA ILE A 30 15.99 -7.71 -20.66
C ILE A 30 15.07 -8.48 -19.71
N VAL A 31 14.55 -9.60 -20.19
CA VAL A 31 13.66 -10.44 -19.40
C VAL A 31 14.36 -10.92 -18.13
N GLU A 32 15.58 -11.41 -18.29
CA GLU A 32 16.36 -11.92 -17.16
C GLU A 32 16.83 -10.78 -16.28
N LEU A 33 17.12 -9.64 -16.89
CA LEU A 33 17.59 -8.46 -16.16
C LEU A 33 16.46 -7.85 -15.34
N LEU A 34 15.23 -8.02 -15.81
CA LEU A 34 14.06 -7.49 -15.11
C LEU A 34 13.59 -8.45 -14.03
N GLY A 35 13.80 -9.75 -14.26
CA GLY A 35 13.39 -10.76 -13.30
C GLY A 35 14.31 -10.82 -12.09
N ARG A 36 15.51 -10.26 -12.24
CA ARG A 36 16.49 -10.26 -11.16
C ARG A 36 16.26 -9.07 -10.23
N ARG A 37 15.73 -7.99 -10.78
CA ARG A 37 15.47 -6.78 -10.00
C ARG A 37 14.06 -6.81 -9.41
N GLY A 38 13.41 -7.97 -9.49
CA GLY A 38 12.06 -8.11 -8.97
C GLY A 38 11.95 -7.64 -7.53
N TRP A 39 13.05 -7.75 -6.79
CA TRP A 39 13.07 -7.33 -5.39
C TRP A 39 12.54 -5.92 -5.24
N GLU A 40 12.93 -5.03 -6.15
CA GLU A 40 12.49 -3.65 -6.11
C GLU A 40 10.97 -3.56 -6.02
N ALA A 41 10.29 -4.23 -6.94
CA ALA A 41 8.83 -4.22 -6.96
C ALA A 41 8.27 -4.60 -5.60
N LEU A 42 8.71 -5.73 -5.07
CA LEU A 42 8.25 -6.21 -3.77
C LEU A 42 8.39 -5.11 -2.71
N LYS A 43 9.59 -4.55 -2.60
CA LYS A 43 9.86 -3.50 -1.63
C LYS A 43 8.87 -2.35 -1.79
N TYR A 44 8.59 -1.98 -3.04
CA TYR A 44 7.66 -0.90 -3.32
C TYR A 44 6.27 -1.20 -2.77
N TRP A 45 5.74 -2.36 -3.13
CA TRP A 45 4.42 -2.77 -2.67
C TRP A 45 4.35 -2.75 -1.15
N TRP A 46 5.38 -3.28 -0.50
CA TRP A 46 5.42 -3.31 0.96
C TRP A 46 5.48 -1.90 1.54
N ASN A 47 6.46 -1.12 1.08
CA ASN A 47 6.63 0.25 1.56
C ASN A 47 5.34 1.04 1.37
N LEU A 48 4.84 1.08 0.14
CA LEU A 48 3.62 1.81 -0.17
C LEU A 48 2.45 1.30 0.67
N LEU A 49 2.35 -0.02 0.80
CA LEU A 49 1.28 -0.63 1.58
C LEU A 49 1.25 -0.08 2.99
N GLN A 50 2.36 -0.25 3.71
CA GLN A 50 2.46 0.24 5.08
C GLN A 50 2.36 1.77 5.12
N TYR A 51 2.86 2.42 4.09
CA TYR A 51 2.83 3.88 4.01
C TYR A 51 1.39 4.39 3.98
N TRP A 52 0.65 3.96 2.97
CA TRP A 52 -0.75 4.37 2.82
C TRP A 52 -1.57 3.96 4.04
N SER A 53 -1.41 2.71 4.46
CA SER A 53 -2.14 2.20 5.61
C SER A 53 -1.97 3.11 6.82
N GLN A 54 -0.73 3.28 7.26
CA GLN A 54 -0.44 4.14 8.41
C GLN A 54 -0.92 5.56 8.16
N GLU A 55 -0.85 5.99 6.90
CA GLU A 55 -1.30 7.34 6.54
C GLU A 55 -2.76 7.55 6.88
N LEU A 56 -3.60 6.61 6.44
CA LEU A 56 -5.03 6.70 6.70
C LEU A 56 -5.33 6.51 8.19
N LYS A 57 -4.56 5.65 8.84
CA LYS A 57 -4.73 5.39 10.26
C LYS A 57 -4.39 6.63 11.09
N ASN A 58 -3.16 7.10 10.98
CA ASN A 58 -2.73 8.28 11.71
C ASN A 58 -3.62 9.48 11.41
N SER A 59 -3.92 9.66 10.13
CA SER A 59 -4.77 10.78 9.71
C SER A 59 -6.17 10.65 10.30
N ALA A 60 -6.78 9.48 10.12
CA ALA A 60 -8.12 9.23 10.63
C ALA A 60 -8.21 9.58 12.11
N VAL A 61 -7.30 9.04 12.90
CA VAL A 61 -7.28 9.30 14.34
C VAL A 61 -7.03 10.78 14.63
N ASN A 62 -6.17 11.39 13.82
CA ASN A 62 -5.85 12.81 13.99
C ASN A 62 -7.05 13.68 13.69
N LEU A 63 -7.86 13.27 12.72
CA LEU A 63 -9.05 14.02 12.34
C LEU A 63 -10.12 13.91 13.42
N LEU A 64 -10.31 12.71 13.94
CA LEU A 64 -11.31 12.47 14.99
C LEU A 64 -10.97 13.26 16.26
N ASN A 65 -9.73 13.11 16.72
CA ASN A 65 -9.28 13.79 17.92
C ASN A 65 -9.38 15.31 17.75
N ALA A 66 -8.69 15.83 16.73
CA ALA A 66 -8.71 17.26 16.47
C ALA A 66 -10.14 17.79 16.42
N THR A 67 -11.03 17.05 15.76
CA THR A 67 -12.42 17.45 15.65
C THR A 67 -13.09 17.52 17.01
N ALA A 68 -12.78 16.55 17.88
CA ALA A 68 -13.35 16.51 19.22
C ALA A 68 -12.81 17.66 20.07
N ILE A 69 -11.57 18.04 19.84
CA ILE A 69 -10.95 19.12 20.59
C ILE A 69 -11.52 20.47 20.17
N ALA A 70 -11.87 20.61 18.90
CA ALA A 70 -12.44 21.85 18.38
C ALA A 70 -13.95 21.90 18.63
N VAL A 71 -14.56 20.73 18.73
CA VAL A 71 -16.00 20.64 18.96
C VAL A 71 -16.32 20.70 20.45
N ALA A 72 -15.37 20.27 21.27
CA ALA A 72 -15.55 20.28 22.72
C ALA A 72 -15.69 21.71 23.25
N GLU A 73 -15.14 22.67 22.51
CA GLU A 73 -15.20 24.07 22.91
C GLU A 73 -16.59 24.64 22.66
N GLY A 74 -17.45 23.85 22.03
CA GLY A 74 -18.79 24.31 21.73
C GLY A 74 -19.84 23.62 22.60
N THR A 75 -21.05 23.49 22.07
CA THR A 75 -22.14 22.87 22.81
C THR A 75 -22.08 21.34 22.68
N ASP A 76 -21.33 20.87 21.69
CA ASP A 76 -21.18 19.43 21.46
C ASP A 76 -20.74 18.72 22.73
N ARG A 77 -19.89 19.39 23.51
CA ARG A 77 -19.39 18.82 24.76
C ARG A 77 -20.52 18.62 25.76
N VAL A 78 -21.19 19.71 26.12
CA VAL A 78 -22.29 19.65 27.07
C VAL A 78 -23.33 18.61 26.64
N ILE A 79 -23.59 18.55 25.35
CA ILE A 79 -24.56 17.61 24.82
C ILE A 79 -24.05 16.17 24.93
N GLU A 80 -22.87 15.93 24.36
CA GLU A 80 -22.27 14.59 24.39
C GLU A 80 -22.22 14.06 25.82
N VAL A 81 -21.90 14.95 26.76
CA VAL A 81 -21.82 14.56 28.17
C VAL A 81 -23.20 14.25 28.74
N LEU A 82 -24.14 15.16 28.52
CA LEU A 82 -25.50 14.99 29.01
C LEU A 82 -26.06 13.64 28.59
N GLN A 83 -26.02 13.36 27.29
CA GLN A 83 -26.52 12.10 26.76
C GLN A 83 -25.69 10.92 27.26
N ALA A 84 -24.37 11.12 27.32
CA ALA A 84 -23.47 10.07 27.79
C ALA A 84 -23.83 9.62 29.20
N ALA A 85 -23.94 10.59 30.11
CA ALA A 85 -24.28 10.30 31.49
C ALA A 85 -25.67 9.68 31.60
N TYR A 86 -26.67 10.39 31.10
CA TYR A 86 -28.05 9.91 31.13
C TYR A 86 -28.15 8.50 30.56
N ARG A 87 -27.79 8.37 29.28
CA ARG A 87 -27.85 7.07 28.61
C ARG A 87 -27.15 6.00 29.44
N ALA A 88 -25.95 6.30 29.90
CA ALA A 88 -25.19 5.35 30.72
C ALA A 88 -26.02 4.82 31.88
N ILE A 89 -26.46 5.73 32.75
CA ILE A 89 -27.27 5.36 33.90
C ILE A 89 -28.62 4.79 33.46
N ARG A 90 -28.96 5.02 32.20
CA ARG A 90 -30.23 4.54 31.66
C ARG A 90 -30.18 3.03 31.42
N HIS A 91 -29.14 2.57 30.74
CA HIS A 91 -28.98 1.15 30.46
C HIS A 91 -27.98 0.51 31.42
N ILE A 92 -27.51 1.29 32.38
CA ILE A 92 -26.56 0.80 33.37
C ILE A 92 -27.01 -0.52 33.96
N PRO A 93 -26.09 -1.50 34.01
CA PRO A 93 -26.38 -2.83 34.56
C PRO A 93 -26.56 -2.80 36.08
N ARG A 94 -26.63 -3.99 36.67
CA ARG A 94 -26.81 -4.10 38.12
C ARG A 94 -25.84 -5.12 38.71
N ARG A 95 -24.59 -5.05 38.26
CA ARG A 95 -23.56 -5.98 38.74
C ARG A 95 -22.21 -5.65 38.11
N ILE A 96 -22.21 -5.44 36.79
CA ILE A 96 -20.98 -5.13 36.07
C ILE A 96 -20.31 -3.89 36.65
N ARG A 97 -21.09 -3.03 37.28
CA ARG A 97 -20.57 -1.81 37.88
C ARG A 97 -19.40 -2.12 38.80
N GLN A 98 -19.49 -3.22 39.53
CA GLN A 98 -18.44 -3.62 40.46
C GLN A 98 -17.08 -3.66 39.75
N GLY A 99 -17.04 -4.32 38.60
CA GLY A 99 -15.81 -4.42 37.84
C GLY A 99 -15.33 -3.08 37.33
N LEU A 100 -16.25 -2.30 36.76
CA LEU A 100 -15.92 -0.98 36.23
C LEU A 100 -15.23 -0.13 37.29
N GLU A 101 -15.74 -0.18 38.51
CA GLU A 101 -15.18 0.59 39.62
C GLU A 101 -13.95 -0.11 40.19
N ARG A 102 -13.92 -1.43 40.08
CA ARG A 102 -12.80 -2.21 40.59
C ARG A 102 -11.53 -1.93 39.80
N ILE A 103 -11.69 -1.68 38.50
CA ILE A 103 -10.55 -1.39 37.64
C ILE A 103 -10.30 0.11 37.55
N LEU A 104 -10.88 0.86 38.47
CA LEU A 104 -10.72 2.31 38.50
C LEU A 104 -9.86 2.73 39.69
N LEU A 105 -10.00 2.03 40.80
CA LEU A 105 -9.23 2.32 42.00
C LEU A 105 -9.24 1.13 42.97
N SER A 1 28.99 -34.02 -46.36
CA SER A 1 30.33 -33.89 -46.93
C SER A 1 30.93 -32.53 -46.63
N LEU A 2 32.17 -32.32 -47.05
CA LEU A 2 32.86 -31.06 -46.82
C LEU A 2 32.02 -29.88 -47.29
N ALA A 3 31.23 -30.11 -48.35
CA ALA A 3 30.37 -29.07 -48.89
C ALA A 3 29.28 -28.68 -47.90
N LEU A 4 28.54 -29.68 -47.42
CA LEU A 4 27.47 -29.44 -46.46
C LEU A 4 27.99 -28.77 -45.20
N ILE A 5 29.12 -29.27 -44.70
CA ILE A 5 29.73 -28.72 -43.49
C ILE A 5 30.12 -27.25 -43.70
N TRP A 6 30.77 -26.98 -44.82
CA TRP A 6 31.19 -25.62 -45.15
C TRP A 6 30.01 -24.66 -45.17
N ASP A 7 28.99 -25.02 -45.95
CA ASP A 7 27.79 -24.19 -46.06
C ASP A 7 27.18 -23.93 -44.68
N ASP A 8 27.01 -24.99 -43.90
CA ASP A 8 26.44 -24.88 -42.58
C ASP A 8 27.29 -23.98 -41.69
N LEU A 9 28.59 -24.23 -41.67
CA LEU A 9 29.51 -23.43 -40.87
C LEU A 9 29.43 -21.95 -41.24
N ARG A 10 29.71 -21.65 -42.50
CA ARG A 10 29.65 -20.27 -42.98
C ARG A 10 28.29 -19.65 -42.71
N SER A 11 27.23 -20.35 -43.11
CA SER A 11 25.87 -19.87 -42.91
C SER A 11 25.63 -19.49 -41.45
N LEU A 12 26.04 -20.37 -40.54
CA LEU A 12 25.88 -20.12 -39.11
C LEU A 12 26.67 -18.90 -38.68
N CYS A 13 27.87 -18.76 -39.22
CA CYS A 13 28.74 -17.63 -38.88
C CYS A 13 28.08 -16.31 -39.24
N LEU A 14 27.82 -16.12 -40.54
CA LEU A 14 27.19 -14.90 -41.02
C LEU A 14 25.86 -14.66 -40.32
N PHE A 15 25.01 -15.69 -40.31
CA PHE A 15 23.69 -15.58 -39.68
C PHE A 15 23.83 -15.14 -38.23
N SER A 16 24.67 -15.84 -37.47
CA SER A 16 24.89 -15.52 -36.06
C SER A 16 25.42 -14.11 -35.90
N TYR A 17 26.21 -13.66 -36.88
CA TYR A 17 26.78 -12.32 -36.85
C TYR A 17 25.69 -11.26 -36.94
N HIS A 18 24.94 -11.29 -38.04
CA HIS A 18 23.87 -10.33 -38.25
C HIS A 18 22.84 -10.40 -37.12
N ARG A 19 22.50 -11.62 -36.71
CA ARG A 19 21.53 -11.83 -35.64
C ARG A 19 22.05 -11.25 -34.32
N LEU A 20 23.21 -11.72 -33.89
CA LEU A 20 23.80 -11.26 -32.64
C LEU A 20 23.86 -9.74 -32.61
N ARG A 21 24.39 -9.14 -33.68
CA ARG A 21 24.50 -7.69 -33.77
C ARG A 21 23.13 -7.04 -33.86
N ASP A 22 22.16 -7.78 -34.41
CA ASP A 22 20.80 -7.28 -34.56
C ASP A 22 20.13 -7.13 -33.19
N LEU A 23 20.11 -8.22 -32.43
CA LEU A 23 19.50 -8.21 -31.10
C LEU A 23 20.24 -7.28 -30.16
N LEU A 24 21.56 -7.33 -30.20
CA LEU A 24 22.39 -6.48 -29.35
C LEU A 24 22.16 -5.01 -29.66
N LEU A 25 22.13 -4.68 -30.95
CA LEU A 25 21.91 -3.31 -31.38
C LEU A 25 20.54 -2.80 -30.92
N ILE A 26 19.50 -3.56 -31.23
CA ILE A 26 18.14 -3.18 -30.85
C ILE A 26 18.05 -2.93 -29.34
N VAL A 27 18.45 -3.92 -28.55
CA VAL A 27 18.42 -3.79 -27.10
C VAL A 27 19.14 -2.54 -26.63
N THR A 28 20.42 -2.44 -27.00
CA THR A 28 21.22 -1.27 -26.62
C THR A 28 20.55 0.03 -27.04
N ARG A 29 19.95 0.03 -28.22
CA ARG A 29 19.27 1.22 -28.73
C ARG A 29 18.14 1.64 -27.80
N ILE A 30 17.29 0.69 -27.43
CA ILE A 30 16.17 0.96 -26.54
C ILE A 30 16.66 1.34 -25.15
N VAL A 31 17.73 0.68 -24.70
CA VAL A 31 18.29 0.94 -23.38
C VAL A 31 18.88 2.36 -23.31
N GLU A 32 19.49 2.79 -24.41
CA GLU A 32 20.09 4.12 -24.46
C GLU A 32 19.01 5.20 -24.58
N LEU A 33 18.05 4.97 -25.47
CA LEU A 33 16.96 5.92 -25.68
C LEU A 33 16.12 6.08 -24.42
N LEU A 34 15.83 4.96 -23.77
CA LEU A 34 15.03 4.97 -22.54
C LEU A 34 15.88 5.42 -21.35
N GLY A 35 17.19 5.20 -21.45
CA GLY A 35 18.08 5.59 -20.37
C GLY A 35 17.92 7.05 -19.98
N ARG A 36 17.49 7.87 -20.94
CA ARG A 36 17.30 9.29 -20.68
C ARG A 36 16.01 9.54 -19.90
N ARG A 37 14.99 8.73 -20.18
CA ARG A 37 13.70 8.86 -19.51
C ARG A 37 13.70 8.09 -18.19
N GLY A 38 14.84 7.48 -17.87
CA GLY A 38 14.94 6.72 -16.64
C GLY A 38 14.57 7.54 -15.42
N TRP A 39 14.72 8.86 -15.52
CA TRP A 39 14.39 9.75 -14.42
C TRP A 39 12.99 9.49 -13.90
N GLU A 40 12.04 9.33 -14.82
CA GLU A 40 10.66 9.06 -14.45
C GLU A 40 10.54 7.78 -13.63
N ALA A 41 11.00 6.68 -14.21
CA ALA A 41 10.94 5.39 -13.53
C ALA A 41 11.55 5.47 -12.14
N LEU A 42 12.78 5.97 -12.07
CA LEU A 42 13.48 6.10 -10.80
C LEU A 42 12.63 6.84 -9.78
N LYS A 43 12.17 8.03 -10.14
CA LYS A 43 11.33 8.84 -9.26
C LYS A 43 10.14 8.03 -8.76
N TYR A 44 9.53 7.27 -9.65
CA TYR A 44 8.37 6.45 -9.29
C TYR A 44 8.74 5.45 -8.20
N TRP A 45 9.81 4.70 -8.42
CA TRP A 45 10.27 3.70 -7.46
C TRP A 45 10.50 4.35 -6.09
N TRP A 46 11.16 5.51 -6.09
CA TRP A 46 11.44 6.21 -4.86
C TRP A 46 10.16 6.70 -4.19
N ASN A 47 9.37 7.48 -4.91
CA ASN A 47 8.11 7.99 -4.39
C ASN A 47 7.26 6.87 -3.81
N LEU A 48 7.03 5.84 -4.61
CA LEU A 48 6.23 4.71 -4.18
C LEU A 48 6.83 4.05 -2.93
N LEU A 49 8.15 3.89 -2.95
CA LEU A 49 8.86 3.28 -1.82
C LEU A 49 8.53 4.00 -0.52
N GLN A 50 8.84 5.28 -0.48
CA GLN A 50 8.59 6.09 0.70
C GLN A 50 7.09 6.18 1.00
N TYR A 51 6.28 6.19 -0.06
CA TYR A 51 4.84 6.26 0.07
C TYR A 51 4.29 5.05 0.82
N TRP A 52 4.54 3.86 0.27
CA TRP A 52 4.08 2.63 0.89
C TRP A 52 4.65 2.47 2.29
N SER A 53 5.96 2.67 2.42
CA SER A 53 6.64 2.54 3.70
C SER A 53 5.94 3.38 4.76
N GLN A 54 5.91 4.69 4.55
CA GLN A 54 5.27 5.62 5.48
C GLN A 54 3.79 5.30 5.63
N GLU A 55 3.18 4.82 4.55
CA GLU A 55 1.76 4.48 4.56
C GLU A 55 1.48 3.36 5.56
N LEU A 56 2.27 2.29 5.48
CA LEU A 56 2.11 1.15 6.36
C LEU A 56 2.48 1.52 7.80
N LYS A 57 3.49 2.37 7.95
CA LYS A 57 3.94 2.81 9.25
C LYS A 57 2.89 3.70 9.93
N ASN A 58 2.54 4.79 9.27
CA ASN A 58 1.55 5.72 9.80
C ASN A 58 0.23 5.00 10.09
N SER A 59 -0.20 4.18 9.14
CA SER A 59 -1.45 3.43 9.28
C SER A 59 -1.37 2.46 10.45
N ALA A 60 -0.29 1.67 10.47
CA ALA A 60 -0.09 0.70 11.54
C ALA A 60 -0.23 1.34 12.92
N VAL A 61 0.52 2.41 13.14
CA VAL A 61 0.48 3.12 14.42
C VAL A 61 -0.91 3.71 14.67
N ASN A 62 -1.53 4.22 13.62
CA ASN A 62 -2.85 4.81 13.72
C ASN A 62 -3.89 3.77 14.10
N LEU A 63 -3.70 2.55 13.63
CA LEU A 63 -4.62 1.45 13.91
C LEU A 63 -4.48 1.00 15.37
N LEU A 64 -3.25 0.82 15.81
CA LEU A 64 -2.99 0.39 17.19
C LEU A 64 -3.44 1.46 18.18
N ASN A 65 -3.29 2.73 17.80
CA ASN A 65 -3.69 3.84 18.65
C ASN A 65 -5.20 3.89 18.80
N ALA A 66 -5.89 4.08 17.67
CA ALA A 66 -7.35 4.16 17.68
C ALA A 66 -7.95 2.97 18.41
N THR A 67 -7.40 1.79 18.18
CA THR A 67 -7.89 0.57 18.83
C THR A 67 -7.69 0.63 20.34
N ALA A 68 -6.54 1.14 20.76
CA ALA A 68 -6.24 1.25 22.18
C ALA A 68 -7.16 2.26 22.86
N ILE A 69 -7.53 3.30 22.13
CA ILE A 69 -8.41 4.34 22.67
C ILE A 69 -9.84 3.83 22.80
N ALA A 70 -10.25 2.97 21.88
CA ALA A 70 -11.59 2.40 21.90
C ALA A 70 -11.65 1.19 22.82
N VAL A 71 -10.52 0.54 23.01
CA VAL A 71 -10.45 -0.64 23.88
C VAL A 71 -10.22 -0.23 25.33
N ALA A 72 -9.59 0.92 25.53
CA ALA A 72 -9.31 1.42 26.87
C ALA A 72 -10.55 2.02 27.51
N GLU A 73 -11.47 2.48 26.67
CA GLU A 73 -12.71 3.09 27.15
C GLU A 73 -13.84 2.06 27.19
N GLY A 74 -13.47 0.78 27.15
CA GLY A 74 -14.46 -0.28 27.19
C GLY A 74 -15.42 -0.14 28.35
N THR A 75 -14.98 -0.57 29.54
CA THR A 75 -15.81 -0.49 30.73
C THR A 75 -16.14 0.95 31.07
N ASP A 76 -15.39 1.88 30.51
CA ASP A 76 -15.60 3.30 30.76
C ASP A 76 -16.99 3.72 30.29
N ARG A 77 -17.46 3.12 29.21
CA ARG A 77 -18.77 3.44 28.67
C ARG A 77 -19.88 3.03 29.63
N VAL A 78 -19.90 1.76 30.00
CA VAL A 78 -20.90 1.24 30.93
C VAL A 78 -20.88 2.00 32.25
N ILE A 79 -19.68 2.24 32.77
CA ILE A 79 -19.52 2.96 34.03
C ILE A 79 -19.98 4.42 33.89
N GLU A 80 -19.53 5.07 32.83
CA GLU A 80 -19.89 6.47 32.58
C GLU A 80 -21.41 6.61 32.48
N VAL A 81 -22.06 5.61 31.88
CA VAL A 81 -23.51 5.63 31.72
C VAL A 81 -24.21 5.33 33.05
N LEU A 82 -23.95 4.16 33.59
CA LEU A 82 -24.57 3.74 34.85
C LEU A 82 -24.36 4.81 35.93
N GLN A 83 -23.18 5.43 35.92
CA GLN A 83 -22.87 6.47 36.90
C GLN A 83 -23.62 7.75 36.58
N ALA A 84 -23.45 8.26 35.37
CA ALA A 84 -24.13 9.48 34.94
C ALA A 84 -25.63 9.40 35.20
N ALA A 85 -26.22 8.27 34.86
CA ALA A 85 -27.65 8.06 35.04
C ALA A 85 -27.99 7.95 36.53
N TYR A 86 -27.30 7.06 37.23
CA TYR A 86 -27.54 6.85 38.65
C TYR A 86 -27.47 8.17 39.41
N ARG A 87 -26.39 8.91 39.21
CA ARG A 87 -26.20 10.19 39.88
C ARG A 87 -27.26 11.20 39.43
N ALA A 88 -27.50 11.25 38.13
CA ALA A 88 -28.49 12.16 37.56
C ALA A 88 -29.84 12.01 38.26
N ILE A 89 -30.38 10.79 38.22
CA ILE A 89 -31.67 10.51 38.85
C ILE A 89 -31.57 10.64 40.37
N ARG A 90 -30.39 10.35 40.92
CA ARG A 90 -30.18 10.43 42.36
C ARG A 90 -30.20 11.88 42.83
N HIS A 91 -29.83 12.79 41.94
CA HIS A 91 -29.80 14.21 42.26
C HIS A 91 -31.14 14.87 41.92
N ILE A 92 -31.80 14.36 40.89
CA ILE A 92 -33.09 14.89 40.47
C ILE A 92 -34.04 13.78 40.04
N PRO A 93 -34.56 13.05 41.03
CA PRO A 93 -35.50 11.94 40.79
C PRO A 93 -36.85 12.43 40.28
N ARG A 94 -36.99 12.50 38.96
CA ARG A 94 -38.25 12.95 38.35
C ARG A 94 -38.42 12.34 36.97
N ARG A 95 -37.81 11.18 36.75
CA ARG A 95 -37.91 10.50 35.47
C ARG A 95 -37.30 9.10 35.55
N ILE A 96 -38.13 8.13 35.95
CA ILE A 96 -37.67 6.74 36.08
C ILE A 96 -37.71 6.03 34.74
N ARG A 97 -38.57 6.52 33.84
CA ARG A 97 -38.71 5.93 32.51
C ARG A 97 -37.34 5.80 31.84
N GLN A 98 -36.44 6.71 32.16
CA GLN A 98 -35.09 6.69 31.59
C GLN A 98 -34.45 5.32 31.74
N GLY A 99 -34.60 4.72 32.92
CA GLY A 99 -34.03 3.42 33.17
C GLY A 99 -34.67 2.33 32.32
N LEU A 100 -35.99 2.24 32.39
CA LEU A 100 -36.72 1.24 31.63
C LEU A 100 -36.34 1.28 30.16
N GLU A 101 -36.18 2.49 29.62
CA GLU A 101 -35.81 2.68 28.22
C GLU A 101 -34.33 2.38 28.01
N ARG A 102 -33.52 2.68 29.02
CA ARG A 102 -32.08 2.46 28.94
C ARG A 102 -31.78 0.96 28.77
N ILE A 103 -32.46 0.14 29.56
CA ILE A 103 -32.25 -1.30 29.49
C ILE A 103 -32.74 -1.86 28.15
N LEU A 104 -33.82 -1.29 27.63
CA LEU A 104 -34.37 -1.73 26.36
C LEU A 104 -33.38 -1.54 25.22
N LEU A 105 -32.99 -0.28 24.98
CA LEU A 105 -32.03 0.04 23.93
C LEU A 105 -31.29 1.33 24.24
N SER A 1 2.45 -30.93 -41.67
CA SER A 1 2.80 -29.71 -42.41
C SER A 1 4.21 -29.27 -42.07
N LEU A 2 5.15 -29.59 -42.96
CA LEU A 2 6.55 -29.22 -42.77
C LEU A 2 6.69 -27.71 -42.56
N ALA A 3 6.10 -26.94 -43.47
CA ALA A 3 6.16 -25.49 -43.39
C ALA A 3 5.60 -25.00 -42.06
N LEU A 4 4.63 -25.72 -41.52
CA LEU A 4 4.00 -25.35 -40.25
C LEU A 4 4.96 -25.58 -39.09
N ILE A 5 5.52 -26.78 -39.03
CA ILE A 5 6.47 -27.13 -37.96
C ILE A 5 7.67 -26.20 -37.97
N TRP A 6 8.14 -25.87 -39.17
CA TRP A 6 9.30 -24.98 -39.32
C TRP A 6 8.96 -23.57 -38.88
N ASP A 7 7.88 -23.02 -39.46
CA ASP A 7 7.45 -21.67 -39.12
C ASP A 7 7.27 -21.50 -37.62
N ASP A 8 6.68 -22.52 -36.99
CA ASP A 8 6.45 -22.48 -35.55
C ASP A 8 7.76 -22.52 -34.78
N LEU A 9 8.58 -23.53 -35.07
CA LEU A 9 9.87 -23.67 -34.40
C LEU A 9 10.68 -22.38 -34.50
N ARG A 10 10.85 -21.89 -35.73
CA ARG A 10 11.60 -20.67 -35.97
C ARG A 10 11.01 -19.50 -35.17
N SER A 11 9.71 -19.27 -35.35
CA SER A 11 9.04 -18.18 -34.66
C SER A 11 9.25 -18.28 -33.15
N LEU A 12 9.16 -19.50 -32.63
CA LEU A 12 9.34 -19.73 -31.20
C LEU A 12 10.74 -19.29 -30.75
N CYS A 13 11.76 -19.84 -31.39
CA CYS A 13 13.14 -19.50 -31.07
C CYS A 13 13.36 -17.99 -31.09
N LEU A 14 13.09 -17.39 -32.24
CA LEU A 14 13.25 -15.94 -32.40
C LEU A 14 12.44 -15.18 -31.37
N PHE A 15 11.27 -15.72 -31.03
CA PHE A 15 10.40 -15.09 -30.05
C PHE A 15 11.03 -15.12 -28.65
N SER A 16 11.50 -16.29 -28.25
CA SER A 16 12.13 -16.45 -26.94
C SER A 16 13.33 -15.52 -26.80
N TYR A 17 14.23 -15.58 -27.78
CA TYR A 17 15.42 -14.75 -27.76
C TYR A 17 15.06 -13.26 -27.76
N HIS A 18 14.30 -12.86 -28.77
CA HIS A 18 13.87 -11.47 -28.89
C HIS A 18 13.24 -10.98 -27.59
N ARG A 19 12.43 -11.83 -26.98
CA ARG A 19 11.75 -11.48 -25.73
C ARG A 19 12.76 -11.23 -24.62
N LEU A 20 13.60 -12.22 -24.34
CA LEU A 20 14.62 -12.09 -23.31
C LEU A 20 15.41 -10.79 -23.47
N ARG A 21 15.90 -10.56 -24.68
CA ARG A 21 16.68 -9.36 -24.96
C ARG A 21 15.82 -8.11 -24.80
N ASP A 22 14.53 -8.23 -25.11
CA ASP A 22 13.60 -7.12 -25.00
C ASP A 22 13.50 -6.63 -23.55
N LEU A 23 13.10 -7.54 -22.66
CA LEU A 23 12.97 -7.21 -21.25
C LEU A 23 14.30 -6.74 -20.66
N LEU A 24 15.36 -7.50 -20.94
CA LEU A 24 16.69 -7.17 -20.44
C LEU A 24 17.14 -5.81 -20.97
N LEU A 25 16.67 -5.46 -22.16
CA LEU A 25 17.03 -4.19 -22.78
C LEU A 25 16.36 -3.02 -22.05
N ILE A 26 15.03 -3.04 -22.00
CA ILE A 26 14.28 -1.99 -21.33
C ILE A 26 14.73 -1.83 -19.89
N VAL A 27 15.01 -2.95 -19.23
CA VAL A 27 15.47 -2.93 -17.84
C VAL A 27 16.85 -2.29 -17.73
N THR A 28 17.84 -2.93 -18.34
CA THR A 28 19.21 -2.42 -18.30
C THR A 28 19.26 -0.94 -18.65
N ARG A 29 18.38 -0.52 -19.55
CA ARG A 29 18.33 0.87 -19.97
C ARG A 29 17.81 1.76 -18.85
N ILE A 30 16.66 1.40 -18.30
CA ILE A 30 16.05 2.16 -17.22
C ILE A 30 16.98 2.22 -16.00
N VAL A 31 17.84 1.22 -15.88
CA VAL A 31 18.78 1.15 -14.76
C VAL A 31 19.95 2.10 -14.97
N GLU A 32 20.59 2.01 -16.13
CA GLU A 32 21.72 2.86 -16.46
C GLU A 32 21.29 4.33 -16.49
N LEU A 33 20.05 4.57 -16.89
CA LEU A 33 19.52 5.94 -16.97
C LEU A 33 19.14 6.45 -15.58
N LEU A 34 18.36 5.66 -14.86
CA LEU A 34 17.92 6.04 -13.52
C LEU A 34 19.09 6.01 -12.53
N GLY A 35 20.20 5.41 -12.96
CA GLY A 35 21.37 5.33 -12.10
C GLY A 35 21.79 6.68 -11.57
N ARG A 36 21.94 7.65 -12.48
CA ARG A 36 22.34 9.00 -12.10
C ARG A 36 21.15 9.81 -11.63
N ARG A 37 19.96 9.41 -12.06
CA ARG A 37 18.73 10.11 -11.68
C ARG A 37 18.15 9.53 -10.39
N GLY A 38 18.92 8.69 -9.73
CA GLY A 38 18.47 8.08 -8.49
C GLY A 38 18.55 9.03 -7.32
N TRP A 39 19.29 10.11 -7.48
CA TRP A 39 19.44 11.11 -6.41
C TRP A 39 18.09 11.72 -6.05
N GLU A 40 17.47 12.39 -7.00
CA GLU A 40 16.18 13.02 -6.78
C GLU A 40 15.18 12.02 -6.20
N ALA A 41 15.11 10.85 -6.81
CA ALA A 41 14.19 9.81 -6.35
C ALA A 41 14.41 9.49 -4.88
N LEU A 42 15.65 9.13 -4.54
CA LEU A 42 15.99 8.81 -3.16
C LEU A 42 15.54 9.90 -2.20
N LYS A 43 15.91 11.14 -2.51
CA LYS A 43 15.54 12.28 -1.69
C LYS A 43 14.03 12.32 -1.47
N TYR A 44 13.28 12.12 -2.55
CA TYR A 44 11.82 12.15 -2.48
C TYR A 44 11.31 11.10 -1.48
N TRP A 45 11.75 9.87 -1.66
CA TRP A 45 11.34 8.77 -0.78
C TRP A 45 11.61 9.11 0.68
N TRP A 46 12.80 9.64 0.94
CA TRP A 46 13.18 10.02 2.29
C TRP A 46 12.31 11.16 2.82
N ASN A 47 12.30 12.27 2.08
CA ASN A 47 11.50 13.42 2.47
C ASN A 47 10.05 13.03 2.75
N LEU A 48 9.44 12.36 1.78
CA LEU A 48 8.05 11.92 1.92
C LEU A 48 7.89 11.01 3.14
N LEU A 49 8.84 10.09 3.30
CA LEU A 49 8.80 9.16 4.43
C LEU A 49 8.69 9.90 5.75
N GLN A 50 9.67 10.77 6.03
CA GLN A 50 9.67 11.55 7.27
C GLN A 50 8.48 12.49 7.32
N TYR A 51 8.07 12.99 6.16
CA TYR A 51 6.94 13.91 6.07
C TYR A 51 5.65 13.23 6.55
N TRP A 52 5.28 12.15 5.87
CA TRP A 52 4.07 11.41 6.23
C TRP A 52 4.14 10.91 7.66
N SER A 53 5.26 10.28 8.02
CA SER A 53 5.43 9.75 9.37
C SER A 53 5.15 10.82 10.41
N GLN A 54 5.95 11.90 10.38
CA GLN A 54 5.78 13.00 11.33
C GLN A 54 4.39 13.61 11.21
N GLU A 55 3.86 13.65 9.99
CA GLU A 55 2.54 14.22 9.74
C GLU A 55 1.47 13.47 10.53
N LEU A 56 1.52 12.14 10.47
CA LEU A 56 0.55 11.31 11.17
C LEU A 56 0.76 11.39 12.68
N LYS A 57 2.02 11.47 13.10
CA LYS A 57 2.36 11.56 14.51
C LYS A 57 1.86 12.87 15.10
N ASN A 58 2.34 13.99 14.54
CA ASN A 58 1.94 15.31 15.01
C ASN A 58 0.43 15.48 14.95
N SER A 59 -0.16 15.05 13.84
CA SER A 59 -1.61 15.16 13.65
C SER A 59 -2.35 14.32 14.68
N ALA A 60 -1.97 13.05 14.78
CA ALA A 60 -2.60 12.13 15.73
C ALA A 60 -2.63 12.73 17.13
N VAL A 61 -1.47 13.17 17.61
CA VAL A 61 -1.37 13.77 18.94
C VAL A 61 -2.19 15.04 19.04
N ASN A 62 -2.20 15.82 17.96
CA ASN A 62 -2.95 17.07 17.92
C ASN A 62 -4.46 16.80 17.99
N LEU A 63 -4.88 15.72 17.36
CA LEU A 63 -6.30 15.35 17.36
C LEU A 63 -6.75 14.87 18.72
N LEU A 64 -5.91 14.04 19.35
CA LEU A 64 -6.23 13.51 20.68
C LEU A 64 -6.31 14.63 21.71
N ASN A 65 -5.28 15.47 21.75
CA ASN A 65 -5.24 16.58 22.68
C ASN A 65 -6.41 17.53 22.46
N ALA A 66 -6.52 18.06 21.26
CA ALA A 66 -7.59 18.98 20.91
C ALA A 66 -8.94 18.41 21.30
N THR A 67 -9.14 17.12 21.03
CA THR A 67 -10.39 16.44 21.35
C THR A 67 -10.64 16.43 22.85
N ALA A 68 -9.59 16.17 23.62
CA ALA A 68 -9.69 16.13 25.07
C ALA A 68 -10.05 17.50 25.64
N ILE A 69 -9.47 18.55 25.06
CA ILE A 69 -9.73 19.90 25.50
C ILE A 69 -11.16 20.33 25.18
N ALA A 70 -11.66 19.86 24.04
CA ALA A 70 -13.02 20.17 23.61
C ALA A 70 -14.04 19.34 24.37
N VAL A 71 -13.63 18.15 24.79
CA VAL A 71 -14.51 17.25 25.53
C VAL A 71 -14.48 17.55 27.02
N ALA A 72 -13.38 18.12 27.48
CA ALA A 72 -13.23 18.46 28.90
C ALA A 72 -14.16 19.61 29.28
N GLU A 73 -14.57 20.40 28.29
CA GLU A 73 -15.47 21.52 28.54
C GLU A 73 -16.91 21.12 28.33
N GLY A 74 -17.17 19.81 28.33
CA GLY A 74 -18.52 19.31 28.15
C GLY A 74 -18.59 17.81 28.25
N THR A 75 -19.29 17.32 29.27
CA THR A 75 -19.44 15.89 29.48
C THR A 75 -20.36 15.27 28.43
N ASP A 76 -21.14 16.11 27.75
CA ASP A 76 -22.06 15.65 26.73
C ASP A 76 -21.35 14.77 25.71
N ARG A 77 -20.10 15.14 25.39
CA ARG A 77 -19.31 14.38 24.42
C ARG A 77 -19.06 12.97 24.93
N VAL A 78 -18.42 12.85 26.08
CA VAL A 78 -18.12 11.55 26.66
C VAL A 78 -19.37 10.69 26.78
N ILE A 79 -20.45 11.30 27.24
CA ILE A 79 -21.71 10.60 27.40
C ILE A 79 -22.29 10.20 26.05
N GLU A 80 -22.07 11.05 25.05
CA GLU A 80 -22.57 10.79 23.70
C GLU A 80 -21.92 9.54 23.11
N VAL A 81 -20.61 9.44 23.23
CA VAL A 81 -19.87 8.30 22.71
C VAL A 81 -20.12 7.05 23.56
N LEU A 82 -20.28 7.26 24.86
CA LEU A 82 -20.54 6.16 25.78
C LEU A 82 -21.84 5.45 25.45
N GLN A 83 -22.92 6.22 25.34
CA GLN A 83 -24.23 5.67 25.03
C GLN A 83 -24.28 5.18 23.58
N ALA A 84 -23.69 5.96 22.68
CA ALA A 84 -23.66 5.61 21.27
C ALA A 84 -22.91 4.31 21.04
N ALA A 85 -21.75 4.18 21.66
CA ALA A 85 -20.95 2.97 21.53
C ALA A 85 -21.63 1.77 22.18
N TYR A 86 -22.02 1.93 23.43
CA TYR A 86 -22.69 0.87 24.18
C TYR A 86 -23.96 0.41 23.45
N ARG A 87 -24.76 1.38 23.01
CA ARG A 87 -26.00 1.08 22.32
C ARG A 87 -25.72 0.33 21.01
N ALA A 88 -24.77 0.84 20.24
CA ALA A 88 -24.41 0.22 18.96
C ALA A 88 -24.04 -1.25 19.16
N ILE A 89 -23.04 -1.48 20.00
CA ILE A 89 -22.59 -2.84 20.27
C ILE A 89 -23.70 -3.68 20.90
N ARG A 90 -24.57 -3.02 21.66
CA ARG A 90 -25.68 -3.70 22.31
C ARG A 90 -26.73 -4.14 21.30
N HIS A 91 -26.86 -3.37 20.22
CA HIS A 91 -27.83 -3.68 19.18
C HIS A 91 -27.25 -4.70 18.19
N ILE A 92 -25.94 -4.65 17.98
CA ILE A 92 -25.27 -5.57 17.07
C ILE A 92 -23.88 -5.93 17.58
N PRO A 93 -23.58 -7.23 17.58
CA PRO A 93 -22.29 -7.75 18.04
C PRO A 93 -21.16 -7.39 17.09
N ARG A 94 -21.38 -7.60 15.79
CA ARG A 94 -20.39 -7.30 14.77
C ARG A 94 -19.10 -8.08 15.04
N ARG A 95 -19.24 -9.27 15.60
CA ARG A 95 -18.08 -10.11 15.90
C ARG A 95 -17.81 -11.08 14.77
N ILE A 96 -17.91 -10.60 13.53
CA ILE A 96 -17.66 -11.42 12.36
C ILE A 96 -16.18 -11.51 12.05
N ARG A 97 -15.44 -10.46 12.38
CA ARG A 97 -14.00 -10.43 12.14
C ARG A 97 -13.25 -11.14 13.25
N GLN A 98 -13.50 -10.74 14.49
CA GLN A 98 -12.84 -11.34 15.64
C GLN A 98 -12.99 -12.85 15.61
N GLY A 99 -14.10 -13.33 15.08
CA GLY A 99 -14.33 -14.77 15.00
C GLY A 99 -13.36 -15.46 14.06
N LEU A 100 -13.28 -14.98 12.82
CA LEU A 100 -12.39 -15.56 11.83
C LEU A 100 -10.94 -15.47 12.28
N GLU A 101 -10.58 -14.35 12.90
CA GLU A 101 -9.22 -14.13 13.38
C GLU A 101 -8.94 -15.01 14.60
N ARG A 102 -9.94 -15.19 15.45
CA ARG A 102 -9.80 -16.01 16.65
C ARG A 102 -9.57 -17.46 16.29
N ILE A 103 -10.34 -17.96 15.32
CA ILE A 103 -10.22 -19.35 14.88
C ILE A 103 -8.93 -19.56 14.09
N LEU A 104 -8.44 -18.49 13.48
CA LEU A 104 -7.21 -18.57 12.69
C LEU A 104 -6.03 -18.98 13.55
N LEU A 105 -5.73 -18.17 14.58
CA LEU A 105 -4.62 -18.46 15.48
C LEU A 105 -5.13 -18.83 16.86
N SER A 1 16.75 -34.08 -40.92
CA SER A 1 17.47 -34.11 -42.19
C SER A 1 18.17 -32.78 -42.45
N LEU A 2 18.71 -32.62 -43.65
CA LEU A 2 19.40 -31.40 -44.02
C LEU A 2 18.55 -30.17 -43.74
N ALA A 3 17.24 -30.31 -43.95
CA ALA A 3 16.31 -29.21 -43.72
C ALA A 3 16.32 -28.79 -42.25
N LEU A 4 16.11 -29.76 -41.36
CA LEU A 4 16.09 -29.50 -39.93
C LEU A 4 17.40 -28.88 -39.47
N ILE A 5 18.51 -29.50 -39.84
CA ILE A 5 19.83 -29.01 -39.47
C ILE A 5 20.02 -27.56 -39.93
N TRP A 6 19.65 -27.29 -41.17
CA TRP A 6 19.77 -25.94 -41.72
C TRP A 6 18.98 -24.94 -40.90
N ASP A 7 17.69 -25.21 -40.72
CA ASP A 7 16.83 -24.32 -39.95
C ASP A 7 17.43 -24.04 -38.58
N ASP A 8 17.86 -25.09 -37.90
CA ASP A 8 18.45 -24.94 -36.57
C ASP A 8 19.72 -24.09 -36.62
N LEU A 9 20.59 -24.42 -37.57
CA LEU A 9 21.84 -23.67 -37.73
C LEU A 9 21.58 -22.19 -37.89
N ARG A 10 20.83 -21.82 -38.93
CA ARG A 10 20.51 -20.43 -39.18
C ARG A 10 19.74 -19.82 -38.01
N SER A 11 18.94 -20.64 -37.35
CA SER A 11 18.16 -20.18 -36.21
C SER A 11 19.07 -19.76 -35.05
N LEU A 12 20.03 -20.62 -34.72
CA LEU A 12 20.96 -20.35 -33.64
C LEU A 12 21.84 -19.16 -33.98
N CYS A 13 22.35 -19.13 -35.21
CA CYS A 13 23.22 -18.04 -35.66
C CYS A 13 22.50 -16.69 -35.54
N LEU A 14 21.38 -16.57 -36.23
CA LEU A 14 20.60 -15.33 -36.20
C LEU A 14 20.19 -14.98 -34.77
N PHE A 15 19.77 -15.99 -34.01
CA PHE A 15 19.36 -15.78 -32.63
C PHE A 15 20.50 -15.19 -31.80
N SER A 16 21.64 -15.86 -31.82
CA SER A 16 22.81 -15.39 -31.07
C SER A 16 23.18 -13.97 -31.46
N TYR A 17 23.44 -13.76 -32.74
CA TYR A 17 23.81 -12.45 -33.25
C TYR A 17 22.78 -11.40 -32.84
N HIS A 18 21.53 -11.63 -33.25
CA HIS A 18 20.44 -10.70 -32.95
C HIS A 18 20.39 -10.42 -31.45
N ARG A 19 20.63 -11.45 -30.65
CA ARG A 19 20.60 -11.31 -29.19
C ARG A 19 21.69 -10.35 -28.73
N LEU A 20 22.93 -10.67 -29.05
CA LEU A 20 24.07 -9.84 -28.66
C LEU A 20 23.83 -8.37 -29.04
N ARG A 21 23.42 -8.16 -30.29
CA ARG A 21 23.16 -6.80 -30.77
C ARG A 21 21.94 -6.20 -30.05
N ASP A 22 21.02 -7.05 -29.64
CA ASP A 22 19.82 -6.61 -28.94
C ASP A 22 20.17 -6.05 -27.56
N LEU A 23 20.78 -6.89 -26.73
CA LEU A 23 21.17 -6.49 -25.38
C LEU A 23 22.15 -5.32 -25.42
N LEU A 24 23.12 -5.40 -26.32
CA LEU A 24 24.13 -4.35 -26.46
C LEU A 24 23.47 -3.03 -26.87
N LEU A 25 22.53 -3.11 -27.81
CA LEU A 25 21.82 -1.93 -28.29
C LEU A 25 21.06 -1.25 -27.15
N ILE A 26 20.21 -2.01 -26.47
CA ILE A 26 19.42 -1.49 -25.37
C ILE A 26 20.32 -0.86 -24.31
N VAL A 27 21.27 -1.64 -23.79
CA VAL A 27 22.19 -1.16 -22.77
C VAL A 27 22.85 0.15 -23.21
N THR A 28 23.57 0.09 -24.34
CA THR A 28 24.26 1.26 -24.86
C THR A 28 23.31 2.45 -24.98
N ARG A 29 22.15 2.21 -25.58
CA ARG A 29 21.16 3.26 -25.76
C ARG A 29 20.83 3.93 -24.43
N ILE A 30 20.49 3.13 -23.43
CA ILE A 30 20.16 3.64 -22.11
C ILE A 30 21.33 4.40 -21.50
N VAL A 31 22.54 3.88 -21.70
CA VAL A 31 23.74 4.52 -21.18
C VAL A 31 23.91 5.93 -21.74
N GLU A 32 23.69 6.07 -23.04
CA GLU A 32 23.81 7.38 -23.69
C GLU A 32 22.64 8.27 -23.33
N LEU A 33 21.43 7.75 -23.47
CA LEU A 33 20.22 8.51 -23.16
C LEU A 33 20.24 9.01 -21.72
N LEU A 34 20.78 8.17 -20.83
CA LEU A 34 20.87 8.52 -19.42
C LEU A 34 22.04 9.48 -19.16
N GLY A 35 23.04 9.42 -20.02
CA GLY A 35 24.19 10.29 -19.87
C GLY A 35 23.82 11.75 -19.89
N ARG A 36 23.01 12.15 -20.86
CA ARG A 36 22.59 13.54 -20.99
C ARG A 36 21.36 13.82 -20.11
N ARG A 37 20.59 12.76 -19.84
CA ARG A 37 19.39 12.89 -19.01
C ARG A 37 19.72 12.66 -17.54
N GLY A 38 21.01 12.62 -17.23
CA GLY A 38 21.43 12.40 -15.85
C GLY A 38 20.76 13.36 -14.88
N TRP A 39 20.64 14.62 -15.29
CA TRP A 39 20.02 15.64 -14.45
C TRP A 39 18.57 15.27 -14.14
N GLU A 40 17.75 15.20 -15.19
CA GLU A 40 16.34 14.86 -15.03
C GLU A 40 16.17 13.55 -14.26
N ALA A 41 16.82 12.50 -14.76
CA ALA A 41 16.75 11.19 -14.13
C ALA A 41 17.07 11.28 -12.64
N LEU A 42 18.22 11.87 -12.33
CA LEU A 42 18.65 12.02 -10.94
C LEU A 42 17.55 12.66 -10.10
N LYS A 43 17.08 13.82 -10.54
CA LYS A 43 16.02 14.52 -9.82
C LYS A 43 14.83 13.61 -9.56
N TYR A 44 14.46 12.83 -10.57
CA TYR A 44 13.33 11.91 -10.45
C TYR A 44 13.56 10.91 -9.32
N TRP A 45 14.70 10.22 -9.36
CA TRP A 45 15.03 9.24 -8.34
C TRP A 45 14.95 9.85 -6.95
N TRP A 46 15.54 11.03 -6.80
CA TRP A 46 15.54 11.72 -5.51
C TRP A 46 14.11 12.10 -5.10
N ASN A 47 13.42 12.80 -5.98
CA ASN A 47 12.05 13.23 -5.70
C ASN A 47 11.17 12.03 -5.32
N LEU A 48 11.14 11.03 -6.19
CA LEU A 48 10.36 9.84 -5.93
C LEU A 48 10.78 9.15 -4.64
N LEU A 49 12.09 9.12 -4.38
CA LEU A 49 12.63 8.51 -3.18
C LEU A 49 12.01 9.13 -1.93
N GLN A 50 12.16 10.44 -1.79
CA GLN A 50 11.63 11.16 -0.64
C GLN A 50 10.10 11.00 -0.56
N TYR A 51 9.46 11.02 -1.73
CA TYR A 51 8.00 10.88 -1.79
C TYR A 51 7.55 9.60 -1.10
N TRP A 52 8.04 8.46 -1.59
CA TRP A 52 7.68 7.16 -1.02
C TRP A 52 8.07 7.10 0.46
N SER A 53 9.30 7.51 0.76
CA SER A 53 9.79 7.49 2.13
C SER A 53 8.81 8.20 3.07
N GLN A 54 8.59 9.48 2.82
CA GLN A 54 7.68 10.27 3.64
C GLN A 54 6.29 9.66 3.65
N GLU A 55 5.89 9.07 2.52
CA GLU A 55 4.58 8.44 2.40
C GLU A 55 4.41 7.33 3.44
N LEU A 56 5.39 6.43 3.50
CA LEU A 56 5.34 5.32 4.44
C LEU A 56 5.48 5.82 5.88
N LYS A 57 6.28 6.87 6.07
CA LYS A 57 6.49 7.44 7.38
C LYS A 57 5.21 8.09 7.91
N ASN A 58 4.71 9.07 7.18
CA ASN A 58 3.49 9.77 7.56
C ASN A 58 2.33 8.79 7.73
N SER A 59 2.20 7.87 6.78
CA SER A 59 1.13 6.88 6.82
C SER A 59 1.28 5.97 8.04
N ALA A 60 2.48 5.42 8.22
CA ALA A 60 2.74 4.54 9.35
C ALA A 60 2.32 5.18 10.66
N VAL A 61 2.81 6.40 10.90
CA VAL A 61 2.49 7.13 12.12
C VAL A 61 1.00 7.43 12.21
N ASN A 62 0.39 7.72 11.07
CA ASN A 62 -1.03 8.02 11.02
C ASN A 62 -1.86 6.79 11.37
N LEU A 63 -1.39 5.62 10.93
CA LEU A 63 -2.09 4.37 11.20
C LEU A 63 -1.99 3.99 12.68
N LEU A 64 -0.80 4.15 13.24
CA LEU A 64 -0.58 3.84 14.65
C LEU A 64 -1.42 4.73 15.55
N ASN A 65 -1.33 6.03 15.33
CA ASN A 65 -2.08 7.00 16.12
C ASN A 65 -3.58 6.75 15.99
N ALA A 66 -4.09 6.82 14.77
CA ALA A 66 -5.50 6.59 14.51
C ALA A 66 -5.99 5.31 15.19
N THR A 67 -5.19 4.26 15.09
CA THR A 67 -5.55 2.97 15.69
C THR A 67 -5.65 3.09 17.20
N ALA A 68 -4.72 3.83 17.81
CA ALA A 68 -4.72 4.03 19.25
C ALA A 68 -5.92 4.86 19.70
N ILE A 69 -6.33 5.80 18.85
CA ILE A 69 -7.46 6.66 19.16
C ILE A 69 -8.78 5.90 19.08
N ALA A 70 -8.84 4.94 18.14
CA ALA A 70 -10.04 4.13 17.97
C ALA A 70 -10.07 2.96 18.94
N VAL A 71 -8.88 2.54 19.36
CA VAL A 71 -8.76 1.41 20.29
C VAL A 71 -8.87 1.89 21.74
N ALA A 72 -8.51 3.14 21.97
CA ALA A 72 -8.57 3.72 23.31
C ALA A 72 -10.02 3.89 23.77
N GLU A 73 -10.93 4.02 22.81
CA GLU A 73 -12.34 4.19 23.12
C GLU A 73 -13.06 2.84 23.12
N GLY A 74 -12.29 1.77 23.22
CA GLY A 74 -12.88 0.44 23.24
C GLY A 74 -13.89 0.27 24.35
N THR A 75 -13.41 0.23 25.59
CA THR A 75 -14.28 0.06 26.75
C THR A 75 -15.14 1.29 26.96
N ASP A 76 -14.76 2.40 26.34
CA ASP A 76 -15.50 3.64 26.46
C ASP A 76 -16.94 3.46 25.98
N ARG A 77 -17.11 2.61 24.97
CA ARG A 77 -18.44 2.35 24.41
C ARG A 77 -19.33 1.65 25.42
N VAL A 78 -18.90 0.46 25.86
CA VAL A 78 -19.65 -0.32 26.83
C VAL A 78 -19.97 0.51 28.07
N ILE A 79 -18.98 1.25 28.55
CA ILE A 79 -19.15 2.08 29.73
C ILE A 79 -20.15 3.19 29.48
N GLU A 80 -19.91 3.98 28.43
CA GLU A 80 -20.79 5.08 28.07
C GLU A 80 -22.24 4.61 27.96
N VAL A 81 -22.42 3.39 27.46
CA VAL A 81 -23.75 2.82 27.30
C VAL A 81 -24.34 2.42 28.65
N LEU A 82 -23.56 1.69 29.44
CA LEU A 82 -24.01 1.26 30.76
C LEU A 82 -24.51 2.43 31.59
N GLN A 83 -23.71 3.49 31.67
CA GLN A 83 -24.08 4.68 32.42
C GLN A 83 -25.25 5.40 31.76
N ALA A 84 -25.19 5.53 30.44
CA ALA A 84 -26.24 6.21 29.68
C ALA A 84 -27.59 5.56 29.94
N ALA A 85 -27.70 4.27 29.64
CA ALA A 85 -28.94 3.52 29.84
C ALA A 85 -29.35 3.54 31.31
N TYR A 86 -28.42 3.21 32.19
CA TYR A 86 -28.69 3.18 33.62
C TYR A 86 -29.32 4.48 34.09
N ARG A 87 -28.56 5.57 33.98
CA ARG A 87 -29.05 6.89 34.38
C ARG A 87 -30.40 7.19 33.75
N ALA A 88 -30.52 6.87 32.46
CA ALA A 88 -31.77 7.11 31.73
C ALA A 88 -32.96 6.54 32.49
N ILE A 89 -32.97 5.23 32.67
CA ILE A 89 -34.05 4.56 33.38
C ILE A 89 -34.04 4.91 34.87
N ARG A 90 -32.92 5.47 35.33
CA ARG A 90 -32.78 5.86 36.73
C ARG A 90 -33.72 7.01 37.07
N HIS A 91 -33.66 8.07 36.28
CA HIS A 91 -34.51 9.25 36.51
C HIS A 91 -35.84 9.09 35.79
N ILE A 92 -35.84 8.32 34.71
CA ILE A 92 -37.05 8.09 33.92
C ILE A 92 -38.09 7.32 34.73
N PRO A 93 -39.33 7.82 34.73
CA PRO A 93 -40.44 7.19 35.45
C PRO A 93 -40.86 5.87 34.83
N ARG A 94 -40.16 4.79 35.17
CA ARG A 94 -40.46 3.47 34.63
C ARG A 94 -39.55 2.42 35.27
N ARG A 95 -39.91 1.15 35.07
CA ARG A 95 -39.13 0.04 35.62
C ARG A 95 -39.24 -1.19 34.73
N ILE A 96 -39.50 -0.96 33.44
CA ILE A 96 -39.62 -2.05 32.49
C ILE A 96 -38.25 -2.51 31.98
N ARG A 97 -37.28 -1.59 32.02
CA ARG A 97 -35.93 -1.90 31.57
C ARG A 97 -35.14 -2.63 32.67
N GLN A 98 -35.49 -2.35 33.92
CA GLN A 98 -34.82 -2.98 35.05
C GLN A 98 -34.81 -4.50 34.90
N GLY A 99 -35.98 -5.07 34.64
CA GLY A 99 -36.09 -6.50 34.48
C GLY A 99 -35.39 -7.01 33.23
N LEU A 100 -35.59 -6.30 32.13
CA LEU A 100 -34.98 -6.67 30.86
C LEU A 100 -33.47 -6.88 31.02
N GLU A 101 -32.81 -5.90 31.65
CA GLU A 101 -31.38 -5.98 31.87
C GLU A 101 -31.05 -6.91 33.03
N ARG A 102 -31.92 -6.92 34.04
CA ARG A 102 -31.72 -7.76 35.21
C ARG A 102 -31.48 -9.21 34.80
N ILE A 103 -32.34 -9.73 33.94
CA ILE A 103 -32.23 -11.10 33.47
C ILE A 103 -31.14 -11.23 32.41
N LEU A 104 -30.79 -10.10 31.79
CA LEU A 104 -29.75 -10.09 30.76
C LEU A 104 -28.39 -9.76 31.36
N LEU A 105 -28.27 -9.93 32.68
CA LEU A 105 -27.02 -9.65 33.37
C LEU A 105 -25.85 -10.37 32.70
N SER A 1 22.79 -33.08 -48.14
CA SER A 1 23.09 -32.44 -49.41
C SER A 1 24.08 -31.29 -49.21
N LEU A 2 24.90 -31.05 -50.23
CA LEU A 2 25.89 -29.98 -50.17
C LEU A 2 25.23 -28.65 -49.79
N ALA A 3 24.23 -28.25 -50.56
CA ALA A 3 23.51 -27.00 -50.30
C ALA A 3 22.98 -26.96 -48.87
N LEU A 4 22.43 -28.08 -48.42
CA LEU A 4 21.87 -28.17 -47.08
C LEU A 4 22.94 -27.82 -46.03
N ILE A 5 24.07 -28.52 -46.10
CA ILE A 5 25.17 -28.27 -45.16
C ILE A 5 25.61 -26.82 -45.20
N TRP A 6 25.84 -26.31 -46.40
CA TRP A 6 26.26 -24.93 -46.57
C TRP A 6 25.26 -23.96 -45.95
N ASP A 7 23.98 -24.14 -46.31
CA ASP A 7 22.92 -23.28 -45.79
C ASP A 7 22.96 -23.24 -44.25
N ASP A 8 22.91 -24.42 -43.63
CA ASP A 8 22.93 -24.51 -42.18
C ASP A 8 24.18 -23.84 -41.62
N LEU A 9 25.32 -24.09 -42.25
CA LEU A 9 26.58 -23.51 -41.81
C LEU A 9 26.49 -22.00 -41.73
N ARG A 10 26.15 -21.37 -42.84
CA ARG A 10 26.03 -19.92 -42.90
C ARG A 10 24.95 -19.43 -41.95
N SER A 11 23.87 -20.19 -41.83
CA SER A 11 22.76 -19.84 -40.96
C SER A 11 23.21 -19.78 -39.50
N LEU A 12 24.00 -20.77 -39.10
CA LEU A 12 24.50 -20.84 -37.73
C LEU A 12 25.49 -19.71 -37.46
N CYS A 13 26.50 -19.59 -38.32
CA CYS A 13 27.51 -18.55 -38.17
C CYS A 13 26.87 -17.17 -38.16
N LEU A 14 26.08 -16.87 -39.18
CA LEU A 14 25.42 -15.58 -39.28
C LEU A 14 24.55 -15.32 -38.06
N PHE A 15 23.72 -16.29 -37.71
CA PHE A 15 22.83 -16.17 -36.55
C PHE A 15 23.65 -15.90 -35.28
N SER A 16 24.74 -16.64 -35.12
CA SER A 16 25.59 -16.48 -33.95
C SER A 16 26.10 -15.06 -33.83
N TYR A 17 26.83 -14.61 -34.85
CA TYR A 17 27.38 -13.26 -34.87
C TYR A 17 26.28 -12.22 -34.71
N HIS A 18 25.29 -12.27 -35.60
CA HIS A 18 24.18 -11.33 -35.56
C HIS A 18 23.54 -11.31 -34.17
N ARG A 19 23.45 -12.47 -33.54
CA ARG A 19 22.86 -12.58 -32.21
C ARG A 19 23.68 -11.80 -31.19
N LEU A 20 24.96 -12.15 -31.07
CA LEU A 20 25.85 -11.50 -30.13
C LEU A 20 25.79 -9.98 -30.29
N ARG A 21 25.90 -9.52 -31.53
CA ARG A 21 25.86 -8.09 -31.82
C ARG A 21 24.46 -7.52 -31.54
N ASP A 22 23.44 -8.37 -31.70
CA ASP A 22 22.07 -7.96 -31.47
C ASP A 22 21.81 -7.70 -29.99
N LEU A 23 22.18 -8.67 -29.16
CA LEU A 23 21.99 -8.55 -27.71
C LEU A 23 22.86 -7.43 -27.14
N LEU A 24 24.11 -7.39 -27.58
CA LEU A 24 25.05 -6.37 -27.11
C LEU A 24 24.58 -4.98 -27.51
N LEU A 25 24.12 -4.85 -28.75
CA LEU A 25 23.65 -3.57 -29.26
C LEU A 25 22.43 -3.08 -28.47
N ILE A 26 21.42 -3.95 -28.37
CA ILE A 26 20.20 -3.62 -27.64
C ILE A 26 20.51 -3.20 -26.21
N VAL A 27 21.14 -4.11 -25.46
CA VAL A 27 21.50 -3.85 -24.08
C VAL A 27 22.26 -2.53 -23.95
N THR A 28 23.39 -2.44 -24.64
CA THR A 28 24.22 -1.24 -24.60
C THR A 28 23.39 0.00 -24.91
N ARG A 29 22.60 -0.07 -25.98
CA ARG A 29 21.76 1.05 -26.38
C ARG A 29 20.91 1.54 -25.20
N ILE A 30 20.15 0.64 -24.60
CA ILE A 30 19.30 0.98 -23.47
C ILE A 30 20.12 1.54 -22.33
N VAL A 31 21.26 0.91 -22.04
CA VAL A 31 22.14 1.35 -20.97
C VAL A 31 22.53 2.83 -21.14
N GLU A 32 22.85 3.21 -22.38
CA GLU A 32 23.23 4.58 -22.67
C GLU A 32 22.00 5.47 -22.80
N LEU A 33 20.87 4.87 -23.14
CA LEU A 33 19.63 5.62 -23.30
C LEU A 33 19.01 5.93 -21.94
N LEU A 34 19.37 5.15 -20.93
CA LEU A 34 18.87 5.35 -19.58
C LEU A 34 19.50 6.58 -18.93
N GLY A 35 20.64 6.99 -19.45
CA GLY A 35 21.33 8.15 -18.92
C GLY A 35 20.45 9.39 -18.91
N ARG A 36 19.87 9.71 -20.06
CA ARG A 36 19.00 10.87 -20.18
C ARG A 36 17.58 10.54 -19.74
N ARG A 37 17.22 9.26 -19.80
CA ARG A 37 15.89 8.81 -19.42
C ARG A 37 15.85 8.45 -17.94
N GLY A 38 16.90 8.82 -17.22
CA GLY A 38 16.96 8.52 -15.80
C GLY A 38 16.06 9.42 -14.98
N TRP A 39 15.66 10.54 -15.56
CA TRP A 39 14.79 11.49 -14.88
C TRP A 39 13.44 10.86 -14.54
N GLU A 40 12.71 10.45 -15.58
CA GLU A 40 11.40 9.83 -15.39
C GLU A 40 11.50 8.66 -14.41
N ALA A 41 12.48 7.79 -14.63
CA ALA A 41 12.67 6.63 -13.77
C ALA A 41 12.97 7.07 -12.33
N LEU A 42 13.76 8.13 -12.18
CA LEU A 42 14.11 8.65 -10.87
C LEU A 42 12.87 9.06 -10.08
N LYS A 43 12.11 9.99 -10.65
CA LYS A 43 10.89 10.47 -10.01
C LYS A 43 9.93 9.32 -9.72
N TYR A 44 9.85 8.39 -10.65
CA TYR A 44 8.97 7.23 -10.50
C TYR A 44 9.33 6.44 -9.25
N TRP A 45 10.60 6.11 -9.10
CA TRP A 45 11.08 5.36 -7.94
C TRP A 45 10.78 6.10 -6.65
N TRP A 46 11.09 7.40 -6.62
CA TRP A 46 10.86 8.23 -5.45
C TRP A 46 9.37 8.29 -5.12
N ASN A 47 8.55 8.59 -6.13
CA ASN A 47 7.11 8.68 -5.94
C ASN A 47 6.54 7.34 -5.49
N LEU A 48 6.90 6.28 -6.18
CA LEU A 48 6.42 4.94 -5.86
C LEU A 48 6.71 4.60 -4.40
N LEU A 49 7.99 4.63 -4.03
CA LEU A 49 8.39 4.33 -2.66
C LEU A 49 7.60 5.17 -1.66
N GLN A 50 7.68 6.48 -1.81
CA GLN A 50 6.97 7.40 -0.92
C GLN A 50 5.49 7.07 -0.88
N TYR A 51 4.96 6.61 -2.01
CA TYR A 51 3.54 6.27 -2.10
C TYR A 51 3.19 5.11 -1.16
N TRP A 52 3.84 3.97 -1.39
CA TRP A 52 3.62 2.79 -0.56
C TRP A 52 3.98 3.06 0.89
N SER A 53 5.16 3.64 1.10
CA SER A 53 5.63 3.96 2.45
C SER A 53 4.58 4.73 3.23
N GLN A 54 4.18 5.88 2.70
CA GLN A 54 3.18 6.72 3.34
C GLN A 54 1.85 5.98 3.48
N GLU A 55 1.54 5.15 2.50
CA GLU A 55 0.31 4.38 2.51
C GLU A 55 0.23 3.47 3.74
N LEU A 56 1.30 2.73 3.98
CA LEU A 56 1.36 1.82 5.12
C LEU A 56 1.42 2.60 6.43
N LYS A 57 2.12 3.73 6.40
CA LYS A 57 2.24 4.57 7.59
C LYS A 57 0.90 5.17 7.99
N ASN A 58 0.31 5.93 7.07
CA ASN A 58 -0.99 6.56 7.31
C ASN A 58 -2.04 5.52 7.67
N SER A 59 -2.05 4.42 6.92
CA SER A 59 -3.01 3.34 7.16
C SER A 59 -2.80 2.72 8.53
N ALA A 60 -1.57 2.32 8.80
CA ALA A 60 -1.22 1.70 10.08
C ALA A 60 -1.72 2.55 11.25
N VAL A 61 -1.37 3.83 11.24
CA VAL A 61 -1.78 4.75 12.30
C VAL A 61 -3.29 4.89 12.33
N ASN A 62 -3.91 4.91 11.16
CA ASN A 62 -5.36 5.05 11.05
C ASN A 62 -6.07 3.82 11.63
N LEU A 63 -5.47 2.65 11.44
CA LEU A 63 -6.03 1.41 11.94
C LEU A 63 -5.93 1.33 13.46
N LEU A 64 -4.77 1.72 13.99
CA LEU A 64 -4.53 1.70 15.42
C LEU A 64 -5.48 2.66 16.14
N ASN A 65 -5.53 3.91 15.67
CA ASN A 65 -6.38 4.92 16.26
C ASN A 65 -7.85 4.51 16.18
N ALA A 66 -8.33 4.27 14.96
CA ALA A 66 -9.71 3.86 14.75
C ALA A 66 -10.09 2.69 15.67
N THR A 67 -9.19 1.72 15.77
CA THR A 67 -9.42 0.55 16.61
C THR A 67 -9.57 0.94 18.07
N ALA A 68 -8.71 1.86 18.53
CA ALA A 68 -8.75 2.31 19.91
C ALA A 68 -10.07 3.02 20.22
N ILE A 69 -10.53 3.82 19.27
CA ILE A 69 -11.78 4.56 19.44
C ILE A 69 -12.98 3.61 19.47
N ALA A 70 -12.90 2.55 18.68
CA ALA A 70 -13.98 1.56 18.61
C ALA A 70 -13.94 0.63 19.82
N VAL A 71 -12.74 0.44 20.36
CA VAL A 71 -12.56 -0.43 21.52
C VAL A 71 -12.82 0.33 22.83
N ALA A 72 -12.59 1.64 22.80
CA ALA A 72 -12.81 2.47 23.98
C ALA A 72 -14.25 2.93 24.07
N GLU A 73 -15.09 2.45 23.15
CA GLU A 73 -16.50 2.81 23.14
C GLU A 73 -17.39 1.58 23.29
N GLY A 74 -16.78 0.48 23.75
CA GLY A 74 -17.53 -0.75 23.92
C GLY A 74 -18.48 -0.69 25.10
N THR A 75 -18.53 -1.78 25.87
CA THR A 75 -19.40 -1.85 27.03
C THR A 75 -19.02 -0.80 28.08
N ASP A 76 -17.81 -0.27 27.95
CA ASP A 76 -17.32 0.73 28.88
C ASP A 76 -18.30 1.90 28.98
N ARG A 77 -18.90 2.26 27.86
CA ARG A 77 -19.86 3.36 27.81
C ARG A 77 -21.07 3.06 28.69
N VAL A 78 -21.77 1.97 28.38
CA VAL A 78 -22.95 1.57 29.13
C VAL A 78 -22.63 1.47 30.62
N ILE A 79 -21.45 0.96 30.94
CA ILE A 79 -21.03 0.81 32.33
C ILE A 79 -20.89 2.18 33.01
N GLU A 80 -20.01 3.02 32.46
CA GLU A 80 -19.78 4.34 33.02
C GLU A 80 -21.11 5.09 33.18
N VAL A 81 -22.01 4.91 32.23
CA VAL A 81 -23.31 5.57 32.27
C VAL A 81 -24.19 4.99 33.39
N LEU A 82 -24.18 3.67 33.50
CA LEU A 82 -24.97 2.98 34.53
C LEU A 82 -24.55 3.43 35.92
N GLN A 83 -23.27 3.28 36.24
CA GLN A 83 -22.75 3.68 37.54
C GLN A 83 -22.97 5.16 37.79
N ALA A 84 -22.64 5.98 36.80
CA ALA A 84 -22.79 7.42 36.90
C ALA A 84 -24.25 7.80 37.17
N ALA A 85 -25.16 7.14 36.45
CA ALA A 85 -26.59 7.40 36.62
C ALA A 85 -27.05 7.05 38.02
N TYR A 86 -26.55 5.94 38.55
CA TYR A 86 -26.92 5.49 39.88
C TYR A 86 -26.47 6.50 40.94
N ARG A 87 -25.17 6.74 41.01
CA ARG A 87 -24.61 7.68 41.96
C ARG A 87 -25.35 9.02 41.91
N ALA A 88 -25.58 9.51 40.69
CA ALA A 88 -26.28 10.77 40.51
C ALA A 88 -27.69 10.72 41.08
N ILE A 89 -28.38 9.61 40.85
CA ILE A 89 -29.73 9.43 41.34
C ILE A 89 -29.77 9.40 42.87
N ARG A 90 -28.68 8.91 43.46
CA ARG A 90 -28.59 8.83 44.92
C ARG A 90 -28.30 10.20 45.52
N HIS A 91 -27.47 10.98 44.84
CA HIS A 91 -27.12 12.31 45.30
C HIS A 91 -28.30 13.27 45.16
N ILE A 92 -29.11 13.05 44.14
CA ILE A 92 -30.27 13.89 43.89
C ILE A 92 -31.42 13.08 43.30
N PRO A 93 -32.65 13.40 43.74
CA PRO A 93 -33.86 12.71 43.26
C PRO A 93 -34.18 13.02 41.81
N ARG A 94 -34.26 11.98 40.99
CA ARG A 94 -34.55 12.14 39.57
C ARG A 94 -34.82 10.79 38.91
N ARG A 95 -35.34 10.83 37.69
CA ARG A 95 -35.64 9.61 36.95
C ARG A 95 -34.89 9.58 35.62
N ILE A 96 -33.56 9.64 35.70
CA ILE A 96 -32.73 9.61 34.50
C ILE A 96 -32.59 8.19 33.96
N ARG A 97 -32.75 7.22 34.84
CA ARG A 97 -32.64 5.81 34.45
C ARG A 97 -33.62 5.48 33.33
N GLN A 98 -34.71 6.25 33.26
CA GLN A 98 -35.71 6.04 32.23
C GLN A 98 -35.09 5.99 30.85
N GLY A 99 -34.08 6.83 30.62
CA GLY A 99 -33.40 6.87 29.34
C GLY A 99 -32.67 5.58 29.04
N LEU A 100 -31.80 5.17 29.95
CA LEU A 100 -31.02 3.95 29.77
C LEU A 100 -31.94 2.75 29.54
N GLU A 101 -32.98 2.64 30.35
CA GLU A 101 -33.93 1.55 30.25
C GLU A 101 -34.74 1.66 28.96
N ARG A 102 -35.07 2.89 28.59
CA ARG A 102 -35.85 3.14 27.38
C ARG A 102 -35.13 2.60 26.15
N ILE A 103 -33.85 2.91 26.03
CA ILE A 103 -33.05 2.45 24.91
C ILE A 103 -32.73 0.96 25.03
N LEU A 104 -32.58 0.50 26.26
CA LEU A 104 -32.27 -0.91 26.51
C LEU A 104 -33.41 -1.80 26.05
N LEU A 105 -34.63 -1.30 26.17
CA LEU A 105 -35.81 -2.06 25.76
C LEU A 105 -37.01 -1.14 25.56
N SER A 1 21.40 -32.07 -51.64
CA SER A 1 21.65 -30.65 -51.44
C SER A 1 22.34 -30.40 -50.11
N LEU A 2 23.14 -31.37 -49.67
CA LEU A 2 23.86 -31.26 -48.41
C LEU A 2 24.66 -29.97 -48.34
N ALA A 3 25.36 -29.65 -49.43
CA ALA A 3 26.16 -28.44 -49.51
C ALA A 3 25.28 -27.20 -49.42
N LEU A 4 24.07 -27.29 -49.97
CA LEU A 4 23.14 -26.17 -49.95
C LEU A 4 22.65 -25.89 -48.53
N ILE A 5 22.11 -26.92 -47.89
CA ILE A 5 21.61 -26.79 -46.53
C ILE A 5 22.71 -26.36 -45.57
N TRP A 6 23.92 -26.89 -45.79
CA TRP A 6 25.06 -26.57 -44.96
C TRP A 6 25.44 -25.10 -45.09
N ASP A 7 25.61 -24.65 -46.33
CA ASP A 7 25.97 -23.26 -46.59
C ASP A 7 24.95 -22.30 -45.97
N ASP A 8 23.66 -22.61 -46.16
CA ASP A 8 22.60 -21.77 -45.61
C ASP A 8 22.65 -21.75 -44.09
N LEU A 9 22.88 -22.91 -43.49
CA LEU A 9 22.95 -23.03 -42.03
C LEU A 9 24.06 -22.14 -41.48
N ARG A 10 25.24 -22.21 -42.09
CA ARG A 10 26.38 -21.41 -41.66
C ARG A 10 26.08 -19.92 -41.80
N SER A 11 25.62 -19.53 -42.98
CA SER A 11 25.31 -18.13 -43.24
C SER A 11 24.38 -17.58 -42.17
N LEU A 12 23.24 -18.24 -41.95
CA LEU A 12 22.28 -17.81 -40.96
C LEU A 12 22.89 -17.81 -39.57
N CYS A 13 23.73 -18.80 -39.29
CA CYS A 13 24.39 -18.92 -38.00
C CYS A 13 25.21 -17.67 -37.70
N LEU A 14 26.23 -17.44 -38.52
CA LEU A 14 27.11 -16.28 -38.35
C LEU A 14 26.32 -14.98 -38.43
N PHE A 15 25.53 -14.86 -39.49
CA PHE A 15 24.71 -13.66 -39.71
C PHE A 15 23.89 -13.34 -38.46
N SER A 16 23.12 -14.33 -37.99
CA SER A 16 22.28 -14.15 -36.81
C SER A 16 23.12 -13.75 -35.61
N TYR A 17 24.26 -14.41 -35.44
CA TYR A 17 25.15 -14.13 -34.31
C TYR A 17 25.63 -12.67 -34.36
N HIS A 18 26.32 -12.32 -35.44
CA HIS A 18 26.84 -10.96 -35.60
C HIS A 18 25.71 -9.93 -35.48
N ARG A 19 24.56 -10.25 -36.08
CA ARG A 19 23.42 -9.34 -36.03
C ARG A 19 22.94 -9.14 -34.60
N LEU A 20 22.59 -10.25 -33.93
CA LEU A 20 22.11 -10.20 -32.56
C LEU A 20 23.06 -9.37 -31.69
N ARG A 21 24.35 -9.69 -31.75
CA ARG A 21 25.36 -8.99 -30.97
C ARG A 21 25.44 -7.52 -31.41
N ASP A 22 25.19 -7.27 -32.68
CA ASP A 22 25.23 -5.91 -33.22
C ASP A 22 24.19 -5.03 -32.57
N LEU A 23 22.93 -5.42 -32.68
CA LEU A 23 21.82 -4.66 -32.10
C LEU A 23 21.97 -4.55 -30.59
N LEU A 24 22.27 -5.67 -29.95
CA LEU A 24 22.44 -5.71 -28.51
C LEU A 24 23.59 -4.81 -28.07
N LEU A 25 24.61 -4.70 -28.94
CA LEU A 25 25.77 -3.87 -28.64
C LEU A 25 25.41 -2.40 -28.67
N ILE A 26 24.93 -1.92 -29.83
CA ILE A 26 24.54 -0.53 -29.98
C ILE A 26 23.55 -0.11 -28.90
N VAL A 27 22.60 -1.00 -28.60
CA VAL A 27 21.59 -0.72 -27.58
C VAL A 27 22.23 -0.59 -26.21
N THR A 28 22.84 -1.68 -25.73
CA THR A 28 23.48 -1.68 -24.42
C THR A 28 24.47 -0.53 -24.29
N ARG A 29 25.03 -0.11 -25.41
CA ARG A 29 26.00 0.98 -25.43
C ARG A 29 25.31 2.31 -25.13
N ILE A 30 24.34 2.67 -25.97
CA ILE A 30 23.61 3.93 -25.79
C ILE A 30 22.92 3.97 -24.44
N VAL A 31 22.52 2.81 -23.95
CA VAL A 31 21.85 2.72 -22.65
C VAL A 31 22.83 2.96 -21.51
N GLU A 32 23.96 2.27 -21.54
CA GLU A 32 24.97 2.42 -20.50
C GLU A 32 25.56 3.83 -20.50
N LEU A 33 25.64 4.42 -21.70
CA LEU A 33 26.18 5.77 -21.85
C LEU A 33 25.17 6.81 -21.35
N LEU A 34 23.91 6.64 -21.72
CA LEU A 34 22.87 7.56 -21.31
C LEU A 34 22.51 7.37 -19.84
N GLY A 35 22.81 6.19 -19.31
CA GLY A 35 22.51 5.89 -17.92
C GLY A 35 23.08 6.93 -16.98
N ARG A 36 24.16 7.59 -17.40
CA ARG A 36 24.79 8.62 -16.58
C ARG A 36 23.77 9.66 -16.13
N ARG A 37 22.89 10.06 -17.05
CA ARG A 37 21.86 11.05 -16.75
C ARG A 37 20.51 10.39 -16.57
N GLY A 38 20.33 9.23 -17.20
CA GLY A 38 19.07 8.52 -17.10
C GLY A 38 18.74 8.12 -15.67
N TRP A 39 19.76 8.12 -14.81
CA TRP A 39 19.57 7.75 -13.41
C TRP A 39 18.45 8.56 -12.78
N GLU A 40 18.49 9.88 -12.97
CA GLU A 40 17.48 10.76 -12.41
C GLU A 40 16.07 10.29 -12.80
N ALA A 41 15.83 10.19 -14.11
CA ALA A 41 14.53 9.75 -14.61
C ALA A 41 14.10 8.45 -13.94
N LEU A 42 14.99 7.46 -13.96
CA LEU A 42 14.70 6.16 -13.36
C LEU A 42 14.17 6.33 -11.94
N LYS A 43 14.97 6.95 -11.08
CA LYS A 43 14.58 7.18 -9.70
C LYS A 43 13.20 7.82 -9.62
N TYR A 44 12.96 8.80 -10.46
CA TYR A 44 11.67 9.50 -10.50
C TYR A 44 10.52 8.51 -10.67
N TRP A 45 10.53 7.81 -11.80
CA TRP A 45 9.49 6.83 -12.09
C TRP A 45 9.26 5.90 -10.90
N TRP A 46 10.35 5.42 -10.32
CA TRP A 46 10.27 4.52 -9.17
C TRP A 46 9.68 5.24 -7.96
N ASN A 47 9.98 6.52 -7.83
CA ASN A 47 9.48 7.32 -6.72
C ASN A 47 7.97 7.49 -6.81
N LEU A 48 7.50 8.02 -7.94
CA LEU A 48 6.08 8.23 -8.15
C LEU A 48 5.30 6.93 -8.02
N LEU A 49 5.75 5.91 -8.74
CA LEU A 49 5.11 4.60 -8.70
C LEU A 49 5.02 4.07 -7.27
N GLN A 50 6.18 3.92 -6.63
CA GLN A 50 6.23 3.43 -5.26
C GLN A 50 5.35 4.28 -4.34
N TYR A 51 5.26 5.56 -4.63
CA TYR A 51 4.45 6.48 -3.84
C TYR A 51 2.98 6.09 -3.88
N TRP A 52 2.42 6.07 -5.09
CA TRP A 52 1.02 5.71 -5.28
C TRP A 52 0.74 4.31 -4.73
N SER A 53 1.59 3.36 -5.09
CA SER A 53 1.43 1.99 -4.64
C SER A 53 1.28 1.92 -3.12
N GLN A 54 2.31 2.39 -2.41
CA GLN A 54 2.29 2.38 -0.96
C GLN A 54 1.09 3.18 -0.42
N GLU A 55 0.72 4.23 -1.14
CA GLU A 55 -0.40 5.06 -0.75
C GLU A 55 -1.69 4.25 -0.67
N LEU A 56 -1.98 3.50 -1.73
CA LEU A 56 -3.18 2.68 -1.79
C LEU A 56 -3.09 1.53 -0.80
N LYS A 57 -1.89 1.00 -0.61
CA LYS A 57 -1.67 -0.10 0.32
C LYS A 57 -1.90 0.34 1.75
N ASN A 58 -1.13 1.32 2.20
CA ASN A 58 -1.24 1.85 3.55
C ASN A 58 -2.67 2.32 3.83
N SER A 59 -3.23 3.06 2.87
CA SER A 59 -4.58 3.58 3.01
C SER A 59 -5.60 2.44 3.11
N ALA A 60 -5.54 1.52 2.16
CA ALA A 60 -6.45 0.39 2.14
C ALA A 60 -6.47 -0.33 3.50
N VAL A 61 -5.30 -0.68 3.99
CA VAL A 61 -5.18 -1.37 5.27
C VAL A 61 -5.69 -0.48 6.41
N ASN A 62 -5.42 0.81 6.31
CA ASN A 62 -5.84 1.76 7.33
C ASN A 62 -7.37 1.88 7.37
N LEU A 63 -7.98 1.80 6.19
CA LEU A 63 -9.43 1.89 6.08
C LEU A 63 -10.11 0.65 6.65
N LEU A 64 -9.55 -0.51 6.32
CA LEU A 64 -10.10 -1.78 6.79
C LEU A 64 -10.01 -1.88 8.32
N ASN A 65 -8.82 -1.63 8.85
CA ASN A 65 -8.61 -1.68 10.30
C ASN A 65 -9.50 -0.68 11.01
N ALA A 66 -9.36 0.59 10.67
CA ALA A 66 -10.16 1.64 11.28
C ALA A 66 -11.64 1.29 11.26
N THR A 67 -12.11 0.76 10.13
CA THR A 67 -13.50 0.39 9.98
C THR A 67 -13.88 -0.73 10.96
N ALA A 68 -12.99 -1.68 11.13
CA ALA A 68 -13.22 -2.79 12.04
C ALA A 68 -13.23 -2.32 13.49
N ILE A 69 -12.42 -1.32 13.79
CA ILE A 69 -12.34 -0.77 15.14
C ILE A 69 -13.59 0.02 15.49
N ALA A 70 -14.16 0.70 14.48
CA ALA A 70 -15.36 1.49 14.69
C ALA A 70 -16.61 0.63 14.58
N VAL A 71 -16.51 -0.48 13.86
CA VAL A 71 -17.64 -1.38 13.69
C VAL A 71 -17.70 -2.40 14.83
N ALA A 72 -16.55 -2.68 15.44
CA ALA A 72 -16.47 -3.63 16.54
C ALA A 72 -16.93 -2.98 17.84
N GLU A 73 -16.82 -1.66 17.92
CA GLU A 73 -17.21 -0.93 19.12
C GLU A 73 -18.64 -0.41 18.99
N GLY A 74 -19.39 -0.98 18.04
CA GLY A 74 -20.76 -0.56 17.83
C GLY A 74 -21.58 -0.60 19.11
N THR A 75 -22.16 -1.76 19.40
CA THR A 75 -22.97 -1.93 20.59
C THR A 75 -22.15 -1.69 21.86
N ASP A 76 -20.83 -1.75 21.72
CA ASP A 76 -19.93 -1.55 22.85
C ASP A 76 -20.27 -0.25 23.59
N ARG A 77 -20.67 0.76 22.83
CA ARG A 77 -21.03 2.05 23.41
C ARG A 77 -22.24 1.92 24.32
N VAL A 78 -23.35 1.46 23.76
CA VAL A 78 -24.58 1.29 24.52
C VAL A 78 -24.35 0.43 25.76
N ILE A 79 -23.56 -0.63 25.60
CA ILE A 79 -23.26 -1.52 26.71
C ILE A 79 -22.38 -0.84 27.75
N GLU A 80 -21.48 0.03 27.27
CA GLU A 80 -20.59 0.75 28.17
C GLU A 80 -21.36 1.76 29.02
N VAL A 81 -22.23 2.54 28.38
CA VAL A 81 -23.02 3.54 29.08
C VAL A 81 -24.03 2.87 30.00
N LEU A 82 -24.61 1.77 29.56
CA LEU A 82 -25.60 1.04 30.35
C LEU A 82 -24.95 0.41 31.58
N GLN A 83 -23.75 -0.15 31.40
CA GLN A 83 -23.03 -0.78 32.48
C GLN A 83 -22.62 0.25 33.54
N ALA A 84 -21.95 1.31 33.10
CA ALA A 84 -21.51 2.35 34.00
C ALA A 84 -22.69 2.98 34.74
N ALA A 85 -23.71 3.37 33.98
CA ALA A 85 -24.90 3.99 34.57
C ALA A 85 -25.53 3.08 35.61
N TYR A 86 -25.92 1.88 35.20
CA TYR A 86 -26.52 0.91 36.12
C TYR A 86 -25.61 0.64 37.31
N ARG A 87 -24.32 0.53 37.04
CA ARG A 87 -23.34 0.27 38.10
C ARG A 87 -23.43 1.31 39.19
N ALA A 88 -23.41 2.59 38.80
CA ALA A 88 -23.48 3.69 39.76
C ALA A 88 -24.83 3.69 40.47
N ILE A 89 -25.90 3.42 39.72
CA ILE A 89 -27.24 3.40 40.29
C ILE A 89 -27.35 2.36 41.39
N ARG A 90 -26.72 1.21 41.20
CA ARG A 90 -26.75 0.14 42.17
C ARG A 90 -25.69 0.36 43.26
N HIS A 91 -24.64 1.08 42.91
CA HIS A 91 -23.55 1.38 43.84
C HIS A 91 -24.00 2.40 44.88
N ILE A 92 -24.88 3.31 44.47
CA ILE A 92 -25.37 4.35 45.36
C ILE A 92 -26.85 4.64 45.09
N PRO A 93 -27.73 3.75 45.57
CA PRO A 93 -29.18 3.90 45.39
C PRO A 93 -29.75 5.05 46.21
N ARG A 94 -29.36 5.12 47.48
CA ARG A 94 -29.83 6.17 48.37
C ARG A 94 -29.58 7.55 47.77
N ARG A 95 -30.64 8.17 47.25
CA ARG A 95 -30.53 9.49 46.64
C ARG A 95 -31.90 10.00 46.22
N ILE A 96 -32.76 9.09 45.74
CA ILE A 96 -34.09 9.45 45.30
C ILE A 96 -34.86 10.19 46.39
N ARG A 97 -34.43 9.99 47.64
CA ARG A 97 -35.08 10.64 48.78
C ARG A 97 -34.90 12.15 48.72
N GLN A 98 -33.64 12.60 48.79
CA GLN A 98 -33.34 14.02 48.75
C GLN A 98 -33.90 14.66 47.49
N GLY A 99 -33.76 13.96 46.37
CA GLY A 99 -34.27 14.47 45.10
C GLY A 99 -35.77 14.60 45.08
N LEU A 100 -36.46 13.52 45.47
CA LEU A 100 -37.91 13.52 45.50
C LEU A 100 -38.45 14.64 46.37
N GLU A 101 -37.85 14.81 47.55
CA GLU A 101 -38.26 15.86 48.47
C GLU A 101 -37.83 17.23 47.98
N ARG A 102 -36.74 17.27 47.23
CA ARG A 102 -36.21 18.52 46.70
C ARG A 102 -37.09 19.04 45.57
N ILE A 103 -37.51 18.13 44.69
CA ILE A 103 -38.36 18.51 43.56
C ILE A 103 -39.78 18.80 44.03
N LEU A 104 -40.18 18.21 45.16
CA LEU A 104 -41.51 18.40 45.70
C LEU A 104 -41.74 19.87 46.06
N LEU A 105 -40.70 20.51 46.60
CA LEU A 105 -40.79 21.91 46.99
C LEU A 105 -42.01 22.17 47.88
N SER A 1 32.53 -16.55 -60.72
CA SER A 1 31.13 -16.70 -60.37
C SER A 1 30.99 -17.30 -58.98
N LEU A 2 31.74 -18.36 -58.72
CA LEU A 2 31.70 -19.03 -57.42
C LEU A 2 31.91 -18.04 -56.28
N ALA A 3 32.71 -17.01 -56.55
CA ALA A 3 32.98 -15.98 -55.55
C ALA A 3 31.72 -15.19 -55.20
N LEU A 4 31.07 -14.65 -56.22
CA LEU A 4 29.85 -13.87 -56.02
C LEU A 4 28.77 -14.72 -55.33
N ILE A 5 28.61 -15.95 -55.79
CA ILE A 5 27.62 -16.85 -55.22
C ILE A 5 27.91 -17.11 -53.73
N TRP A 6 29.18 -17.39 -53.42
CA TRP A 6 29.59 -17.66 -52.05
C TRP A 6 29.27 -16.47 -51.15
N ASP A 7 29.72 -15.29 -51.55
CA ASP A 7 29.48 -14.08 -50.78
C ASP A 7 27.98 -13.87 -50.53
N ASP A 8 27.20 -13.96 -51.60
CA ASP A 8 25.75 -13.79 -51.50
C ASP A 8 25.15 -14.82 -50.55
N LEU A 9 25.48 -16.09 -50.76
CA LEU A 9 24.96 -17.17 -49.93
C LEU A 9 25.27 -16.91 -48.45
N ARG A 10 26.55 -16.78 -48.13
CA ARG A 10 26.97 -16.53 -46.75
C ARG A 10 26.27 -15.29 -46.19
N SER A 11 26.32 -14.20 -46.94
CA SER A 11 25.69 -12.95 -46.53
C SER A 11 24.23 -13.17 -46.17
N LEU A 12 23.53 -13.93 -47.01
CA LEU A 12 22.12 -14.22 -46.78
C LEU A 12 21.91 -14.97 -45.47
N CYS A 13 22.60 -16.11 -45.33
CA CYS A 13 22.49 -16.92 -44.13
C CYS A 13 22.83 -16.09 -42.89
N LEU A 14 24.04 -15.55 -42.85
CA LEU A 14 24.49 -14.74 -41.73
C LEU A 14 23.48 -13.63 -41.41
N PHE A 15 22.92 -13.05 -42.47
CA PHE A 15 21.94 -11.97 -42.32
C PHE A 15 20.72 -12.46 -41.54
N SER A 16 20.14 -13.56 -42.00
CA SER A 16 18.96 -14.14 -41.36
C SER A 16 19.24 -14.47 -39.91
N TYR A 17 20.29 -15.25 -39.67
CA TYR A 17 20.66 -15.64 -38.32
C TYR A 17 20.90 -14.42 -37.44
N HIS A 18 21.78 -13.54 -37.90
CA HIS A 18 22.10 -12.32 -37.15
C HIS A 18 20.82 -11.55 -36.80
N ARG A 19 19.89 -11.49 -37.75
CA ARG A 19 18.63 -10.79 -37.54
C ARG A 19 17.84 -11.42 -36.40
N LEU A 20 17.54 -12.71 -36.54
CA LEU A 20 16.78 -13.43 -35.53
C LEU A 20 17.38 -13.21 -34.14
N ARG A 21 18.68 -13.41 -34.02
CA ARG A 21 19.37 -13.23 -32.75
C ARG A 21 19.31 -11.78 -32.29
N ASP A 22 19.29 -10.86 -33.26
CA ASP A 22 19.22 -9.43 -32.96
C ASP A 22 17.91 -9.09 -32.25
N LEU A 23 16.80 -9.38 -32.90
CA LEU A 23 15.49 -9.10 -32.32
C LEU A 23 15.30 -9.83 -31.01
N LEU A 24 15.63 -11.12 -31.00
CA LEU A 24 15.50 -11.93 -29.79
C LEU A 24 16.39 -11.39 -28.66
N LEU A 25 17.51 -10.80 -29.04
CA LEU A 25 18.44 -10.23 -28.07
C LEU A 25 17.84 -9.00 -27.40
N ILE A 26 17.56 -7.98 -28.20
CA ILE A 26 16.98 -6.75 -27.69
C ILE A 26 15.73 -7.03 -26.86
N VAL A 27 14.89 -7.92 -27.36
CA VAL A 27 13.65 -8.29 -26.68
C VAL A 27 13.95 -8.93 -25.32
N THR A 28 14.62 -10.08 -25.35
CA THR A 28 14.96 -10.79 -24.12
C THR A 28 15.68 -9.87 -23.13
N ARG A 29 16.62 -9.08 -23.64
CA ARG A 29 17.37 -8.16 -22.80
C ARG A 29 16.44 -7.22 -22.05
N ILE A 30 15.57 -6.54 -22.80
CA ILE A 30 14.62 -5.61 -22.21
C ILE A 30 13.69 -6.31 -21.23
N VAL A 31 13.22 -7.50 -21.62
CA VAL A 31 12.32 -8.28 -20.78
C VAL A 31 12.94 -8.54 -19.41
N GLU A 32 14.22 -8.90 -19.40
CA GLU A 32 14.93 -9.19 -18.15
C GLU A 32 15.37 -7.89 -17.47
N LEU A 33 15.53 -6.84 -18.27
CA LEU A 33 15.94 -5.55 -17.74
C LEU A 33 14.78 -4.82 -17.09
N LEU A 34 13.56 -5.20 -17.48
CA LEU A 34 12.36 -4.59 -16.92
C LEU A 34 12.11 -5.07 -15.50
N GLY A 35 12.67 -6.22 -15.15
CA GLY A 35 12.50 -6.76 -13.82
C GLY A 35 12.87 -5.76 -12.74
N ARG A 36 13.78 -4.85 -13.07
CA ARG A 36 14.21 -3.83 -12.11
C ARG A 36 13.03 -3.00 -11.62
N ARG A 37 11.98 -2.94 -12.44
CA ARG A 37 10.78 -2.17 -12.10
C ARG A 37 10.27 -2.57 -10.71
N GLY A 38 10.49 -3.83 -10.34
CA GLY A 38 10.04 -4.30 -9.05
C GLY A 38 10.54 -3.44 -7.90
N TRP A 39 11.67 -2.77 -8.12
CA TRP A 39 12.26 -1.91 -7.10
C TRP A 39 11.32 -0.76 -6.74
N GLU A 40 10.90 0.00 -7.75
CA GLU A 40 10.01 1.12 -7.53
C GLU A 40 8.77 0.69 -6.75
N ALA A 41 8.08 -0.33 -7.27
CA ALA A 41 6.88 -0.85 -6.62
C ALA A 41 7.14 -1.15 -5.14
N LEU A 42 8.17 -1.94 -4.87
CA LEU A 42 8.52 -2.29 -3.50
C LEU A 42 8.63 -1.05 -2.63
N LYS A 43 9.47 -0.11 -3.04
CA LYS A 43 9.66 1.13 -2.29
C LYS A 43 8.32 1.81 -2.00
N TYR A 44 7.44 1.83 -3.00
CA TYR A 44 6.12 2.44 -2.84
C TYR A 44 5.35 1.78 -1.70
N TRP A 45 5.22 0.46 -1.78
CA TRP A 45 4.50 -0.29 -0.75
C TRP A 45 5.04 0.03 0.64
N TRP A 46 6.36 -0.01 0.78
CA TRP A 46 7.00 0.27 2.06
C TRP A 46 6.73 1.71 2.50
N ASN A 47 7.11 2.66 1.65
CA ASN A 47 6.92 4.07 1.95
C ASN A 47 5.47 4.34 2.36
N LEU A 48 4.53 3.85 1.56
CA LEU A 48 3.11 4.03 1.84
C LEU A 48 2.73 3.43 3.18
N LEU A 49 3.20 2.21 3.44
CA LEU A 49 2.92 1.53 4.69
C LEU A 49 3.30 2.40 5.89
N GLN A 50 4.58 2.77 5.96
CA GLN A 50 5.07 3.61 7.05
C GLN A 50 4.40 4.97 7.04
N TYR A 51 4.10 5.46 5.84
CA TYR A 51 3.46 6.77 5.68
C TYR A 51 2.08 6.77 6.35
N TRP A 52 1.20 5.90 5.88
CA TRP A 52 -0.14 5.80 6.43
C TRP A 52 -0.11 5.50 7.92
N SER A 53 0.70 4.53 8.31
CA SER A 53 0.83 4.14 9.71
C SER A 53 1.13 5.35 10.58
N GLN A 54 2.25 6.00 10.32
CA GLN A 54 2.66 7.18 11.08
C GLN A 54 1.59 8.27 10.99
N GLU A 55 0.91 8.36 9.85
CA GLU A 55 -0.13 9.35 9.65
C GLU A 55 -1.24 9.18 10.67
N LEU A 56 -1.74 7.96 10.81
CA LEU A 56 -2.81 7.67 11.75
C LEU A 56 -2.33 7.81 13.19
N LYS A 57 -1.08 7.44 13.42
CA LYS A 57 -0.48 7.52 14.75
C LYS A 57 -0.34 8.98 15.19
N ASN A 58 0.42 9.75 14.42
CA ASN A 58 0.64 11.16 14.72
C ASN A 58 -0.70 11.90 14.82
N SER A 59 -1.58 11.64 13.87
CA SER A 59 -2.89 12.28 13.84
C SER A 59 -3.71 11.91 15.07
N ALA A 60 -3.81 10.61 15.33
CA ALA A 60 -4.57 10.12 16.48
C ALA A 60 -4.13 10.81 17.77
N VAL A 61 -2.83 10.81 18.02
CA VAL A 61 -2.27 11.44 19.21
C VAL A 61 -2.52 12.94 19.21
N ASN A 62 -2.44 13.55 18.03
CA ASN A 62 -2.65 14.98 17.88
C ASN A 62 -4.11 15.34 18.18
N LEU A 63 -5.02 14.46 17.79
CA LEU A 63 -6.45 14.69 18.01
C LEU A 63 -6.79 14.55 19.49
N LEU A 64 -6.24 13.53 20.13
CA LEU A 64 -6.49 13.30 21.55
C LEU A 64 -5.97 14.45 22.40
N ASN A 65 -4.70 14.82 22.17
CA ASN A 65 -4.08 15.91 22.91
C ASN A 65 -4.84 17.23 22.68
N ALA A 66 -4.93 17.63 21.42
CA ALA A 66 -5.63 18.86 21.06
C ALA A 66 -7.01 18.91 21.70
N THR A 67 -7.72 17.79 21.67
CA THR A 67 -9.06 17.71 22.23
C THR A 67 -9.03 17.93 23.75
N ALA A 68 -8.03 17.36 24.40
CA ALA A 68 -7.89 17.50 25.85
C ALA A 68 -7.60 18.94 26.23
N ILE A 69 -6.78 19.62 25.43
CA ILE A 69 -6.43 21.01 25.68
C ILE A 69 -7.63 21.92 25.48
N ALA A 70 -8.47 21.59 24.50
CA ALA A 70 -9.65 22.38 24.20
C ALA A 70 -10.77 22.09 25.20
N VAL A 71 -10.77 20.88 25.74
CA VAL A 71 -11.78 20.47 26.71
C VAL A 71 -11.38 20.87 28.13
N ALA A 72 -10.08 21.01 28.36
CA ALA A 72 -9.56 21.39 29.66
C ALA A 72 -9.93 22.83 29.99
N GLU A 73 -10.16 23.63 28.95
CA GLU A 73 -10.52 25.04 29.13
C GLU A 73 -12.03 25.22 29.16
N GLY A 74 -12.74 24.12 29.37
CA GLY A 74 -14.20 24.17 29.42
C GLY A 74 -14.81 22.87 29.88
N THR A 75 -15.28 22.85 31.13
CA THR A 75 -15.90 21.66 31.69
C THR A 75 -17.21 21.33 31.00
N ASP A 76 -17.76 22.31 30.30
CA ASP A 76 -19.02 22.14 29.57
C ASP A 76 -18.97 20.90 28.69
N ARG A 77 -17.93 20.81 27.86
CA ARG A 77 -17.76 19.69 26.95
C ARG A 77 -17.85 18.37 27.70
N VAL A 78 -17.08 18.25 28.77
CA VAL A 78 -17.07 17.04 29.58
C VAL A 78 -18.46 16.73 30.12
N ILE A 79 -19.19 17.78 30.50
CA ILE A 79 -20.54 17.62 31.03
C ILE A 79 -21.50 17.11 29.97
N GLU A 80 -21.53 17.81 28.82
CA GLU A 80 -22.40 17.41 27.73
C GLU A 80 -22.13 15.98 27.28
N VAL A 81 -20.85 15.61 27.30
CA VAL A 81 -20.43 14.27 26.91
C VAL A 81 -20.80 13.25 27.97
N LEU A 82 -20.22 13.41 29.16
CA LEU A 82 -20.48 12.51 30.27
C LEU A 82 -21.98 12.33 30.49
N GLN A 83 -22.72 13.42 30.37
CA GLN A 83 -24.18 13.38 30.55
C GLN A 83 -24.85 12.64 29.41
N ALA A 84 -24.59 13.10 28.18
CA ALA A 84 -25.17 12.48 26.99
C ALA A 84 -24.92 10.98 26.98
N ALA A 85 -23.66 10.59 27.17
CA ALA A 85 -23.29 9.19 27.17
C ALA A 85 -23.97 8.44 28.32
N TYR A 86 -23.78 8.94 29.54
CA TYR A 86 -24.38 8.31 30.72
C TYR A 86 -25.87 8.11 30.52
N ARG A 87 -26.58 9.19 30.25
CA ARG A 87 -28.02 9.14 30.04
C ARG A 87 -28.39 8.11 28.97
N ALA A 88 -27.66 8.15 27.86
CA ALA A 88 -27.89 7.22 26.77
C ALA A 88 -27.75 5.78 27.23
N ILE A 89 -26.56 5.41 27.69
CA ILE A 89 -26.29 4.06 28.16
C ILE A 89 -27.19 3.71 29.34
N ARG A 90 -27.77 4.73 29.96
CA ARG A 90 -28.64 4.53 31.11
C ARG A 90 -30.00 4.00 30.66
N HIS A 91 -30.68 4.76 29.80
CA HIS A 91 -31.98 4.37 29.29
C HIS A 91 -31.84 3.45 28.08
N ILE A 92 -30.61 3.16 27.70
CA ILE A 92 -30.33 2.30 26.56
C ILE A 92 -31.15 1.02 26.63
N PRO A 93 -31.82 0.68 25.52
CA PRO A 93 -32.65 -0.53 25.43
C PRO A 93 -31.81 -1.80 25.44
N ARG A 94 -31.36 -2.21 26.62
CA ARG A 94 -30.56 -3.42 26.76
C ARG A 94 -30.84 -4.11 28.10
N ARG A 95 -30.16 -5.23 28.33
CA ARG A 95 -30.33 -5.98 29.56
C ARG A 95 -29.26 -5.60 30.58
N ILE A 96 -29.49 -5.98 31.84
CA ILE A 96 -28.54 -5.68 32.91
C ILE A 96 -27.16 -6.25 32.60
N ARG A 97 -27.14 -7.35 31.84
CA ARG A 97 -25.89 -8.00 31.47
C ARG A 97 -24.96 -7.03 30.75
N GLN A 98 -25.56 -6.02 30.10
CA GLN A 98 -24.79 -5.02 29.37
C GLN A 98 -23.69 -4.42 30.25
N GLY A 99 -24.10 -3.85 31.37
CA GLY A 99 -23.14 -3.25 32.29
C GLY A 99 -22.24 -4.28 32.94
N LEU A 100 -22.81 -5.40 33.33
CA LEU A 100 -22.05 -6.47 33.98
C LEU A 100 -20.83 -6.84 33.15
N GLU A 101 -21.02 -6.94 31.84
CA GLU A 101 -19.94 -7.28 30.94
C GLU A 101 -19.15 -6.04 30.53
N ARG A 102 -19.84 -4.92 30.41
CA ARG A 102 -19.21 -3.66 30.03
C ARG A 102 -18.02 -3.34 30.94
N ILE A 103 -18.25 -3.47 32.25
CA ILE A 103 -17.20 -3.20 33.22
C ILE A 103 -16.17 -4.32 33.26
N LEU A 104 -16.50 -5.44 32.63
CA LEU A 104 -15.61 -6.60 32.58
C LEU A 104 -14.65 -6.49 31.38
N LEU A 105 -15.18 -6.04 30.25
CA LEU A 105 -14.38 -5.89 29.04
C LEU A 105 -15.14 -5.10 27.98
N SER A 1 1.19 -26.78 -44.22
CA SER A 1 0.87 -27.00 -42.82
C SER A 1 2.15 -27.23 -42.01
N LEU A 2 2.79 -28.36 -42.24
CA LEU A 2 4.02 -28.70 -41.53
C LEU A 2 5.04 -27.55 -41.62
N ALA A 3 5.41 -27.19 -42.84
CA ALA A 3 6.36 -26.11 -43.06
C ALA A 3 5.93 -24.84 -42.35
N LEU A 4 4.63 -24.55 -42.40
CA LEU A 4 4.08 -23.36 -41.76
C LEU A 4 4.40 -23.35 -40.26
N ILE A 5 4.08 -24.45 -39.59
CA ILE A 5 4.35 -24.57 -38.16
C ILE A 5 5.83 -24.44 -37.86
N TRP A 6 6.64 -25.26 -38.52
CA TRP A 6 8.08 -25.24 -38.32
C TRP A 6 8.63 -23.82 -38.50
N ASP A 7 8.34 -23.23 -39.65
CA ASP A 7 8.81 -21.87 -39.94
C ASP A 7 8.43 -20.92 -38.83
N ASP A 8 7.12 -20.81 -38.57
CA ASP A 8 6.62 -19.92 -37.52
C ASP A 8 7.34 -20.17 -36.20
N LEU A 9 7.66 -21.44 -35.94
CA LEU A 9 8.36 -21.81 -34.71
C LEU A 9 9.75 -21.20 -34.66
N ARG A 10 10.58 -21.55 -35.64
CA ARG A 10 11.94 -21.03 -35.70
C ARG A 10 11.95 -19.51 -35.61
N SER A 11 11.05 -18.87 -36.35
CA SER A 11 10.96 -17.41 -36.35
C SER A 11 10.69 -16.88 -34.95
N LEU A 12 9.60 -17.34 -34.33
CA LEU A 12 9.24 -16.91 -32.99
C LEU A 12 10.39 -17.12 -32.02
N CYS A 13 11.13 -18.22 -32.22
CA CYS A 13 12.27 -18.53 -31.36
C CYS A 13 13.34 -17.46 -31.47
N LEU A 14 13.91 -17.32 -32.66
CA LEU A 14 14.95 -16.33 -32.90
C LEU A 14 14.48 -14.93 -32.52
N PHE A 15 13.30 -14.57 -32.97
CA PHE A 15 12.73 -13.27 -32.67
C PHE A 15 12.60 -13.05 -31.16
N SER A 16 12.10 -14.07 -30.47
CA SER A 16 11.92 -14.00 -29.02
C SER A 16 13.26 -13.74 -28.33
N TYR A 17 14.28 -14.50 -28.72
CA TYR A 17 15.61 -14.35 -28.13
C TYR A 17 16.15 -12.94 -28.34
N HIS A 18 16.24 -12.54 -29.60
CA HIS A 18 16.74 -11.21 -29.94
C HIS A 18 15.91 -10.13 -29.24
N ARG A 19 14.60 -10.31 -29.21
CA ARG A 19 13.72 -9.35 -28.57
C ARG A 19 14.01 -9.24 -27.09
N LEU A 20 13.92 -10.36 -26.39
CA LEU A 20 14.17 -10.40 -24.95
C LEU A 20 15.50 -9.71 -24.61
N ARG A 21 16.55 -10.09 -25.32
CA ARG A 21 17.87 -9.52 -25.10
C ARG A 21 17.87 -8.03 -25.45
N ASP A 22 17.07 -7.65 -26.42
CA ASP A 22 16.97 -6.26 -26.85
C ASP A 22 16.45 -5.38 -25.71
N LEU A 23 15.26 -5.70 -25.23
CA LEU A 23 14.64 -4.93 -24.15
C LEU A 23 15.51 -4.96 -22.90
N LEU A 24 15.97 -6.15 -22.53
CA LEU A 24 16.82 -6.31 -21.36
C LEU A 24 18.11 -5.52 -21.51
N LEU A 25 18.60 -5.40 -22.75
CA LEU A 25 19.82 -4.66 -23.03
C LEU A 25 19.63 -3.17 -22.79
N ILE A 26 18.71 -2.57 -23.55
CA ILE A 26 18.43 -1.14 -23.43
C ILE A 26 18.12 -0.77 -21.98
N VAL A 27 17.32 -1.61 -21.32
CA VAL A 27 16.96 -1.37 -19.92
C VAL A 27 18.18 -1.40 -19.01
N THR A 28 18.83 -2.55 -18.95
CA THR A 28 20.03 -2.72 -18.12
C THR A 28 21.04 -1.63 -18.40
N ARG A 29 21.10 -1.18 -19.65
CA ARG A 29 22.03 -0.14 -20.05
C ARG A 29 21.69 1.19 -19.38
N ILE A 30 20.45 1.64 -19.57
CA ILE A 30 20.00 2.89 -18.99
C ILE A 30 20.07 2.84 -17.45
N VAL A 31 19.94 1.63 -16.91
CA VAL A 31 19.99 1.45 -15.47
C VAL A 31 21.40 1.66 -14.93
N GLU A 32 22.35 0.93 -15.51
CA GLU A 32 23.75 1.04 -15.08
C GLU A 32 24.29 2.44 -15.34
N LEU A 33 23.83 3.06 -16.41
CA LEU A 33 24.26 4.40 -16.77
C LEU A 33 23.63 5.44 -15.85
N LEU A 34 22.37 5.24 -15.52
CA LEU A 34 21.65 6.16 -14.64
C LEU A 34 22.07 5.96 -13.19
N GLY A 35 22.56 4.76 -12.86
CA GLY A 35 22.99 4.48 -11.51
C GLY A 35 23.97 5.49 -10.99
N ARG A 36 24.74 6.10 -11.89
CA ARG A 36 25.72 7.10 -11.52
C ARG A 36 25.09 8.19 -10.66
N ARG A 37 24.02 8.80 -11.17
CA ARG A 37 23.33 9.86 -10.45
C ARG A 37 22.02 9.34 -9.86
N GLY A 38 21.85 8.03 -9.87
CA GLY A 38 20.64 7.43 -9.33
C GLY A 38 20.43 7.79 -7.87
N TRP A 39 21.50 8.19 -7.20
CA TRP A 39 21.42 8.55 -5.79
C TRP A 39 20.31 9.57 -5.55
N GLU A 40 20.31 10.62 -6.36
CA GLU A 40 19.29 11.67 -6.23
C GLU A 40 17.89 11.09 -6.33
N ALA A 41 17.62 10.41 -7.44
CA ALA A 41 16.31 9.79 -7.66
C ALA A 41 15.90 8.94 -6.47
N LEU A 42 16.76 8.01 -6.08
CA LEU A 42 16.48 7.13 -4.95
C LEU A 42 16.04 7.92 -3.74
N LYS A 43 16.88 8.86 -3.31
CA LYS A 43 16.57 9.70 -2.15
C LYS A 43 15.18 10.33 -2.29
N TYR A 44 14.89 10.84 -3.48
CA TYR A 44 13.60 11.48 -3.75
C TYR A 44 12.46 10.51 -3.44
N TRP A 45 12.46 9.37 -4.11
CA TRP A 45 11.41 8.37 -3.92
C TRP A 45 11.26 8.03 -2.44
N TRP A 46 12.38 7.89 -1.74
CA TRP A 46 12.36 7.58 -0.32
C TRP A 46 11.72 8.70 0.48
N ASN A 47 12.18 9.93 0.24
CA ASN A 47 11.65 11.10 0.95
C ASN A 47 10.17 11.27 0.67
N LEU A 48 9.82 11.42 -0.60
CA LEU A 48 8.43 11.59 -1.01
C LEU A 48 7.55 10.51 -0.40
N LEU A 49 7.99 9.26 -0.53
CA LEU A 49 7.24 8.12 0.01
C LEU A 49 6.96 8.31 1.49
N GLN A 50 8.02 8.46 2.28
CA GLN A 50 7.88 8.65 3.72
C GLN A 50 7.02 9.86 4.03
N TYR A 51 7.11 10.89 3.18
CA TYR A 51 6.35 12.11 3.37
C TYR A 51 4.85 11.82 3.32
N TRP A 52 4.38 11.29 2.20
CA TRP A 52 2.98 10.96 2.02
C TRP A 52 2.50 10.01 3.12
N SER A 53 3.28 8.96 3.35
CA SER A 53 2.93 7.96 4.36
C SER A 53 2.64 8.62 5.69
N GLN A 54 3.65 9.31 6.23
CA GLN A 54 3.50 9.99 7.52
C GLN A 54 2.35 10.99 7.47
N GLU A 55 2.15 11.60 6.30
CA GLU A 55 1.08 12.59 6.12
C GLU A 55 -0.28 11.97 6.40
N LEU A 56 -0.54 10.83 5.77
CA LEU A 56 -1.81 10.13 5.94
C LEU A 56 -1.94 9.58 7.35
N LYS A 57 -0.82 9.14 7.92
CA LYS A 57 -0.80 8.58 9.27
C LYS A 57 -1.11 9.66 10.30
N ASN A 58 -0.28 10.70 10.33
CA ASN A 58 -0.47 11.80 11.27
C ASN A 58 -1.85 12.43 11.11
N SER A 59 -2.25 12.65 9.86
CA SER A 59 -3.55 13.25 9.57
C SER A 59 -4.68 12.34 10.05
N ALA A 60 -4.63 11.07 9.65
CA ALA A 60 -5.65 10.11 10.05
C ALA A 60 -5.87 10.12 11.55
N VAL A 61 -4.78 9.98 12.31
CA VAL A 61 -4.85 9.97 13.77
C VAL A 61 -5.37 11.30 14.29
N ASN A 62 -4.96 12.39 13.64
CA ASN A 62 -5.38 13.73 14.05
C ASN A 62 -6.87 13.91 13.83
N LEU A 63 -7.39 13.33 12.75
CA LEU A 63 -8.81 13.43 12.43
C LEU A 63 -9.65 12.63 13.41
N LEU A 64 -9.20 11.42 13.73
CA LEU A 64 -9.91 10.55 14.65
C LEU A 64 -9.97 11.18 16.05
N ASN A 65 -8.81 11.58 16.55
CA ASN A 65 -8.73 12.21 17.87
C ASN A 65 -9.59 13.46 17.93
N ALA A 66 -9.29 14.42 17.06
CA ALA A 66 -10.02 15.68 17.01
C ALA A 66 -11.53 15.42 16.97
N THR A 67 -11.94 14.46 16.16
CA THR A 67 -13.36 14.12 16.02
C THR A 67 -13.93 13.62 17.34
N ALA A 68 -13.15 12.81 18.05
CA ALA A 68 -13.59 12.27 19.33
C ALA A 68 -13.68 13.36 20.39
N ILE A 69 -12.80 14.35 20.30
CA ILE A 69 -12.79 15.46 21.23
C ILE A 69 -13.97 16.39 21.01
N ALA A 70 -14.37 16.55 19.76
CA ALA A 70 -15.50 17.39 19.40
C ALA A 70 -16.82 16.66 19.56
N VAL A 71 -16.77 15.33 19.45
CA VAL A 71 -17.96 14.51 19.57
C VAL A 71 -18.23 14.15 21.03
N ALA A 72 -17.17 14.13 21.83
CA ALA A 72 -17.29 13.80 23.24
C ALA A 72 -18.10 14.86 23.98
N GLU A 73 -18.11 16.08 23.45
CA GLU A 73 -18.84 17.18 24.07
C GLU A 73 -20.33 17.07 23.77
N GLY A 74 -20.69 16.09 22.93
CA GLY A 74 -22.08 15.89 22.59
C GLY A 74 -22.61 14.54 23.03
N THR A 75 -23.86 14.25 22.69
CA THR A 75 -24.48 12.99 23.06
C THR A 75 -24.11 11.89 22.07
N ASP A 76 -23.62 12.29 20.90
CA ASP A 76 -23.22 11.34 19.88
C ASP A 76 -22.24 10.31 20.44
N ARG A 77 -21.32 10.77 21.29
CA ARG A 77 -20.33 9.90 21.89
C ARG A 77 -20.99 8.85 22.77
N VAL A 78 -21.83 9.30 23.70
CA VAL A 78 -22.52 8.40 24.61
C VAL A 78 -23.30 7.33 23.84
N ILE A 79 -24.11 7.76 22.89
CA ILE A 79 -24.90 6.85 22.08
C ILE A 79 -24.01 5.98 21.20
N GLU A 80 -22.86 6.53 20.81
CA GLU A 80 -21.92 5.80 19.97
C GLU A 80 -21.36 4.59 20.70
N VAL A 81 -21.01 4.78 21.97
CA VAL A 81 -20.45 3.71 22.78
C VAL A 81 -21.55 2.73 23.20
N LEU A 82 -22.71 3.26 23.52
CA LEU A 82 -23.85 2.43 23.94
C LEU A 82 -24.23 1.44 22.85
N GLN A 83 -24.35 1.94 21.63
CA GLN A 83 -24.72 1.11 20.49
C GLN A 83 -23.56 0.21 20.08
N ALA A 84 -22.38 0.80 19.92
CA ALA A 84 -21.20 0.07 19.53
C ALA A 84 -20.93 -1.09 20.50
N ALA A 85 -21.07 -0.81 21.79
CA ALA A 85 -20.84 -1.82 22.82
C ALA A 85 -21.96 -2.86 22.83
N TYR A 86 -23.19 -2.38 22.96
CA TYR A 86 -24.35 -3.26 23.00
C TYR A 86 -24.36 -4.20 21.79
N ARG A 87 -24.07 -3.64 20.62
CA ARG A 87 -24.04 -4.42 19.39
C ARG A 87 -22.84 -5.35 19.36
N ALA A 88 -21.69 -4.82 19.76
CA ALA A 88 -20.46 -5.61 19.78
C ALA A 88 -20.65 -6.89 20.58
N ILE A 89 -21.34 -6.79 21.71
CA ILE A 89 -21.58 -7.95 22.57
C ILE A 89 -22.78 -8.75 22.08
N ARG A 90 -23.75 -8.06 21.48
CA ARG A 90 -24.95 -8.71 20.97
C ARG A 90 -24.62 -9.58 19.77
N HIS A 91 -23.56 -9.21 19.05
CA HIS A 91 -23.14 -9.97 17.87
C HIS A 91 -21.92 -10.82 18.19
N ILE A 92 -21.08 -10.33 19.09
CA ILE A 92 -19.87 -11.06 19.48
C ILE A 92 -19.64 -10.95 20.99
N PRO A 93 -20.36 -11.76 21.77
CA PRO A 93 -20.25 -11.77 23.23
C PRO A 93 -18.91 -12.35 23.70
N ARG A 94 -17.86 -11.55 23.63
CA ARG A 94 -16.53 -12.00 24.04
C ARG A 94 -15.68 -10.82 24.53
N ARG A 95 -15.15 -10.93 25.73
CA ARG A 95 -14.33 -9.88 26.31
C ARG A 95 -15.10 -8.56 26.39
N ILE A 96 -15.68 -8.30 27.56
CA ILE A 96 -16.45 -7.08 27.76
C ILE A 96 -15.54 -5.91 28.10
N ARG A 97 -14.70 -6.08 29.11
CA ARG A 97 -13.77 -5.04 29.53
C ARG A 97 -12.95 -4.53 28.35
N GLN A 98 -12.61 -5.43 27.44
CA GLN A 98 -11.83 -5.08 26.26
C GLN A 98 -12.46 -3.91 25.52
N GLY A 99 -13.77 -3.99 25.30
CA GLY A 99 -14.47 -2.93 24.60
C GLY A 99 -14.59 -1.67 25.43
N LEU A 100 -15.08 -1.81 26.66
CA LEU A 100 -15.24 -0.68 27.56
C LEU A 100 -13.91 0.04 27.78
N GLU A 101 -12.82 -0.69 27.56
CA GLU A 101 -11.48 -0.12 27.74
C GLU A 101 -10.97 0.48 26.44
N ARG A 102 -11.07 -0.30 25.36
CA ARG A 102 -10.61 0.15 24.05
C ARG A 102 -11.36 1.41 23.62
N ILE A 103 -12.57 1.58 24.13
CA ILE A 103 -13.38 2.73 23.79
C ILE A 103 -13.13 3.89 24.76
N LEU A 104 -12.67 3.56 25.96
CA LEU A 104 -12.38 4.55 26.98
C LEU A 104 -11.29 5.51 26.50
N LEU A 105 -10.24 4.95 25.91
CA LEU A 105 -9.13 5.75 25.40
C LEU A 105 -8.67 5.26 24.04
N SER A 1 17.67 -23.67 -57.90
CA SER A 1 18.90 -24.43 -58.09
C SER A 1 19.67 -24.55 -56.78
N LEU A 2 20.71 -25.38 -56.79
CA LEU A 2 21.54 -25.59 -55.60
C LEU A 2 21.99 -24.27 -55.02
N ALA A 3 22.65 -23.46 -55.85
CA ALA A 3 23.15 -22.16 -55.41
C ALA A 3 22.03 -21.34 -54.77
N LEU A 4 20.88 -21.30 -55.41
CA LEU A 4 19.74 -20.55 -54.90
C LEU A 4 19.39 -20.99 -53.48
N ILE A 5 19.17 -22.29 -53.30
CA ILE A 5 18.85 -22.83 -51.99
C ILE A 5 19.87 -22.42 -50.94
N TRP A 6 21.14 -22.66 -51.24
CA TRP A 6 22.22 -22.30 -50.33
C TRP A 6 22.22 -20.81 -50.03
N ASP A 7 22.04 -19.99 -51.07
CA ASP A 7 22.01 -18.54 -50.91
C ASP A 7 20.99 -18.13 -49.87
N ASP A 8 19.75 -18.59 -50.04
CA ASP A 8 18.68 -18.26 -49.11
C ASP A 8 18.92 -18.92 -47.75
N LEU A 9 19.43 -20.15 -47.77
CA LEU A 9 19.70 -20.88 -46.54
C LEU A 9 20.67 -20.09 -45.65
N ARG A 10 21.79 -19.69 -46.22
CA ARG A 10 22.80 -18.94 -45.47
C ARG A 10 22.26 -17.56 -45.09
N SER A 11 21.70 -16.85 -46.07
CA SER A 11 21.15 -15.52 -45.84
C SER A 11 20.16 -15.53 -44.69
N LEU A 12 19.20 -16.47 -44.74
CA LEU A 12 18.19 -16.58 -43.70
C LEU A 12 18.82 -16.99 -42.37
N CYS A 13 19.75 -17.92 -42.42
CA CYS A 13 20.43 -18.40 -41.22
C CYS A 13 21.14 -17.25 -40.51
N LEU A 14 22.04 -16.58 -41.23
CA LEU A 14 22.79 -15.46 -40.67
C LEU A 14 21.84 -14.38 -40.16
N PHE A 15 20.88 -14.00 -41.00
CA PHE A 15 19.92 -12.97 -40.63
C PHE A 15 19.17 -13.36 -39.36
N SER A 16 18.73 -14.60 -39.30
CA SER A 16 17.99 -15.10 -38.15
C SER A 16 18.83 -14.97 -36.87
N TYR A 17 20.00 -15.59 -36.88
CA TYR A 17 20.89 -15.54 -35.72
C TYR A 17 21.14 -14.11 -35.28
N HIS A 18 21.54 -13.26 -36.23
CA HIS A 18 21.81 -11.86 -35.94
C HIS A 18 20.60 -11.20 -35.27
N ARG A 19 19.41 -11.52 -35.77
CA ARG A 19 18.17 -10.96 -35.24
C ARG A 19 18.00 -11.35 -33.77
N LEU A 20 17.98 -12.65 -33.52
CA LEU A 20 17.80 -13.16 -32.16
C LEU A 20 18.79 -12.50 -31.20
N ARG A 21 20.07 -12.52 -31.58
CA ARG A 21 21.11 -11.91 -30.76
C ARG A 21 20.91 -10.41 -30.65
N ASP A 22 20.32 -9.81 -31.67
CA ASP A 22 20.07 -8.38 -31.70
C ASP A 22 19.04 -7.99 -30.65
N LEU A 23 17.85 -8.58 -30.73
CA LEU A 23 16.78 -8.30 -29.79
C LEU A 23 17.20 -8.65 -28.37
N LEU A 24 17.82 -9.81 -28.22
CA LEU A 24 18.27 -10.27 -26.90
C LEU A 24 19.32 -9.32 -26.33
N LEU A 25 20.23 -8.86 -27.18
CA LEU A 25 21.28 -7.95 -26.75
C LEU A 25 20.69 -6.63 -26.24
N ILE A 26 19.87 -5.99 -27.08
CA ILE A 26 19.24 -4.74 -26.71
C ILE A 26 18.43 -4.88 -25.42
N VAL A 27 17.46 -5.79 -25.44
CA VAL A 27 16.61 -6.03 -24.28
C VAL A 27 17.45 -6.28 -23.04
N THR A 28 18.30 -7.30 -23.09
CA THR A 28 19.16 -7.64 -21.97
C THR A 28 19.95 -6.43 -21.49
N ARG A 29 20.56 -5.71 -22.44
CA ARG A 29 21.35 -4.53 -22.11
C ARG A 29 20.55 -3.57 -21.24
N ILE A 30 19.36 -3.22 -21.70
CA ILE A 30 18.49 -2.30 -20.98
C ILE A 30 18.14 -2.86 -19.60
N VAL A 31 17.80 -4.14 -19.57
CA VAL A 31 17.44 -4.79 -18.32
C VAL A 31 18.53 -4.64 -17.27
N GLU A 32 19.78 -4.79 -17.71
CA GLU A 32 20.93 -4.67 -16.81
C GLU A 32 21.27 -3.21 -16.57
N LEU A 33 20.92 -2.36 -17.53
CA LEU A 33 21.19 -0.93 -17.43
C LEU A 33 20.20 -0.24 -16.48
N LEU A 34 19.05 -0.88 -16.30
CA LEU A 34 18.01 -0.34 -15.43
C LEU A 34 18.40 -0.50 -13.96
N GLY A 35 19.29 -1.45 -13.69
CA GLY A 35 19.73 -1.69 -12.33
C GLY A 35 20.22 -0.43 -11.65
N ARG A 36 20.72 0.52 -12.44
CA ARG A 36 21.23 1.78 -11.91
C ARG A 36 20.08 2.74 -11.62
N ARG A 37 19.24 2.99 -12.63
CA ARG A 37 18.11 3.89 -12.48
C ARG A 37 17.15 3.39 -11.41
N GLY A 38 17.16 2.07 -11.18
CA GLY A 38 16.28 1.49 -10.19
C GLY A 38 16.42 2.14 -8.83
N TRP A 39 17.61 2.68 -8.56
CA TRP A 39 17.88 3.34 -7.29
C TRP A 39 16.83 4.39 -6.99
N GLU A 40 16.70 5.38 -7.87
CA GLU A 40 15.73 6.45 -7.69
C GLU A 40 14.33 5.88 -7.46
N ALA A 41 13.90 5.02 -8.37
CA ALA A 41 12.57 4.40 -8.28
C ALA A 41 12.36 3.78 -6.89
N LEU A 42 13.29 2.92 -6.49
CA LEU A 42 13.20 2.25 -5.20
C LEU A 42 13.00 3.27 -4.08
N LYS A 43 13.87 4.27 -4.03
CA LYS A 43 13.79 5.31 -3.01
C LYS A 43 12.40 5.94 -2.99
N TYR A 44 11.85 6.19 -4.18
CA TYR A 44 10.53 6.78 -4.30
C TYR A 44 9.47 5.91 -3.65
N TRP A 45 9.46 4.63 -4.02
CA TRP A 45 8.49 3.68 -3.47
C TRP A 45 8.57 3.66 -1.94
N TRP A 46 9.78 3.59 -1.41
CA TRP A 46 9.97 3.56 0.04
C TRP A 46 9.53 4.87 0.67
N ASN A 47 10.09 5.98 0.18
CA ASN A 47 9.74 7.29 0.72
C ASN A 47 8.23 7.50 0.72
N LEU A 48 7.60 7.30 -0.43
CA LEU A 48 6.16 7.45 -0.55
C LEU A 48 5.42 6.52 0.41
N LEU A 49 5.88 5.28 0.48
CA LEU A 49 5.27 4.28 1.36
C LEU A 49 5.22 4.79 2.79
N GLN A 50 6.38 5.09 3.35
CA GLN A 50 6.46 5.58 4.73
C GLN A 50 5.77 6.93 4.86
N TYR A 51 5.81 7.72 3.80
CA TYR A 51 5.19 9.04 3.81
C TYR A 51 3.68 8.93 3.98
N TRP A 52 3.03 8.22 3.06
CA TRP A 52 1.59 8.03 3.11
C TRP A 52 1.18 7.33 4.40
N SER A 53 1.86 6.23 4.71
CA SER A 53 1.56 5.46 5.92
C SER A 53 1.55 6.37 7.15
N GLN A 54 2.69 7.00 7.43
CA GLN A 54 2.81 7.89 8.57
C GLN A 54 1.84 9.07 8.45
N GLU A 55 1.59 9.49 7.21
CA GLU A 55 0.69 10.60 6.96
C GLU A 55 -0.73 10.28 7.43
N LEU A 56 -1.22 9.11 7.04
CA LEU A 56 -2.56 8.68 7.42
C LEU A 56 -2.64 8.38 8.91
N LYS A 57 -1.55 7.85 9.46
CA LYS A 57 -1.49 7.52 10.88
C LYS A 57 -1.47 8.79 11.73
N ASN A 58 -0.49 9.64 11.50
CA ASN A 58 -0.36 10.89 12.24
C ASN A 58 -1.61 11.75 12.09
N SER A 59 -2.12 11.85 10.87
CA SER A 59 -3.31 12.64 10.59
C SER A 59 -4.52 12.05 11.31
N ALA A 60 -4.74 10.75 11.14
CA ALA A 60 -5.86 10.07 11.77
C ALA A 60 -5.89 10.36 13.27
N VAL A 61 -4.77 10.12 13.94
CA VAL A 61 -4.67 10.35 15.37
C VAL A 61 -4.88 11.83 15.71
N ASN A 62 -4.36 12.70 14.86
CA ASN A 62 -4.49 14.14 15.07
C ASN A 62 -5.95 14.58 14.94
N LEU A 63 -6.68 13.94 14.03
CA LEU A 63 -8.08 14.27 13.81
C LEU A 63 -8.93 13.79 14.98
N LEU A 64 -8.66 12.58 15.46
CA LEU A 64 -9.40 12.02 16.58
C LEU A 64 -9.19 12.84 17.85
N ASN A 65 -7.93 13.11 18.17
CA ASN A 65 -7.59 13.89 19.36
C ASN A 65 -8.19 15.29 19.27
N ALA A 66 -7.82 16.02 18.22
CA ALA A 66 -8.32 17.37 18.03
C ALA A 66 -9.84 17.42 18.14
N THR A 67 -10.51 16.44 17.55
CA THR A 67 -11.97 16.37 17.58
C THR A 67 -12.47 16.20 19.02
N ALA A 68 -11.79 15.35 19.78
CA ALA A 68 -12.16 15.10 21.17
C ALA A 68 -12.01 16.35 22.01
N ILE A 69 -10.94 17.10 21.76
CA ILE A 69 -10.67 18.33 22.51
C ILE A 69 -11.70 19.41 22.18
N ALA A 70 -12.14 19.44 20.92
CA ALA A 70 -13.13 20.41 20.49
C ALA A 70 -14.54 20.01 20.91
N VAL A 71 -14.75 18.70 21.06
CA VAL A 71 -16.05 18.19 21.47
C VAL A 71 -16.17 18.16 22.99
N ALA A 72 -15.04 18.07 23.68
CA ALA A 72 -15.01 18.04 25.14
C ALA A 72 -15.41 19.39 25.71
N GLU A 73 -15.19 20.45 24.95
CA GLU A 73 -15.53 21.80 25.39
C GLU A 73 -17.03 22.05 25.28
N GLY A 74 -17.75 21.08 24.72
CA GLY A 74 -19.19 21.22 24.58
C GLY A 74 -19.95 20.48 25.66
N THR A 75 -21.23 20.78 25.79
CA THR A 75 -22.08 20.15 26.80
C THR A 75 -22.56 18.79 26.32
N ASP A 76 -22.48 18.55 25.01
CA ASP A 76 -22.90 17.29 24.43
C ASP A 76 -22.24 16.11 25.14
N ARG A 77 -20.95 16.24 25.41
CA ARG A 77 -20.19 15.19 26.08
C ARG A 77 -20.79 14.88 27.44
N VAL A 78 -20.99 15.92 28.26
CA VAL A 78 -21.57 15.76 29.58
C VAL A 78 -22.92 15.07 29.52
N ILE A 79 -23.86 15.68 28.80
CA ILE A 79 -25.20 15.12 28.66
C ILE A 79 -25.15 13.71 28.07
N GLU A 80 -24.14 13.46 27.25
CA GLU A 80 -23.98 12.15 26.61
C GLU A 80 -23.65 11.09 27.65
N VAL A 81 -22.72 11.41 28.55
CA VAL A 81 -22.30 10.49 29.59
C VAL A 81 -23.43 10.25 30.58
N LEU A 82 -24.15 11.31 30.91
CA LEU A 82 -25.27 11.21 31.85
C LEU A 82 -26.41 10.37 31.28
N GLN A 83 -26.89 10.75 30.11
CA GLN A 83 -27.97 10.03 29.45
C GLN A 83 -27.57 8.58 29.19
N ALA A 84 -26.30 8.38 28.84
CA ALA A 84 -25.79 7.04 28.56
C ALA A 84 -25.71 6.20 29.83
N ALA A 85 -25.00 6.72 30.83
CA ALA A 85 -24.85 6.02 32.10
C ALA A 85 -26.19 5.57 32.64
N TYR A 86 -27.13 6.50 32.75
CA TYR A 86 -28.47 6.20 33.26
C TYR A 86 -29.18 5.19 32.36
N ARG A 87 -29.18 5.47 31.06
CA ARG A 87 -29.82 4.60 30.09
C ARG A 87 -29.33 3.16 30.24
N ALA A 88 -28.11 3.01 30.72
CA ALA A 88 -27.52 1.69 30.91
C ALA A 88 -28.00 1.06 32.20
N ILE A 89 -27.93 1.82 33.30
CA ILE A 89 -28.35 1.33 34.59
C ILE A 89 -29.87 1.09 34.63
N ARG A 90 -30.55 1.64 33.64
CA ARG A 90 -32.01 1.49 33.54
C ARG A 90 -32.37 0.34 32.61
N HIS A 91 -31.67 0.25 31.48
CA HIS A 91 -31.92 -0.80 30.51
C HIS A 91 -31.46 -2.16 31.03
N ILE A 92 -30.41 -2.13 31.84
CA ILE A 92 -29.86 -3.36 32.41
C ILE A 92 -29.33 -3.12 33.83
N PRO A 93 -30.26 -2.93 34.77
CA PRO A 93 -29.91 -2.68 36.18
C PRO A 93 -29.34 -3.93 36.86
N ARG A 94 -28.30 -3.73 37.66
CA ARG A 94 -27.67 -4.83 38.37
C ARG A 94 -27.06 -5.84 37.39
N ARG A 95 -26.48 -5.31 36.31
CA ARG A 95 -25.86 -6.15 35.29
C ARG A 95 -25.16 -5.30 34.24
N ILE A 96 -24.61 -4.17 34.67
CA ILE A 96 -23.91 -3.27 33.76
C ILE A 96 -22.48 -3.72 33.54
N ARG A 97 -21.90 -4.37 34.55
CA ARG A 97 -20.53 -4.85 34.47
C ARG A 97 -20.32 -5.68 33.20
N GLN A 98 -21.27 -6.57 32.92
CA GLN A 98 -21.19 -7.42 31.74
C GLN A 98 -20.93 -6.60 30.48
N GLY A 99 -21.43 -5.35 30.49
CA GLY A 99 -21.24 -4.48 29.34
C GLY A 99 -19.81 -4.02 29.19
N LEU A 100 -19.26 -3.45 30.24
CA LEU A 100 -17.89 -2.96 30.23
C LEU A 100 -16.91 -4.09 29.94
N GLU A 101 -17.22 -5.28 30.46
CA GLU A 101 -16.36 -6.44 30.26
C GLU A 101 -16.53 -7.01 28.85
N ARG A 102 -17.76 -6.97 28.33
CA ARG A 102 -18.05 -7.46 27.01
C ARG A 102 -17.35 -6.63 25.94
N ILE A 103 -17.36 -5.32 26.14
CA ILE A 103 -16.72 -4.40 25.19
C ILE A 103 -15.21 -4.45 25.32
N LEU A 104 -14.73 -4.82 26.50
CA LEU A 104 -13.29 -4.91 26.75
C LEU A 104 -12.64 -5.97 25.84
N LEU A 105 -13.08 -7.21 25.99
CA LEU A 105 -12.55 -8.31 25.18
C LEU A 105 -13.55 -9.45 25.08
N SER A 1 1.27 -26.92 -42.40
CA SER A 1 2.05 -27.49 -41.30
C SER A 1 3.49 -27.00 -41.34
N LEU A 2 4.18 -27.31 -42.44
CA LEU A 2 5.58 -26.90 -42.61
C LEU A 2 5.73 -25.41 -42.37
N ALA A 3 4.98 -24.61 -43.11
CA ALA A 3 5.03 -23.17 -42.99
C ALA A 3 4.85 -22.73 -41.53
N LEU A 4 3.86 -23.32 -40.87
CA LEU A 4 3.58 -22.99 -39.47
C LEU A 4 4.82 -23.20 -38.61
N ILE A 5 5.39 -24.40 -38.67
CA ILE A 5 6.58 -24.73 -37.90
C ILE A 5 7.69 -23.70 -38.15
N TRP A 6 8.01 -23.48 -39.41
CA TRP A 6 9.05 -22.52 -39.79
C TRP A 6 8.73 -21.13 -39.26
N ASP A 7 7.47 -20.72 -39.41
CA ASP A 7 7.04 -19.40 -38.95
C ASP A 7 7.39 -19.21 -37.47
N ASP A 8 6.94 -20.14 -36.63
CA ASP A 8 7.20 -20.08 -35.20
C ASP A 8 8.68 -20.26 -34.91
N LEU A 9 9.33 -21.14 -35.66
CA LEU A 9 10.76 -21.40 -35.49
C LEU A 9 11.57 -20.13 -35.66
N ARG A 10 11.47 -19.52 -36.84
CA ARG A 10 12.19 -18.30 -37.14
C ARG A 10 11.77 -17.17 -36.18
N SER A 11 10.47 -16.99 -36.04
CA SER A 11 9.93 -15.96 -35.16
C SER A 11 10.51 -16.07 -33.76
N LEU A 12 10.51 -17.28 -33.22
CA LEU A 12 11.03 -17.52 -31.89
C LEU A 12 12.53 -17.19 -31.82
N CYS A 13 13.29 -17.73 -32.75
CA CYS A 13 14.72 -17.49 -32.81
C CYS A 13 15.03 -16.00 -32.87
N LEU A 14 14.53 -15.34 -33.92
CA LEU A 14 14.75 -13.91 -34.11
C LEU A 14 14.28 -13.14 -32.88
N PHE A 15 13.18 -13.58 -32.28
CA PHE A 15 12.63 -12.92 -31.10
C PHE A 15 13.58 -13.06 -29.91
N SER A 16 14.10 -14.26 -29.72
CA SER A 16 15.02 -14.53 -28.61
C SER A 16 16.28 -13.67 -28.74
N TYR A 17 16.86 -13.65 -29.94
CA TYR A 17 18.06 -12.89 -30.19
C TYR A 17 17.81 -11.39 -30.00
N HIS A 18 16.88 -10.86 -30.77
CA HIS A 18 16.53 -9.44 -30.69
C HIS A 18 16.22 -9.04 -29.25
N ARG A 19 15.55 -9.93 -28.53
CA ARG A 19 15.19 -9.66 -27.14
C ARG A 19 16.44 -9.52 -26.27
N LEU A 20 17.28 -10.55 -26.26
CA LEU A 20 18.50 -10.54 -25.48
C LEU A 20 19.30 -9.27 -25.75
N ARG A 21 19.50 -8.97 -27.03
CA ARG A 21 20.25 -7.78 -27.42
C ARG A 21 19.51 -6.51 -27.03
N ASP A 22 18.18 -6.59 -26.99
CA ASP A 22 17.36 -5.44 -26.63
C ASP A 22 17.54 -5.09 -25.15
N LEU A 23 17.24 -6.04 -24.28
CA LEU A 23 17.37 -5.83 -22.85
C LEU A 23 18.81 -5.50 -22.46
N LEU A 24 19.75 -6.23 -23.05
CA LEU A 24 21.17 -6.03 -22.78
C LEU A 24 21.60 -4.62 -23.22
N LEU A 25 21.13 -4.21 -24.39
CA LEU A 25 21.46 -2.89 -24.92
C LEU A 25 20.97 -1.78 -23.99
N ILE A 26 19.67 -1.82 -23.67
CA ILE A 26 19.09 -0.82 -22.79
C ILE A 26 19.81 -0.76 -21.46
N VAL A 27 19.89 -1.90 -20.78
CA VAL A 27 20.57 -1.98 -19.49
C VAL A 27 21.98 -1.39 -19.57
N THR A 28 22.80 -1.97 -20.43
CA THR A 28 24.17 -1.51 -20.61
C THR A 28 24.22 -0.01 -20.87
N ARG A 29 23.36 0.45 -21.78
CA ARG A 29 23.30 1.87 -22.12
C ARG A 29 23.13 2.73 -20.87
N ILE A 30 22.04 2.50 -20.15
CA ILE A 30 21.76 3.26 -18.94
C ILE A 30 22.94 3.22 -17.98
N VAL A 31 23.54 2.04 -17.83
CA VAL A 31 24.69 1.86 -16.96
C VAL A 31 25.82 2.81 -17.34
N GLU A 32 26.12 2.88 -18.62
CA GLU A 32 27.18 3.75 -19.13
C GLU A 32 26.85 5.21 -18.87
N LEU A 33 25.62 5.60 -19.23
CA LEU A 33 25.18 6.97 -19.05
C LEU A 33 25.12 7.35 -17.57
N LEU A 34 24.94 6.34 -16.73
CA LEU A 34 24.88 6.56 -15.29
C LEU A 34 26.27 6.82 -14.71
N GLY A 35 27.29 6.33 -15.41
CA GLY A 35 28.65 6.51 -14.95
C GLY A 35 28.98 7.97 -14.68
N ARG A 36 28.60 8.85 -15.60
CA ARG A 36 28.87 10.27 -15.44
C ARG A 36 27.78 10.93 -14.61
N ARG A 37 26.60 10.32 -14.57
CA ARG A 37 25.48 10.85 -13.81
C ARG A 37 25.48 10.29 -12.39
N GLY A 38 26.57 9.63 -12.01
CA GLY A 38 26.67 9.05 -10.68
C GLY A 38 26.39 10.06 -9.59
N TRP A 39 26.69 11.32 -9.86
CA TRP A 39 26.46 12.39 -8.90
C TRP A 39 25.02 12.86 -8.92
N GLU A 40 24.59 13.39 -10.07
CA GLU A 40 23.22 13.87 -10.21
C GLU A 40 22.21 12.81 -9.80
N ALA A 41 22.31 11.63 -10.42
CA ALA A 41 21.41 10.53 -10.11
C ALA A 41 21.36 10.27 -8.60
N LEU A 42 22.52 10.11 -7.99
CA LEU A 42 22.61 9.86 -6.56
C LEU A 42 21.80 10.88 -5.77
N LYS A 43 22.13 12.16 -5.97
CA LYS A 43 21.44 13.25 -5.28
C LYS A 43 19.93 13.11 -5.46
N TYR A 44 19.51 12.77 -6.67
CA TYR A 44 18.08 12.62 -6.97
C TYR A 44 17.45 11.56 -6.06
N TRP A 45 17.98 10.34 -6.11
CA TRP A 45 17.46 9.25 -5.30
C TRP A 45 17.36 9.66 -3.84
N TRP A 46 18.42 10.29 -3.33
CA TRP A 46 18.45 10.73 -1.95
C TRP A 46 17.37 11.76 -1.69
N ASN A 47 17.39 12.84 -2.45
CA ASN A 47 16.40 13.91 -2.31
C ASN A 47 14.98 13.36 -2.36
N LEU A 48 14.66 12.66 -3.45
CA LEU A 48 13.34 12.08 -3.62
C LEU A 48 12.98 11.19 -2.43
N LEU A 49 13.95 10.42 -1.97
CA LEU A 49 13.74 9.52 -0.84
C LEU A 49 13.25 10.29 0.39
N GLN A 50 14.03 11.29 0.80
CA GLN A 50 13.67 12.10 1.96
C GLN A 50 12.33 12.80 1.74
N TYR A 51 12.06 13.17 0.50
CA TYR A 51 10.81 13.85 0.16
C TYR A 51 9.61 12.96 0.48
N TRP A 52 9.55 11.80 -0.15
CA TRP A 52 8.45 10.86 0.06
C TRP A 52 8.34 10.49 1.54
N SER A 53 9.48 10.14 2.14
CA SER A 53 9.52 9.75 3.55
C SER A 53 8.83 10.80 4.41
N GLN A 54 9.36 12.02 4.40
CA GLN A 54 8.79 13.11 5.18
C GLN A 54 7.33 13.35 4.81
N GLU A 55 7.01 13.14 3.54
CA GLU A 55 5.64 13.33 3.06
C GLU A 55 4.66 12.41 3.80
N LEU A 56 5.01 11.13 3.86
CA LEU A 56 4.16 10.15 4.53
C LEU A 56 4.14 10.39 6.03
N LYS A 57 5.27 10.82 6.57
CA LYS A 57 5.39 11.10 8.00
C LYS A 57 4.52 12.29 8.40
N ASN A 58 4.80 13.44 7.80
CA ASN A 58 4.05 14.66 8.09
C ASN A 58 2.56 14.44 7.85
N SER A 59 2.23 13.80 6.74
CA SER A 59 0.84 13.53 6.39
C SER A 59 0.20 12.60 7.41
N ALA A 60 0.87 11.49 7.70
CA ALA A 60 0.37 10.51 8.66
C ALA A 60 -0.01 11.18 9.97
N VAL A 61 0.93 11.93 10.53
CA VAL A 61 0.69 12.62 11.80
C VAL A 61 -0.41 13.66 11.66
N ASN A 62 -0.44 14.34 10.51
CA ASN A 62 -1.44 15.36 10.25
C ASN A 62 -2.83 14.74 10.17
N LEU A 63 -2.90 13.52 9.65
CA LEU A 63 -4.17 12.81 9.51
C LEU A 63 -4.70 12.37 10.87
N LEU A 64 -3.81 11.76 11.68
CA LEU A 64 -4.19 11.28 13.00
C LEU A 64 -4.56 12.45 13.91
N ASN A 65 -3.89 13.58 13.74
CA ASN A 65 -4.14 14.76 14.54
C ASN A 65 -5.51 15.36 14.20
N ALA A 66 -5.67 15.76 12.94
CA ALA A 66 -6.92 16.35 12.48
C ALA A 66 -8.11 15.47 12.85
N THR A 67 -7.93 14.16 12.68
CA THR A 67 -9.00 13.21 12.99
C THR A 67 -9.31 13.19 14.48
N ALA A 68 -8.26 13.25 15.30
CA ALA A 68 -8.44 13.25 16.74
C ALA A 68 -9.19 14.48 17.22
N ILE A 69 -8.87 15.63 16.62
CA ILE A 69 -9.53 16.89 16.97
C ILE A 69 -11.00 16.87 16.55
N ALA A 70 -11.28 16.27 15.40
CA ALA A 70 -12.65 16.19 14.90
C ALA A 70 -13.45 15.14 15.65
N VAL A 71 -12.76 14.14 16.17
CA VAL A 71 -13.41 13.07 16.93
C VAL A 71 -13.55 13.45 18.40
N ALA A 72 -12.68 14.32 18.88
CA ALA A 72 -12.72 14.77 20.27
C ALA A 72 -13.88 15.73 20.50
N GLU A 73 -14.32 16.39 19.44
CA GLU A 73 -15.42 17.33 19.53
C GLU A 73 -16.75 16.66 19.20
N GLY A 74 -16.75 15.33 19.23
CA GLY A 74 -17.96 14.58 18.93
C GLY A 74 -18.31 13.58 20.02
N THR A 75 -18.62 14.08 21.21
CA THR A 75 -18.96 13.22 22.34
C THR A 75 -20.33 12.58 22.13
N ASP A 76 -21.12 13.15 21.22
CA ASP A 76 -22.45 12.63 20.94
C ASP A 76 -22.40 11.13 20.61
N ARG A 77 -21.39 10.74 19.84
CA ARG A 77 -21.23 9.34 19.46
C ARG A 77 -21.05 8.46 20.68
N VAL A 78 -20.10 8.83 21.54
CA VAL A 78 -19.81 8.08 22.74
C VAL A 78 -21.07 7.92 23.60
N ILE A 79 -21.67 9.05 23.98
CA ILE A 79 -22.87 9.04 24.79
C ILE A 79 -24.01 8.31 24.08
N GLU A 80 -24.01 8.36 22.76
CA GLU A 80 -25.03 7.70 21.97
C GLU A 80 -25.00 6.19 22.18
N VAL A 81 -23.89 5.57 21.79
CA VAL A 81 -23.73 4.13 21.94
C VAL A 81 -23.85 3.71 23.40
N LEU A 82 -23.35 4.56 24.30
CA LEU A 82 -23.40 4.28 25.73
C LEU A 82 -24.84 4.18 26.21
N GLN A 83 -25.59 5.26 26.06
CA GLN A 83 -26.99 5.30 26.48
C GLN A 83 -27.80 4.25 25.74
N ALA A 84 -27.44 4.01 24.48
CA ALA A 84 -28.15 3.03 23.66
C ALA A 84 -27.92 1.61 24.19
N ALA A 85 -26.66 1.24 24.37
CA ALA A 85 -26.31 -0.08 24.86
C ALA A 85 -26.96 -0.35 26.21
N TYR A 86 -26.77 0.57 27.16
CA TYR A 86 -27.33 0.43 28.49
C TYR A 86 -28.85 0.37 28.43
N ARG A 87 -29.45 1.19 27.56
CA ARG A 87 -30.89 1.23 27.41
C ARG A 87 -31.43 -0.15 27.03
N ALA A 88 -30.84 -0.76 26.02
CA ALA A 88 -31.26 -2.08 25.57
C ALA A 88 -31.05 -3.13 26.65
N ILE A 89 -29.90 -3.05 27.31
CA ILE A 89 -29.57 -4.01 28.38
C ILE A 89 -30.54 -3.86 29.55
N ARG A 90 -30.95 -2.63 29.84
CA ARG A 90 -31.87 -2.36 30.93
C ARG A 90 -33.27 -2.85 30.60
N HIS A 91 -33.70 -2.63 29.35
CA HIS A 91 -35.02 -3.05 28.91
C HIS A 91 -35.08 -4.57 28.77
N ILE A 92 -33.95 -5.17 28.42
CA ILE A 92 -33.87 -6.62 28.24
C ILE A 92 -32.63 -7.19 28.90
N PRO A 93 -32.68 -7.31 30.24
CA PRO A 93 -31.56 -7.84 31.03
C PRO A 93 -31.34 -9.34 30.80
N ARG A 94 -32.43 -10.11 30.86
CA ARG A 94 -32.37 -11.54 30.67
C ARG A 94 -31.30 -12.17 31.57
N ARG A 95 -31.70 -12.49 32.80
CA ARG A 95 -30.78 -13.10 33.76
C ARG A 95 -30.17 -14.39 33.20
N ILE A 96 -30.90 -15.03 32.29
CA ILE A 96 -30.44 -16.26 31.68
C ILE A 96 -29.36 -15.99 30.64
N ARG A 97 -29.48 -14.87 29.94
CA ARG A 97 -28.51 -14.50 28.91
C ARG A 97 -27.17 -14.13 29.55
N GLN A 98 -27.22 -13.68 30.80
CA GLN A 98 -26.01 -13.29 31.51
C GLN A 98 -25.04 -14.47 31.64
N GLY A 99 -25.60 -15.67 31.70
CA GLY A 99 -24.77 -16.86 31.82
C GLY A 99 -24.09 -17.22 30.51
N LEU A 100 -24.88 -17.36 29.45
CA LEU A 100 -24.36 -17.71 28.13
C LEU A 100 -23.39 -16.64 27.64
N GLU A 101 -23.63 -15.40 28.04
CA GLU A 101 -22.79 -14.28 27.63
C GLU A 101 -21.51 -14.23 28.46
N ARG A 102 -21.65 -14.41 29.78
CA ARG A 102 -20.52 -14.38 30.68
C ARG A 102 -19.51 -15.47 30.33
N ILE A 103 -20.01 -16.67 30.05
CA ILE A 103 -19.16 -17.79 29.69
C ILE A 103 -18.52 -17.58 28.32
N LEU A 104 -19.21 -16.84 27.46
CA LEU A 104 -18.72 -16.55 26.12
C LEU A 104 -17.40 -15.77 26.18
N LEU A 105 -17.46 -14.58 26.76
CA LEU A 105 -16.27 -13.74 26.87
C LEU A 105 -16.12 -13.22 28.30
N SER A 1 19.80 -34.66 -41.28
CA SER A 1 20.28 -34.57 -42.65
C SER A 1 21.06 -33.27 -42.87
N LEU A 2 21.66 -33.14 -44.04
CA LEU A 2 22.43 -31.95 -44.38
C LEU A 2 21.60 -30.69 -44.15
N ALA A 3 20.36 -30.70 -44.61
CA ALA A 3 19.47 -29.56 -44.44
C ALA A 3 19.20 -29.29 -42.97
N LEU A 4 19.16 -30.34 -42.17
CA LEU A 4 18.91 -30.22 -40.73
C LEU A 4 20.11 -29.56 -40.03
N ILE A 5 21.29 -30.13 -40.21
CA ILE A 5 22.49 -29.60 -39.60
C ILE A 5 22.76 -28.17 -40.06
N TRP A 6 22.45 -27.89 -41.32
CA TRP A 6 22.66 -26.56 -41.88
C TRP A 6 21.70 -25.55 -41.25
N ASP A 7 20.41 -25.88 -41.26
CA ASP A 7 19.39 -25.01 -40.68
C ASP A 7 19.72 -24.68 -39.23
N ASP A 8 20.10 -25.70 -38.47
CA ASP A 8 20.44 -25.52 -37.06
C ASP A 8 21.65 -24.61 -36.91
N LEU A 9 22.72 -24.93 -37.63
CA LEU A 9 23.94 -24.12 -37.57
C LEU A 9 23.64 -22.65 -37.79
N ARG A 10 22.85 -22.36 -38.82
CA ARG A 10 22.49 -20.99 -39.14
C ARG A 10 21.57 -20.40 -38.08
N SER A 11 20.72 -21.25 -37.51
CA SER A 11 19.79 -20.81 -36.47
C SER A 11 20.53 -20.35 -35.23
N LEU A 12 21.53 -21.13 -34.83
CA LEU A 12 22.33 -20.81 -33.64
C LEU A 12 23.24 -19.61 -33.91
N CYS A 13 23.92 -19.64 -35.03
CA CYS A 13 24.83 -18.55 -35.41
C CYS A 13 24.06 -17.23 -35.51
N LEU A 14 22.95 -17.25 -36.25
CA LEU A 14 22.13 -16.06 -36.44
C LEU A 14 21.55 -15.59 -35.12
N PHE A 15 20.89 -16.50 -34.41
CA PHE A 15 20.28 -16.19 -33.12
C PHE A 15 21.31 -15.61 -32.15
N SER A 16 22.47 -16.27 -32.07
CA SER A 16 23.53 -15.83 -31.18
C SER A 16 23.97 -14.41 -31.53
N TYR A 17 24.43 -14.22 -32.76
CA TYR A 17 24.88 -12.92 -33.21
C TYR A 17 23.80 -11.86 -33.01
N HIS A 18 22.64 -12.09 -33.63
CA HIS A 18 21.52 -11.17 -33.52
C HIS A 18 21.21 -10.85 -32.06
N ARG A 19 21.31 -11.86 -31.20
CA ARG A 19 21.04 -11.69 -29.78
C ARG A 19 22.04 -10.72 -29.16
N LEU A 20 23.32 -11.04 -29.26
CA LEU A 20 24.37 -10.18 -28.70
C LEU A 20 24.19 -8.74 -29.15
N ARG A 21 24.00 -8.55 -30.46
CA ARG A 21 23.81 -7.21 -31.01
C ARG A 21 22.52 -6.58 -30.51
N ASP A 22 21.52 -7.43 -30.24
CA ASP A 22 20.23 -6.95 -29.75
C ASP A 22 20.37 -6.34 -28.36
N LEU A 23 20.85 -7.14 -27.41
CA LEU A 23 21.03 -6.67 -26.04
C LEU A 23 22.01 -5.50 -25.99
N LEU A 24 23.10 -5.60 -26.75
CA LEU A 24 24.10 -4.55 -26.79
C LEU A 24 23.50 -3.22 -27.26
N LEU A 25 22.69 -3.29 -28.32
CA LEU A 25 22.05 -2.11 -28.86
C LEU A 25 21.10 -1.48 -27.85
N ILE A 26 20.17 -2.29 -27.33
CA ILE A 26 19.21 -1.82 -26.34
C ILE A 26 19.92 -1.21 -25.13
N VAL A 27 20.74 -2.02 -24.47
CA VAL A 27 21.48 -1.55 -23.30
C VAL A 27 22.23 -0.27 -23.59
N THR A 28 23.11 -0.34 -24.59
CA THR A 28 23.91 0.83 -24.97
C THR A 28 23.03 2.04 -25.22
N ARG A 29 21.96 1.85 -25.98
CA ARG A 29 21.03 2.93 -26.29
C ARG A 29 20.57 3.63 -25.02
N ILE A 30 20.01 2.85 -24.09
CA ILE A 30 19.52 3.39 -22.83
C ILE A 30 20.63 4.09 -22.07
N VAL A 31 21.80 3.45 -22.02
CA VAL A 31 22.94 4.01 -21.31
C VAL A 31 23.27 5.41 -21.81
N GLU A 32 23.21 5.59 -23.13
CA GLU A 32 23.49 6.88 -23.74
C GLU A 32 22.28 7.81 -23.64
N LEU A 33 21.10 7.22 -23.55
CA LEU A 33 19.86 7.98 -23.45
C LEU A 33 19.67 8.54 -22.03
N LEU A 34 20.32 7.90 -21.07
CA LEU A 34 20.23 8.32 -19.67
C LEU A 34 21.02 9.60 -19.44
N GLY A 35 22.00 9.85 -20.31
CA GLY A 35 22.82 11.04 -20.18
C GLY A 35 21.98 12.30 -20.08
N ARG A 36 21.08 12.49 -21.03
CA ARG A 36 20.22 13.67 -21.05
C ARG A 36 18.98 13.45 -20.19
N ARG A 37 18.66 12.19 -19.94
CA ARG A 37 17.49 11.85 -19.12
C ARG A 37 17.87 11.74 -17.65
N GLY A 38 19.09 12.18 -17.32
CA GLY A 38 19.56 12.12 -15.95
C GLY A 38 18.58 12.76 -14.98
N TRP A 39 17.84 13.75 -15.46
CA TRP A 39 16.87 14.45 -14.62
C TRP A 39 15.64 13.57 -14.36
N GLU A 40 15.05 13.05 -15.43
CA GLU A 40 13.88 12.20 -15.31
C GLU A 40 14.11 11.08 -14.31
N ALA A 41 15.30 10.50 -14.35
CA ALA A 41 15.66 9.42 -13.44
C ALA A 41 15.63 9.89 -11.99
N LEU A 42 16.43 10.89 -11.68
CA LEU A 42 16.50 11.43 -10.32
C LEU A 42 15.10 11.79 -9.81
N LYS A 43 14.24 12.22 -10.73
CA LYS A 43 12.88 12.60 -10.38
C LYS A 43 12.06 11.38 -9.97
N TYR A 44 12.18 10.31 -10.76
CA TYR A 44 11.45 9.07 -10.49
C TYR A 44 11.83 8.52 -9.12
N TRP A 45 13.13 8.40 -8.87
CA TRP A 45 13.62 7.88 -7.61
C TRP A 45 13.14 8.73 -6.44
N TRP A 46 13.27 10.05 -6.58
CA TRP A 46 12.85 10.98 -5.54
C TRP A 46 11.35 10.88 -5.29
N ASN A 47 10.56 10.93 -6.37
CA ASN A 47 9.12 10.84 -6.27
C ASN A 47 8.70 9.52 -5.63
N LEU A 48 9.06 8.42 -6.28
CA LEU A 48 8.72 7.09 -5.78
C LEU A 48 9.14 6.93 -4.31
N LEU A 49 10.35 7.39 -4.01
CA LEU A 49 10.88 7.30 -2.65
C LEU A 49 9.92 7.97 -1.65
N GLN A 50 9.65 9.24 -1.87
CA GLN A 50 8.76 10.00 -1.00
C GLN A 50 7.37 9.34 -0.94
N TYR A 51 6.98 8.71 -2.04
CA TYR A 51 5.69 8.05 -2.13
C TYR A 51 5.59 6.91 -1.10
N TRP A 52 6.48 5.94 -1.23
CA TRP A 52 6.48 4.80 -0.31
C TRP A 52 6.68 5.27 1.13
N SER A 53 7.64 6.14 1.34
CA SER A 53 7.93 6.67 2.68
C SER A 53 6.65 7.21 3.33
N GLN A 54 6.06 8.21 2.70
CA GLN A 54 4.84 8.82 3.23
C GLN A 54 3.73 7.78 3.35
N GLU A 55 3.72 6.81 2.45
CA GLU A 55 2.71 5.76 2.46
C GLU A 55 2.77 4.97 3.76
N LEU A 56 3.97 4.52 4.12
CA LEU A 56 4.18 3.75 5.34
C LEU A 56 3.95 4.61 6.58
N LYS A 57 4.31 5.88 6.48
CA LYS A 57 4.15 6.81 7.59
C LYS A 57 2.66 7.09 7.85
N ASN A 58 1.98 7.60 6.84
CA ASN A 58 0.56 7.92 6.95
C ASN A 58 -0.24 6.67 7.35
N SER A 59 0.06 5.55 6.71
CA SER A 59 -0.62 4.29 6.98
C SER A 59 -0.36 3.84 8.42
N ALA A 60 0.91 3.80 8.81
CA ALA A 60 1.29 3.39 10.15
C ALA A 60 0.52 4.18 11.20
N VAL A 61 0.55 5.50 11.09
CA VAL A 61 -0.15 6.37 12.03
C VAL A 61 -1.65 6.14 11.98
N ASN A 62 -2.17 5.90 10.77
CA ASN A 62 -3.59 5.66 10.57
C ASN A 62 -4.03 4.35 11.24
N LEU A 63 -3.15 3.35 11.18
CA LEU A 63 -3.43 2.05 11.77
C LEU A 63 -3.43 2.14 13.29
N LEU A 64 -2.44 2.84 13.84
CA LEU A 64 -2.32 2.98 15.29
C LEU A 64 -3.52 3.74 15.85
N ASN A 65 -3.82 4.89 15.27
CA ASN A 65 -4.95 5.71 15.71
C ASN A 65 -6.26 4.93 15.61
N ALA A 66 -6.58 4.49 14.39
CA ALA A 66 -7.80 3.74 14.15
C ALA A 66 -7.94 2.59 15.15
N THR A 67 -6.84 1.88 15.40
CA THR A 67 -6.84 0.76 16.33
C THR A 67 -7.18 1.21 17.74
N ALA A 68 -6.64 2.37 18.13
CA ALA A 68 -6.89 2.91 19.46
C ALA A 68 -8.34 3.36 19.60
N ILE A 69 -8.91 3.85 18.51
CA ILE A 69 -10.29 4.32 18.51
C ILE A 69 -11.27 3.15 18.60
N ALA A 70 -10.90 2.03 17.98
CA ALA A 70 -11.74 0.84 17.99
C ALA A 70 -11.51 0.02 19.26
N VAL A 71 -10.32 0.16 19.84
CA VAL A 71 -9.98 -0.57 21.06
C VAL A 71 -10.43 0.19 22.30
N ALA A 72 -10.54 1.51 22.18
CA ALA A 72 -10.96 2.35 23.29
C ALA A 72 -12.48 2.46 23.34
N GLU A 73 -13.16 1.73 22.45
CA GLU A 73 -14.61 1.75 22.40
C GLU A 73 -15.18 0.34 22.53
N GLY A 74 -14.35 -0.58 23.03
CA GLY A 74 -14.79 -1.95 23.20
C GLY A 74 -15.88 -2.08 24.24
N THR A 75 -15.55 -2.69 25.37
CA THR A 75 -16.51 -2.88 26.44
C THR A 75 -16.67 -1.62 27.28
N ASP A 76 -15.70 -0.71 27.17
CA ASP A 76 -15.73 0.54 27.91
C ASP A 76 -17.06 1.25 27.71
N ARG A 77 -17.53 1.29 26.46
CA ARG A 77 -18.79 1.95 26.15
C ARG A 77 -19.94 1.33 26.93
N VAL A 78 -19.88 0.02 27.15
CA VAL A 78 -20.91 -0.69 27.89
C VAL A 78 -20.78 -0.44 29.39
N ILE A 79 -19.55 -0.30 29.85
CA ILE A 79 -19.28 -0.06 31.27
C ILE A 79 -19.64 1.37 31.65
N GLU A 80 -19.31 2.31 30.78
CA GLU A 80 -19.59 3.72 31.02
C GLU A 80 -21.09 4.00 30.91
N VAL A 81 -21.73 3.41 29.89
CA VAL A 81 -23.15 3.60 29.68
C VAL A 81 -23.97 2.94 30.78
N LEU A 82 -23.50 1.80 31.27
CA LEU A 82 -24.19 1.08 32.33
C LEU A 82 -24.07 1.83 33.66
N GLN A 83 -22.84 2.13 34.05
CA GLN A 83 -22.60 2.85 35.31
C GLN A 83 -23.27 4.22 35.28
N ALA A 84 -23.25 4.87 34.12
CA ALA A 84 -23.85 6.19 33.97
C ALA A 84 -25.36 6.12 34.15
N ALA A 85 -26.00 5.25 33.38
CA ALA A 85 -27.46 5.10 33.46
C ALA A 85 -27.88 4.62 34.84
N TYR A 86 -27.16 3.64 35.37
CA TYR A 86 -27.47 3.10 36.69
C TYR A 86 -27.45 4.19 37.75
N ARG A 87 -26.29 4.81 37.93
CA ARG A 87 -26.14 5.88 38.92
C ARG A 87 -27.16 6.99 38.68
N ALA A 88 -27.32 7.36 37.41
CA ALA A 88 -28.27 8.41 37.06
C ALA A 88 -29.65 8.14 37.65
N ILE A 89 -30.17 6.94 37.39
CA ILE A 89 -31.48 6.55 37.90
C ILE A 89 -31.39 6.13 39.36
N ARG A 90 -30.18 5.96 39.85
CA ARG A 90 -29.96 5.55 41.24
C ARG A 90 -30.20 6.72 42.19
N HIS A 91 -29.67 7.89 41.83
CA HIS A 91 -29.83 9.08 42.66
C HIS A 91 -30.83 10.05 42.03
N ILE A 92 -31.13 9.83 40.76
CA ILE A 92 -32.07 10.69 40.03
C ILE A 92 -32.99 9.86 39.13
N PRO A 93 -34.11 9.38 39.70
CA PRO A 93 -35.08 8.58 38.97
C PRO A 93 -35.84 9.39 37.92
N ARG A 94 -35.85 8.90 36.69
CA ARG A 94 -36.55 9.59 35.61
C ARG A 94 -36.88 8.62 34.47
N ARG A 95 -37.01 7.35 34.81
CA ARG A 95 -37.32 6.32 33.83
C ARG A 95 -36.35 6.38 32.65
N ILE A 96 -35.13 6.81 32.92
CA ILE A 96 -34.11 6.92 31.88
C ILE A 96 -33.52 5.55 31.55
N ARG A 97 -33.56 4.65 32.53
CA ARG A 97 -33.03 3.30 32.34
C ARG A 97 -33.71 2.62 31.15
N GLN A 98 -34.94 3.02 30.86
CA GLN A 98 -35.69 2.44 29.75
C GLN A 98 -34.88 2.49 28.46
N GLY A 99 -34.05 3.52 28.33
CA GLY A 99 -33.22 3.66 27.14
C GLY A 99 -32.23 2.52 26.98
N LEU A 100 -31.42 2.30 28.01
CA LEU A 100 -30.42 1.24 27.99
C LEU A 100 -31.08 -0.14 27.95
N GLU A 101 -32.29 -0.22 28.53
CA GLU A 101 -33.03 -1.48 28.57
C GLU A 101 -33.69 -1.75 27.22
N ARG A 102 -34.01 -0.69 26.49
CA ARG A 102 -34.65 -0.82 25.20
C ARG A 102 -33.63 -1.13 24.11
N ILE A 103 -32.44 -0.56 24.25
CA ILE A 103 -31.37 -0.77 23.27
C ILE A 103 -30.48 -1.94 23.69
N LEU A 104 -30.98 -2.75 24.62
CA LEU A 104 -30.24 -3.91 25.10
C LEU A 104 -30.67 -5.18 24.37
N LEU A 105 -31.95 -5.52 24.49
CA LEU A 105 -32.49 -6.70 23.85
C LEU A 105 -33.33 -6.32 22.63
N SER A 1 19.05 -17.75 -59.06
CA SER A 1 20.30 -17.17 -59.55
C SER A 1 21.23 -16.81 -58.38
N LEU A 2 22.31 -16.11 -58.69
CA LEU A 2 23.27 -15.71 -57.68
C LEU A 2 22.59 -14.92 -56.57
N ALA A 3 21.76 -13.96 -56.95
CA ALA A 3 21.03 -13.14 -55.98
C ALA A 3 19.97 -13.96 -55.25
N LEU A 4 19.51 -15.03 -55.89
CA LEU A 4 18.50 -15.89 -55.31
C LEU A 4 19.08 -16.69 -54.14
N ILE A 5 20.15 -17.42 -54.39
CA ILE A 5 20.80 -18.22 -53.36
C ILE A 5 21.43 -17.34 -52.29
N TRP A 6 21.98 -16.21 -52.72
CA TRP A 6 22.61 -15.27 -51.81
C TRP A 6 21.59 -14.64 -50.88
N ASP A 7 20.46 -14.21 -51.44
CA ASP A 7 19.40 -13.59 -50.67
C ASP A 7 18.81 -14.57 -49.67
N ASP A 8 18.54 -15.79 -50.12
CA ASP A 8 17.98 -16.82 -49.26
C ASP A 8 18.93 -17.15 -48.11
N LEU A 9 20.19 -17.39 -48.44
CA LEU A 9 21.19 -17.71 -47.44
C LEU A 9 21.29 -16.61 -46.39
N ARG A 10 21.58 -15.39 -46.84
CA ARG A 10 21.70 -14.25 -45.94
C ARG A 10 20.41 -14.03 -45.17
N SER A 11 19.28 -14.36 -45.80
CA SER A 11 17.97 -14.19 -45.17
C SER A 11 17.82 -15.12 -43.97
N LEU A 12 18.03 -16.41 -44.21
CA LEU A 12 17.91 -17.41 -43.15
C LEU A 12 18.95 -17.16 -42.05
N CYS A 13 20.17 -16.85 -42.46
CA CYS A 13 21.25 -16.58 -41.50
C CYS A 13 20.89 -15.43 -40.58
N LEU A 14 20.65 -14.26 -41.17
CA LEU A 14 20.29 -13.07 -40.40
C LEU A 14 19.03 -13.31 -39.57
N PHE A 15 18.10 -14.07 -40.14
CA PHE A 15 16.85 -14.38 -39.45
C PHE A 15 17.12 -15.16 -38.16
N SER A 16 17.76 -16.32 -38.29
CA SER A 16 18.08 -17.15 -37.13
C SER A 16 18.88 -16.36 -36.10
N TYR A 17 19.98 -15.77 -36.54
CA TYR A 17 20.83 -14.99 -35.66
C TYR A 17 20.03 -13.92 -34.93
N HIS A 18 19.35 -13.08 -35.69
CA HIS A 18 18.54 -12.00 -35.13
C HIS A 18 17.58 -12.55 -34.09
N ARG A 19 16.97 -13.70 -34.38
CA ARG A 19 16.03 -14.32 -33.46
C ARG A 19 16.70 -14.66 -32.13
N LEU A 20 17.75 -15.47 -32.20
CA LEU A 20 18.48 -15.87 -31.00
C LEU A 20 18.85 -14.66 -30.16
N ARG A 21 19.47 -13.67 -30.78
CA ARG A 21 19.88 -12.46 -30.09
C ARG A 21 18.66 -11.72 -29.53
N ASP A 22 17.54 -11.83 -30.23
CA ASP A 22 16.31 -11.18 -29.80
C ASP A 22 15.80 -11.78 -28.49
N LEU A 23 15.53 -13.07 -28.50
CA LEU A 23 15.04 -13.76 -27.31
C LEU A 23 16.00 -13.56 -26.14
N LEU A 24 17.28 -13.79 -26.38
CA LEU A 24 18.29 -13.64 -25.34
C LEU A 24 18.32 -12.21 -24.82
N LEU A 25 18.14 -11.25 -25.72
CA LEU A 25 18.14 -9.84 -25.35
C LEU A 25 16.98 -9.51 -24.41
N ILE A 26 15.82 -10.08 -24.71
CA ILE A 26 14.63 -9.86 -23.89
C ILE A 26 14.80 -10.46 -22.50
N VAL A 27 15.03 -11.77 -22.45
CA VAL A 27 15.22 -12.47 -21.19
C VAL A 27 16.27 -11.78 -20.32
N THR A 28 17.37 -11.38 -20.95
CA THR A 28 18.46 -10.70 -20.24
C THR A 28 17.98 -9.38 -19.64
N ARG A 29 17.38 -8.54 -20.48
CA ARG A 29 16.88 -7.24 -20.04
C ARG A 29 16.01 -7.40 -18.80
N ILE A 30 15.11 -8.38 -18.82
CA ILE A 30 14.21 -8.63 -17.71
C ILE A 30 14.99 -9.02 -16.46
N VAL A 31 15.96 -9.92 -16.63
CA VAL A 31 16.78 -10.38 -15.52
C VAL A 31 17.45 -9.21 -14.80
N GLU A 32 17.92 -8.24 -15.59
CA GLU A 32 18.58 -7.07 -15.03
C GLU A 32 17.56 -6.05 -14.52
N LEU A 33 16.37 -6.09 -15.11
CA LEU A 33 15.30 -5.17 -14.71
C LEU A 33 14.67 -5.61 -13.39
N LEU A 34 14.79 -6.89 -13.08
CA LEU A 34 14.23 -7.44 -11.86
C LEU A 34 15.07 -7.03 -10.64
N GLY A 35 16.27 -6.53 -10.91
CA GLY A 35 17.14 -6.10 -9.84
C GLY A 35 16.82 -4.72 -9.33
N ARG A 36 16.29 -3.87 -10.21
CA ARG A 36 15.93 -2.50 -9.85
C ARG A 36 14.52 -2.45 -9.25
N ARG A 37 13.63 -3.27 -9.80
CA ARG A 37 12.25 -3.32 -9.33
C ARG A 37 12.19 -3.71 -7.85
N GLY A 38 13.23 -4.41 -7.39
CA GLY A 38 13.29 -4.84 -6.00
C GLY A 38 13.46 -3.68 -5.04
N TRP A 39 14.02 -2.58 -5.54
CA TRP A 39 14.24 -1.40 -4.71
C TRP A 39 12.98 -0.55 -4.63
N GLU A 40 12.44 -0.18 -5.78
CA GLU A 40 11.23 0.63 -5.84
C GLU A 40 10.14 0.05 -4.95
N ALA A 41 9.98 -1.26 -5.00
CA ALA A 41 8.98 -1.95 -4.20
C ALA A 41 9.19 -1.69 -2.71
N LEU A 42 10.37 -2.07 -2.23
CA LEU A 42 10.71 -1.89 -0.81
C LEU A 42 10.49 -0.44 -0.38
N LYS A 43 10.72 0.48 -1.31
CA LYS A 43 10.56 1.90 -1.04
C LYS A 43 9.09 2.24 -0.81
N TYR A 44 8.22 1.72 -1.67
CA TYR A 44 6.78 1.96 -1.56
C TYR A 44 6.24 1.42 -0.24
N TRP A 45 6.61 0.19 0.08
CA TRP A 45 6.16 -0.45 1.30
C TRP A 45 6.58 0.37 2.53
N TRP A 46 7.85 0.75 2.57
CA TRP A 46 8.38 1.54 3.67
C TRP A 46 7.73 2.92 3.73
N ASN A 47 7.68 3.59 2.58
CA ASN A 47 7.09 4.92 2.50
C ASN A 47 5.64 4.89 2.97
N LEU A 48 4.83 4.06 2.32
CA LEU A 48 3.41 3.94 2.67
C LEU A 48 3.25 3.56 4.14
N LEU A 49 4.09 2.63 4.60
CA LEU A 49 4.03 2.19 5.99
C LEU A 49 4.13 3.37 6.95
N GLN A 50 5.24 4.10 6.85
CA GLN A 50 5.46 5.26 7.71
C GLN A 50 4.40 6.33 7.47
N TYR A 51 3.95 6.44 6.22
CA TYR A 51 2.94 7.42 5.86
C TYR A 51 1.63 7.15 6.59
N TRP A 52 1.06 5.98 6.36
CA TRP A 52 -0.20 5.60 7.00
C TRP A 52 -0.07 5.64 8.52
N SER A 53 1.00 5.05 9.04
CA SER A 53 1.23 5.02 10.48
C SER A 53 1.15 6.42 11.07
N GLN A 54 2.04 7.31 10.60
CA GLN A 54 2.07 8.68 11.09
C GLN A 54 0.73 9.37 10.87
N GLU A 55 0.05 8.99 9.78
CA GLU A 55 -1.25 9.57 9.46
C GLU A 55 -2.26 9.30 10.57
N LEU A 56 -2.36 8.04 10.98
CA LEU A 56 -3.29 7.64 12.03
C LEU A 56 -2.87 8.22 13.37
N LYS A 57 -1.56 8.29 13.59
CA LYS A 57 -1.01 8.83 14.84
C LYS A 57 -1.30 10.33 14.96
N ASN A 58 -0.81 11.10 14.00
CA ASN A 58 -1.02 12.54 14.00
C ASN A 58 -2.51 12.88 14.04
N SER A 59 -3.29 12.18 13.22
CA SER A 59 -4.73 12.40 13.16
C SER A 59 -5.39 12.07 14.50
N ALA A 60 -5.10 10.88 15.01
CA ALA A 60 -5.67 10.45 16.28
C ALA A 60 -5.45 11.50 17.37
N VAL A 61 -4.20 11.92 17.53
CA VAL A 61 -3.85 12.91 18.54
C VAL A 61 -4.54 14.24 18.26
N ASN A 62 -4.64 14.58 16.97
CA ASN A 62 -5.28 15.83 16.56
C ASN A 62 -6.77 15.81 16.88
N LEU A 63 -7.39 14.65 16.73
CA LEU A 63 -8.81 14.49 17.01
C LEU A 63 -9.09 14.58 18.50
N LEU A 64 -8.25 13.93 19.30
CA LEU A 64 -8.41 13.93 20.75
C LEU A 64 -8.25 15.34 21.31
N ASN A 65 -7.15 16.00 20.93
CA ASN A 65 -6.87 17.35 21.39
C ASN A 65 -7.99 18.31 20.97
N ALA A 66 -8.21 18.40 19.66
CA ALA A 66 -9.25 19.27 19.12
C ALA A 66 -10.58 19.06 19.85
N THR A 67 -10.92 17.79 20.07
CA THR A 67 -12.16 17.45 20.75
C THR A 67 -12.18 17.99 22.18
N ALA A 68 -11.05 17.90 22.85
CA ALA A 68 -10.93 18.39 24.23
C ALA A 68 -11.03 19.91 24.27
N ILE A 69 -10.51 20.57 23.23
CA ILE A 69 -10.54 22.02 23.16
C ILE A 69 -11.94 22.53 22.89
N ALA A 70 -12.71 21.78 22.11
CA ALA A 70 -14.07 22.15 21.78
C ALA A 70 -15.04 21.72 22.87
N VAL A 71 -14.68 20.68 23.61
CA VAL A 71 -15.51 20.16 24.68
C VAL A 71 -15.24 20.91 25.98
N ALA A 72 -14.04 21.45 26.12
CA ALA A 72 -13.67 22.19 27.31
C ALA A 72 -14.41 23.52 27.40
N GLU A 73 -14.83 24.03 26.24
CA GLU A 73 -15.55 25.29 26.17
C GLU A 73 -17.06 25.06 26.16
N GLY A 74 -17.46 23.80 26.09
CA GLY A 74 -18.87 23.47 26.06
C GLY A 74 -19.16 22.13 26.73
N THR A 75 -19.99 22.17 27.78
CA THR A 75 -20.34 20.96 28.50
C THR A 75 -21.39 20.16 27.75
N ASP A 76 -22.07 20.81 26.82
CA ASP A 76 -23.10 20.15 26.01
C ASP A 76 -22.58 18.86 25.40
N ARG A 77 -21.34 18.90 24.91
CA ARG A 77 -20.73 17.73 24.30
C ARG A 77 -20.65 16.57 25.29
N VAL A 78 -20.02 16.81 26.43
CA VAL A 78 -19.88 15.79 27.46
C VAL A 78 -21.24 15.22 27.85
N ILE A 79 -22.22 16.10 27.95
CA ILE A 79 -23.57 15.68 28.32
C ILE A 79 -24.17 14.76 27.27
N GLU A 80 -24.27 15.26 26.04
CA GLU A 80 -24.83 14.48 24.95
C GLU A 80 -24.14 13.12 24.84
N VAL A 81 -22.84 13.10 25.09
CA VAL A 81 -22.07 11.86 25.03
C VAL A 81 -22.39 10.95 26.21
N LEU A 82 -22.35 11.52 27.41
CA LEU A 82 -22.64 10.76 28.62
C LEU A 82 -23.96 10.02 28.50
N GLN A 83 -25.00 10.74 28.08
CA GLN A 83 -26.32 10.14 27.92
C GLN A 83 -26.35 9.19 26.73
N ALA A 84 -25.71 9.59 25.63
CA ALA A 84 -25.66 8.78 24.43
C ALA A 84 -25.08 7.39 24.73
N ALA A 85 -23.92 7.38 25.35
CA ALA A 85 -23.24 6.13 25.70
C ALA A 85 -24.02 5.37 26.78
N TYR A 86 -24.35 6.07 27.85
CA TYR A 86 -25.09 5.46 28.96
C TYR A 86 -26.36 4.78 28.45
N ARG A 87 -27.15 5.51 27.68
CA ARG A 87 -28.39 4.97 27.13
C ARG A 87 -28.10 3.86 26.11
N ALA A 88 -27.06 4.06 25.32
CA ALA A 88 -26.68 3.08 24.31
C ALA A 88 -26.40 1.72 24.94
N ILE A 89 -25.76 1.74 26.11
CA ILE A 89 -25.43 0.50 26.81
C ILE A 89 -26.59 0.05 27.69
N ARG A 90 -27.41 1.01 28.12
CA ARG A 90 -28.56 0.72 28.97
C ARG A 90 -29.67 0.03 28.17
N HIS A 91 -29.71 0.32 26.87
CA HIS A 91 -30.73 -0.27 25.99
C HIS A 91 -30.11 -1.30 25.06
N ILE A 92 -28.84 -1.08 24.69
CA ILE A 92 -28.14 -1.99 23.80
C ILE A 92 -26.74 -2.29 24.33
N PRO A 93 -26.66 -3.22 25.29
CA PRO A 93 -25.38 -3.63 25.89
C PRO A 93 -24.51 -4.41 24.92
N ARG A 94 -23.53 -3.72 24.34
CA ARG A 94 -22.62 -4.36 23.39
C ARG A 94 -21.52 -3.39 22.97
N ARG A 95 -20.60 -3.12 23.89
CA ARG A 95 -19.49 -2.21 23.61
C ARG A 95 -18.55 -2.11 24.82
N ILE A 96 -19.12 -2.17 26.01
CA ILE A 96 -18.35 -2.09 27.24
C ILE A 96 -17.20 -3.10 27.23
N ARG A 97 -17.41 -4.21 26.54
CA ARG A 97 -16.40 -5.25 26.45
C ARG A 97 -15.16 -4.74 25.72
N GLN A 98 -15.34 -4.40 24.45
CA GLN A 98 -14.23 -3.89 23.64
C GLN A 98 -13.62 -2.64 24.26
N GLY A 99 -14.47 -1.77 24.79
CA GLY A 99 -13.99 -0.55 25.41
C GLY A 99 -13.17 -0.82 26.66
N LEU A 100 -13.74 -1.57 27.58
CA LEU A 100 -13.05 -1.90 28.83
C LEU A 100 -11.70 -2.56 28.55
N GLU A 101 -11.70 -3.53 27.63
CA GLU A 101 -10.48 -4.23 27.28
C GLU A 101 -9.51 -3.32 26.53
N ARG A 102 -10.06 -2.42 25.72
CA ARG A 102 -9.25 -1.49 24.95
C ARG A 102 -8.51 -0.52 25.88
N ILE A 103 -9.17 -0.15 26.97
CA ILE A 103 -8.58 0.78 27.93
C ILE A 103 -7.86 0.02 29.05
N LEU A 104 -7.60 -1.26 28.81
CA LEU A 104 -6.91 -2.11 29.78
C LEU A 104 -5.50 -2.42 29.33
N LEU A 105 -5.37 -2.82 28.07
CA LEU A 105 -4.07 -3.16 27.50
C LEU A 105 -4.17 -3.37 26.00
N SER A 1 11.42 -23.79 -56.14
CA SER A 1 11.33 -22.96 -54.94
C SER A 1 12.70 -22.76 -54.31
N LEU A 2 13.74 -22.83 -55.14
CA LEU A 2 15.11 -22.66 -54.68
C LEU A 2 15.26 -21.37 -53.87
N ALA A 3 14.91 -20.25 -54.49
CA ALA A 3 15.00 -18.95 -53.84
C ALA A 3 14.26 -18.96 -52.51
N LEU A 4 13.06 -19.54 -52.50
CA LEU A 4 12.25 -19.61 -51.29
C LEU A 4 13.04 -20.29 -50.16
N ILE A 5 13.54 -21.48 -50.43
CA ILE A 5 14.30 -22.23 -49.43
C ILE A 5 15.49 -21.42 -48.93
N TRP A 6 16.26 -20.86 -49.85
CA TRP A 6 17.42 -20.05 -49.49
C TRP A 6 17.02 -18.88 -48.60
N ASP A 7 16.02 -18.12 -49.04
CA ASP A 7 15.54 -16.97 -48.28
C ASP A 7 15.19 -17.38 -46.86
N ASP A 8 14.45 -18.47 -46.72
CA ASP A 8 14.06 -18.97 -45.41
C ASP A 8 15.28 -19.33 -44.56
N LEU A 9 16.11 -20.22 -45.10
CA LEU A 9 17.31 -20.65 -44.39
C LEU A 9 18.15 -19.46 -43.95
N ARG A 10 18.58 -18.65 -44.91
CA ARG A 10 19.38 -17.48 -44.63
C ARG A 10 18.70 -16.59 -43.58
N SER A 11 17.44 -16.25 -43.83
CA SER A 11 16.68 -15.41 -42.92
C SER A 11 16.69 -15.99 -41.51
N LEU A 12 16.53 -17.31 -41.43
CA LEU A 12 16.51 -17.99 -40.14
C LEU A 12 17.84 -17.80 -39.40
N CYS A 13 18.93 -18.10 -40.08
CA CYS A 13 20.26 -17.96 -39.49
C CYS A 13 20.51 -16.52 -39.06
N LEU A 14 20.42 -15.60 -40.01
CA LEU A 14 20.63 -14.18 -39.73
C LEU A 14 19.76 -13.71 -38.58
N PHE A 15 18.47 -14.01 -38.66
CA PHE A 15 17.53 -13.63 -37.62
C PHE A 15 17.94 -14.21 -36.26
N SER A 16 18.38 -15.47 -36.28
CA SER A 16 18.80 -16.14 -35.06
C SER A 16 19.95 -15.38 -34.38
N TYR A 17 21.03 -15.18 -35.13
CA TYR A 17 22.19 -14.48 -34.61
C TYR A 17 21.83 -13.06 -34.18
N HIS A 18 21.24 -12.30 -35.09
CA HIS A 18 20.84 -10.93 -34.80
C HIS A 18 19.96 -10.88 -33.56
N ARG A 19 19.06 -11.85 -33.43
CA ARG A 19 18.16 -11.91 -32.28
C ARG A 19 18.94 -12.08 -30.98
N LEU A 20 19.73 -13.15 -30.90
CA LEU A 20 20.53 -13.43 -29.72
C LEU A 20 21.32 -12.20 -29.30
N ARG A 21 22.04 -11.61 -30.25
CA ARG A 21 22.84 -10.43 -29.98
C ARG A 21 21.95 -9.24 -29.55
N ASP A 22 20.74 -9.20 -30.09
CA ASP A 22 19.81 -8.14 -29.77
C ASP A 22 19.43 -8.17 -28.29
N LEU A 23 18.92 -9.30 -27.85
CA LEU A 23 18.52 -9.47 -26.45
C LEU A 23 19.71 -9.27 -25.51
N LEU A 24 20.81 -9.95 -25.82
CA LEU A 24 22.02 -9.85 -25.01
C LEU A 24 22.53 -8.41 -24.98
N LEU A 25 22.31 -7.68 -26.06
CA LEU A 25 22.74 -6.29 -26.15
C LEU A 25 21.94 -5.40 -25.20
N ILE A 26 20.62 -5.41 -25.37
CA ILE A 26 19.74 -4.61 -24.53
C ILE A 26 19.91 -4.98 -23.06
N VAL A 27 20.18 -6.25 -22.79
CA VAL A 27 20.36 -6.72 -21.42
C VAL A 27 21.65 -6.15 -20.82
N THR A 28 22.78 -6.51 -21.41
CA THR A 28 24.07 -6.04 -20.93
C THR A 28 24.11 -4.52 -20.86
N ARG A 29 23.36 -3.87 -21.75
CA ARG A 29 23.31 -2.42 -21.79
C ARG A 29 22.59 -1.86 -20.56
N ILE A 30 21.33 -2.25 -20.39
CA ILE A 30 20.54 -1.80 -19.26
C ILE A 30 21.20 -2.17 -17.93
N VAL A 31 21.87 -3.33 -17.92
CA VAL A 31 22.55 -3.80 -16.72
C VAL A 31 23.82 -2.99 -16.45
N GLU A 32 24.53 -2.64 -17.52
CA GLU A 32 25.75 -1.88 -17.40
C GLU A 32 25.46 -0.41 -17.11
N LEU A 33 24.30 0.06 -17.58
CA LEU A 33 23.90 1.45 -17.36
C LEU A 33 23.31 1.63 -15.97
N LEU A 34 22.46 0.69 -15.56
CA LEU A 34 21.82 0.74 -14.25
C LEU A 34 22.80 0.32 -13.15
N GLY A 35 23.78 -0.49 -13.52
CA GLY A 35 24.76 -0.96 -12.56
C GLY A 35 25.47 0.19 -11.86
N ARG A 36 25.88 1.18 -12.64
CA ARG A 36 26.59 2.34 -12.09
C ARG A 36 25.60 3.40 -11.60
N ARG A 37 24.41 3.40 -12.19
CA ARG A 37 23.38 4.35 -11.82
C ARG A 37 22.50 3.79 -10.70
N GLY A 38 22.93 2.69 -10.10
CA GLY A 38 22.18 2.07 -9.02
C GLY A 38 21.86 3.05 -7.91
N TRP A 39 22.69 4.07 -7.76
CA TRP A 39 22.50 5.08 -6.73
C TRP A 39 21.16 5.78 -6.89
N GLU A 40 20.97 6.41 -8.05
CA GLU A 40 19.73 7.13 -8.35
C GLU A 40 18.52 6.21 -8.15
N ALA A 41 18.54 5.06 -8.82
CA ALA A 41 17.45 4.10 -8.71
C ALA A 41 17.11 3.80 -7.26
N LEU A 42 18.12 3.40 -6.49
CA LEU A 42 17.93 3.07 -5.09
C LEU A 42 17.22 4.21 -4.36
N LYS A 43 17.76 5.42 -4.50
CA LYS A 43 17.18 6.59 -3.86
C LYS A 43 15.70 6.74 -4.23
N TYR A 44 15.38 6.49 -5.48
CA TYR A 44 14.01 6.59 -5.97
C TYR A 44 13.10 5.61 -5.22
N TRP A 45 13.49 4.34 -5.24
CA TRP A 45 12.70 3.29 -4.58
C TRP A 45 12.45 3.66 -3.12
N TRP A 46 13.49 4.11 -2.44
CA TRP A 46 13.39 4.50 -1.04
C TRP A 46 12.49 5.71 -0.87
N ASN A 47 12.76 6.76 -1.64
CA ASN A 47 11.98 7.98 -1.58
C ASN A 47 10.50 7.69 -1.80
N LEU A 48 10.18 7.07 -2.94
CA LEU A 48 8.81 6.73 -3.27
C LEU A 48 8.19 5.85 -2.20
N LEU A 49 8.96 4.87 -1.72
CA LEU A 49 8.49 3.96 -0.69
C LEU A 49 7.96 4.72 0.53
N GLN A 50 8.82 5.55 1.11
CA GLN A 50 8.44 6.34 2.28
C GLN A 50 7.27 7.26 1.95
N TYR A 51 7.28 7.82 0.75
CA TYR A 51 6.22 8.72 0.31
C TYR A 51 4.85 8.05 0.45
N TRP A 52 4.66 6.94 -0.25
CA TRP A 52 3.41 6.21 -0.21
C TRP A 52 3.07 5.77 1.22
N SER A 53 4.06 5.20 1.89
CA SER A 53 3.88 4.73 3.26
C SER A 53 3.29 5.83 4.14
N GLN A 54 4.02 6.94 4.26
CA GLN A 54 3.57 8.06 5.07
C GLN A 54 2.22 8.59 4.57
N GLU A 55 2.01 8.52 3.27
CA GLU A 55 0.77 8.98 2.67
C GLU A 55 -0.43 8.21 3.24
N LEU A 56 -0.32 6.89 3.23
CA LEU A 56 -1.39 6.04 3.74
C LEU A 56 -1.53 6.18 5.25
N LYS A 57 -0.40 6.37 5.93
CA LYS A 57 -0.41 6.53 7.37
C LYS A 57 -1.10 7.83 7.78
N ASN A 58 -0.56 8.95 7.30
CA ASN A 58 -1.12 10.26 7.61
C ASN A 58 -2.59 10.34 7.20
N SER A 59 -2.89 9.84 6.00
CA SER A 59 -4.25 9.85 5.49
C SER A 59 -5.17 9.00 6.36
N ALA A 60 -4.76 7.77 6.61
CA ALA A 60 -5.54 6.85 7.43
C ALA A 60 -5.92 7.49 8.75
N VAL A 61 -4.92 8.01 9.46
CA VAL A 61 -5.15 8.66 10.75
C VAL A 61 -6.04 9.88 10.60
N ASN A 62 -5.85 10.62 9.51
CA ASN A 62 -6.63 11.82 9.24
C ASN A 62 -8.09 11.47 8.99
N LEU A 63 -8.32 10.34 8.32
CA LEU A 63 -9.67 9.89 8.02
C LEU A 63 -10.39 9.44 9.29
N LEU A 64 -9.68 8.68 10.12
CA LEU A 64 -10.25 8.17 11.36
C LEU A 64 -10.62 9.32 12.29
N ASN A 65 -9.67 10.22 12.53
CA ASN A 65 -9.90 11.36 13.40
C ASN A 65 -11.05 12.23 12.88
N ALA A 66 -10.89 12.72 11.66
CA ALA A 66 -11.91 13.56 11.04
C ALA A 66 -13.29 12.92 11.14
N THR A 67 -13.35 11.61 10.89
CA THR A 67 -14.61 10.88 10.96
C THR A 67 -15.19 10.90 12.37
N ALA A 68 -14.32 10.75 13.36
CA ALA A 68 -14.74 10.76 14.75
C ALA A 68 -15.23 12.15 15.17
N ILE A 69 -14.61 13.18 14.60
CA ILE A 69 -14.99 14.55 14.92
C ILE A 69 -16.33 14.91 14.31
N ALA A 70 -16.61 14.36 13.14
CA ALA A 70 -17.87 14.61 12.45
C ALA A 70 -18.98 13.70 12.96
N VAL A 71 -18.58 12.53 13.48
CA VAL A 71 -19.54 11.57 14.00
C VAL A 71 -19.86 11.86 15.46
N ALA A 72 -18.93 12.49 16.16
CA ALA A 72 -19.12 12.83 17.56
C ALA A 72 -20.20 13.91 17.73
N GLU A 73 -20.40 14.70 16.67
CA GLU A 73 -21.40 15.77 16.71
C GLU A 73 -22.81 15.20 16.58
N GLY A 74 -22.89 13.89 16.33
CA GLY A 74 -24.19 13.25 16.19
C GLY A 74 -24.66 12.62 17.48
N THR A 75 -25.95 12.32 17.55
CA THR A 75 -26.54 11.71 18.74
C THR A 75 -26.32 10.20 18.74
N ASP A 76 -25.99 9.65 17.57
CA ASP A 76 -25.76 8.21 17.45
C ASP A 76 -24.66 7.75 18.40
N ARG A 77 -23.64 8.60 18.57
CA ARG A 77 -22.52 8.27 19.45
C ARG A 77 -22.99 8.16 20.89
N VAL A 78 -23.54 9.25 21.42
CA VAL A 78 -24.03 9.28 22.80
C VAL A 78 -25.02 8.14 23.05
N ILE A 79 -25.96 7.97 22.12
CA ILE A 79 -26.97 6.92 22.25
C ILE A 79 -26.33 5.54 22.17
N GLU A 80 -25.29 5.43 21.35
CA GLU A 80 -24.59 4.15 21.17
C GLU A 80 -23.94 3.71 22.48
N VAL A 81 -23.19 4.62 23.10
CA VAL A 81 -22.52 4.33 24.35
C VAL A 81 -23.52 4.15 25.50
N LEU A 82 -24.60 4.92 25.44
CA LEU A 82 -25.64 4.85 26.46
C LEU A 82 -26.28 3.46 26.51
N GLN A 83 -26.86 3.05 25.38
CA GLN A 83 -27.50 1.74 25.29
C GLN A 83 -26.49 0.62 25.51
N ALA A 84 -25.31 0.76 24.90
CA ALA A 84 -24.26 -0.24 25.04
C ALA A 84 -23.84 -0.40 26.49
N ALA A 85 -23.42 0.70 27.11
CA ALA A 85 -22.98 0.68 28.50
C ALA A 85 -24.07 0.07 29.40
N TYR A 86 -25.25 0.68 29.40
CA TYR A 86 -26.35 0.21 30.22
C TYR A 86 -26.62 -1.28 29.95
N ARG A 87 -26.75 -1.63 28.69
CA ARG A 87 -27.01 -3.01 28.30
C ARG A 87 -26.06 -3.97 29.02
N ALA A 88 -24.76 -3.75 28.84
CA ALA A 88 -23.75 -4.59 29.48
C ALA A 88 -23.98 -4.67 30.98
N ILE A 89 -23.89 -3.53 31.66
CA ILE A 89 -24.09 -3.48 33.10
C ILE A 89 -25.40 -4.15 33.50
N ARG A 90 -26.34 -4.20 32.57
CA ARG A 90 -27.64 -4.81 32.82
C ARG A 90 -27.49 -6.32 33.01
N HIS A 91 -26.91 -6.98 32.01
CA HIS A 91 -26.70 -8.43 32.06
C HIS A 91 -25.36 -8.77 32.68
N ILE A 92 -24.68 -7.75 33.22
CA ILE A 92 -23.37 -7.95 33.84
C ILE A 92 -23.48 -7.89 35.36
N PRO A 93 -22.89 -8.89 36.03
CA PRO A 93 -22.90 -8.97 37.49
C PRO A 93 -22.03 -7.90 38.14
N ARG A 94 -22.57 -6.68 38.22
CA ARG A 94 -21.85 -5.57 38.82
C ARG A 94 -22.75 -4.36 38.97
N ARG A 95 -22.47 -3.53 39.97
CA ARG A 95 -23.26 -2.33 40.23
C ARG A 95 -22.38 -1.08 40.20
N ILE A 96 -22.17 -0.54 39.00
CA ILE A 96 -21.34 0.64 38.83
C ILE A 96 -22.16 1.91 39.10
N ARG A 97 -23.47 1.83 38.89
CA ARG A 97 -24.35 2.96 39.10
C ARG A 97 -24.28 3.44 40.55
N GLN A 98 -23.96 2.52 41.46
CA GLN A 98 -23.87 2.85 42.87
C GLN A 98 -22.95 4.05 43.09
N GLY A 99 -21.72 3.95 42.61
CA GLY A 99 -20.77 5.03 42.77
C GLY A 99 -21.12 6.23 41.90
N LEU A 100 -21.56 5.96 40.67
CA LEU A 100 -21.92 7.03 39.75
C LEU A 100 -22.95 7.96 40.36
N GLU A 101 -23.96 7.38 41.01
CA GLU A 101 -25.01 8.16 41.65
C GLU A 101 -24.58 8.63 43.03
N ARG A 102 -23.76 7.82 43.69
CA ARG A 102 -23.28 8.16 45.02
C ARG A 102 -22.50 9.47 45.02
N ILE A 103 -21.72 9.68 43.96
CA ILE A 103 -20.93 10.89 43.83
C ILE A 103 -21.76 12.03 43.25
N LEU A 104 -22.74 11.69 42.42
CA LEU A 104 -23.62 12.68 41.81
C LEU A 104 -24.40 13.45 42.86
N LEU A 105 -25.23 12.73 43.62
CA LEU A 105 -26.03 13.35 44.66
C LEU A 105 -26.39 12.33 45.75
N SER A 1 0.46 -23.70 -45.92
CA SER A 1 0.20 -24.30 -44.62
C SER A 1 1.51 -24.49 -43.85
N LEU A 2 2.29 -25.47 -44.26
CA LEU A 2 3.57 -25.76 -43.62
C LEU A 2 4.45 -24.52 -43.57
N ALA A 3 4.52 -23.81 -44.70
CA ALA A 3 5.33 -22.60 -44.79
C ALA A 3 4.82 -21.53 -43.83
N LEU A 4 3.50 -21.51 -43.61
CA LEU A 4 2.89 -20.54 -42.72
C LEU A 4 3.26 -20.84 -41.26
N ILE A 5 2.98 -22.06 -40.82
CA ILE A 5 3.29 -22.46 -39.45
C ILE A 5 4.77 -22.34 -39.16
N TRP A 6 5.60 -22.63 -40.16
CA TRP A 6 7.05 -22.55 -40.02
C TRP A 6 7.50 -21.10 -39.90
N ASP A 7 6.98 -20.25 -40.78
CA ASP A 7 7.34 -18.84 -40.78
C ASP A 7 6.96 -18.18 -39.46
N ASP A 8 5.80 -18.56 -38.93
CA ASP A 8 5.32 -18.02 -37.67
C ASP A 8 6.17 -18.50 -36.50
N LEU A 9 6.30 -19.81 -36.38
CA LEU A 9 7.08 -20.41 -35.31
C LEU A 9 8.49 -19.82 -35.27
N ARG A 10 9.17 -19.84 -36.41
CA ARG A 10 10.52 -19.31 -36.51
C ARG A 10 10.54 -17.81 -36.17
N SER A 11 9.71 -17.04 -36.85
CA SER A 11 9.64 -15.60 -36.62
C SER A 11 9.43 -15.30 -35.14
N LEU A 12 8.52 -16.04 -34.51
CA LEU A 12 8.24 -15.85 -33.09
C LEU A 12 9.45 -16.18 -32.24
N CYS A 13 10.14 -17.26 -32.59
CA CYS A 13 11.33 -17.68 -31.85
C CYS A 13 12.40 -16.59 -31.88
N LEU A 14 12.88 -16.28 -33.08
CA LEU A 14 13.91 -15.26 -33.25
C LEU A 14 13.47 -13.94 -32.63
N PHE A 15 12.28 -13.48 -33.01
CA PHE A 15 11.75 -12.23 -32.49
C PHE A 15 11.73 -12.23 -30.96
N SER A 16 11.26 -13.34 -30.39
CA SER A 16 11.19 -13.47 -28.93
C SER A 16 12.57 -13.28 -28.31
N TYR A 17 13.55 -14.05 -28.79
CA TYR A 17 14.90 -13.97 -28.27
C TYR A 17 15.43 -12.54 -28.34
N HIS A 18 15.51 -12.01 -29.56
CA HIS A 18 15.99 -10.65 -29.76
C HIS A 18 15.23 -9.66 -28.89
N ARG A 19 13.93 -9.86 -28.77
CA ARG A 19 13.09 -8.98 -27.96
C ARG A 19 13.50 -9.04 -26.50
N LEU A 20 13.47 -10.23 -25.92
CA LEU A 20 13.83 -10.42 -24.52
C LEU A 20 15.19 -9.77 -24.22
N ARG A 21 16.17 -10.05 -25.06
CA ARG A 21 17.51 -9.49 -24.89
C ARG A 21 17.49 -7.97 -25.07
N ASP A 22 16.60 -7.50 -25.93
CA ASP A 22 16.47 -6.07 -26.19
C ASP A 22 16.05 -5.32 -24.93
N LEU A 23 14.91 -5.72 -24.36
CA LEU A 23 14.39 -5.09 -23.16
C LEU A 23 15.37 -5.24 -21.99
N LEU A 24 15.88 -6.46 -21.83
CA LEU A 24 16.83 -6.75 -20.75
C LEU A 24 18.11 -5.93 -20.93
N LEU A 25 18.47 -5.65 -22.17
CA LEU A 25 19.66 -4.88 -22.48
C LEU A 25 19.49 -3.42 -22.08
N ILE A 26 18.43 -2.80 -22.59
CA ILE A 26 18.15 -1.40 -22.29
C ILE A 26 17.94 -1.20 -20.79
N VAL A 27 17.33 -2.17 -20.14
CA VAL A 27 17.08 -2.09 -18.71
C VAL A 27 18.37 -2.19 -17.92
N THR A 28 19.06 -3.33 -18.04
CA THR A 28 20.30 -3.55 -17.33
C THR A 28 21.31 -2.45 -17.66
N ARG A 29 21.19 -1.88 -18.84
CA ARG A 29 22.10 -0.82 -19.28
C ARG A 29 21.82 0.48 -18.51
N ILE A 30 20.59 0.96 -18.59
CA ILE A 30 20.20 2.18 -17.91
C ILE A 30 20.38 2.04 -16.40
N VAL A 31 20.08 0.85 -15.88
CA VAL A 31 20.21 0.60 -14.45
C VAL A 31 21.66 0.58 -14.02
N GLU A 32 22.49 -0.12 -14.79
CA GLU A 32 23.92 -0.21 -14.49
C GLU A 32 24.58 1.15 -14.61
N LEU A 33 24.20 1.91 -15.61
CA LEU A 33 24.76 3.24 -15.84
C LEU A 33 24.36 4.19 -14.72
N LEU A 34 23.08 4.17 -14.35
CA LEU A 34 22.57 5.04 -13.29
C LEU A 34 22.85 4.44 -11.92
N GLY A 35 23.47 3.26 -11.91
CA GLY A 35 23.78 2.60 -10.66
C GLY A 35 24.54 3.49 -9.70
N ARG A 36 25.28 4.45 -10.26
CA ARG A 36 26.07 5.37 -9.45
C ARG A 36 25.22 6.56 -9.00
N ARG A 37 24.31 6.99 -9.87
CA ARG A 37 23.44 8.11 -9.57
C ARG A 37 22.14 7.63 -8.91
N GLY A 38 22.12 6.36 -8.51
CA GLY A 38 20.94 5.80 -7.88
C GLY A 38 20.75 6.29 -6.46
N TRP A 39 21.81 6.85 -5.89
CA TRP A 39 21.77 7.37 -4.52
C TRP A 39 20.69 8.45 -4.39
N GLU A 40 20.86 9.55 -5.12
CA GLU A 40 19.91 10.65 -5.08
C GLU A 40 18.48 10.15 -5.32
N ALA A 41 18.31 9.34 -6.36
CA ALA A 41 17.01 8.79 -6.69
C ALA A 41 16.41 8.03 -5.51
N LEU A 42 17.18 7.08 -4.98
CA LEU A 42 16.73 6.27 -3.84
C LEU A 42 16.21 7.16 -2.72
N LYS A 43 17.07 8.08 -2.26
CA LYS A 43 16.70 8.99 -1.19
C LYS A 43 15.38 9.71 -1.50
N TYR A 44 15.26 10.17 -2.74
CA TYR A 44 14.05 10.87 -3.16
C TYR A 44 12.81 10.02 -2.91
N TRP A 45 12.74 8.87 -3.57
CA TRP A 45 11.61 7.97 -3.41
C TRP A 45 11.27 7.76 -1.94
N TRP A 46 12.29 7.49 -1.14
CA TRP A 46 12.11 7.28 0.30
C TRP A 46 11.55 8.53 0.96
N ASN A 47 12.04 9.69 0.54
CA ASN A 47 11.59 10.96 1.10
C ASN A 47 10.14 11.22 0.75
N LEU A 48 9.83 11.23 -0.54
CA LEU A 48 8.47 11.46 -1.01
C LEU A 48 7.48 10.54 -0.30
N LEU A 49 7.80 9.25 -0.28
CA LEU A 49 6.94 8.26 0.37
C LEU A 49 6.70 8.61 1.84
N GLN A 50 7.79 8.74 2.59
CA GLN A 50 7.71 9.08 4.01
C GLN A 50 6.94 10.38 4.21
N TYR A 51 7.09 11.30 3.26
CA TYR A 51 6.41 12.59 3.33
C TYR A 51 4.89 12.41 3.32
N TRP A 52 4.39 11.82 2.24
CA TRP A 52 2.95 11.59 2.09
C TRP A 52 2.42 10.73 3.23
N SER A 53 3.13 9.64 3.53
CA SER A 53 2.73 8.74 4.60
C SER A 53 2.50 9.50 5.90
N GLN A 54 3.55 10.15 6.39
CA GLN A 54 3.46 10.91 7.63
C GLN A 54 2.40 12.00 7.52
N GLU A 55 2.24 12.56 6.32
CA GLU A 55 1.26 13.60 6.09
C GLU A 55 -0.15 13.10 6.41
N LEU A 56 -0.50 11.95 5.85
CA LEU A 56 -1.82 11.37 6.08
C LEU A 56 -1.98 10.91 7.52
N LYS A 57 -0.90 10.42 8.10
CA LYS A 57 -0.91 9.95 9.48
C LYS A 57 -1.13 11.11 10.44
N ASN A 58 -0.23 12.08 10.42
CA ASN A 58 -0.32 13.24 11.29
C ASN A 58 -1.65 13.96 11.09
N SER A 59 -2.04 14.14 9.83
CA SER A 59 -3.30 14.82 9.51
C SER A 59 -4.49 14.03 10.03
N ALA A 60 -4.54 12.74 9.71
CA ALA A 60 -5.62 11.88 10.15
C ALA A 60 -5.84 11.99 11.66
N VAL A 61 -4.76 11.82 12.42
CA VAL A 61 -4.83 11.90 13.88
C VAL A 61 -5.23 13.29 14.33
N ASN A 62 -4.74 14.31 13.62
CA ASN A 62 -5.05 15.69 13.94
C ASN A 62 -6.53 15.99 13.71
N LEU A 63 -7.10 15.38 12.67
CA LEU A 63 -8.51 15.57 12.35
C LEU A 63 -9.41 14.89 13.37
N LEU A 64 -9.04 13.67 13.76
CA LEU A 64 -9.81 12.92 14.74
C LEU A 64 -9.82 13.62 16.09
N ASN A 65 -8.62 13.98 16.56
CA ASN A 65 -8.49 14.67 17.85
C ASN A 65 -9.24 16.00 17.84
N ALA A 66 -8.87 16.87 16.90
CA ALA A 66 -9.50 18.17 16.78
C ALA A 66 -11.02 18.05 16.75
N THR A 67 -11.51 17.07 15.99
CA THR A 67 -12.95 16.85 15.87
C THR A 67 -13.55 16.47 17.22
N ALA A 68 -12.86 15.62 17.97
CA ALA A 68 -13.32 15.18 19.28
C ALA A 68 -13.40 16.35 20.25
N ILE A 69 -12.41 17.24 20.19
CA ILE A 69 -12.37 18.40 21.07
C ILE A 69 -13.48 19.38 20.73
N ALA A 70 -13.79 19.50 19.44
CA ALA A 70 -14.84 20.41 18.99
C ALA A 70 -16.22 19.81 19.23
N VAL A 71 -16.29 18.49 19.24
CA VAL A 71 -17.56 17.79 19.47
C VAL A 71 -17.83 17.60 20.96
N ALA A 72 -16.76 17.53 21.74
CA ALA A 72 -16.88 17.35 23.18
C ALA A 72 -17.59 18.54 23.82
N GLU A 73 -17.52 19.69 23.16
CA GLU A 73 -18.15 20.90 23.66
C GLU A 73 -19.65 20.90 23.37
N GLY A 74 -20.10 19.89 22.63
CA GLY A 74 -21.51 19.79 22.30
C GLY A 74 -22.11 18.46 22.70
N THR A 75 -23.38 18.27 22.39
CA THR A 75 -24.08 17.03 22.73
C THR A 75 -23.77 15.93 21.71
N ASP A 76 -23.26 16.33 20.54
CA ASP A 76 -22.92 15.39 19.49
C ASP A 76 -22.04 14.27 20.03
N ARG A 77 -21.13 14.63 20.94
CA ARG A 77 -20.21 13.66 21.52
C ARG A 77 -20.97 12.61 22.32
N VAL A 78 -21.71 13.04 23.33
CA VAL A 78 -22.48 12.14 24.17
C VAL A 78 -23.39 11.25 23.32
N ILE A 79 -24.07 11.86 22.35
CA ILE A 79 -24.97 11.11 21.47
C ILE A 79 -24.19 10.13 20.61
N GLU A 80 -23.03 10.56 20.12
CA GLU A 80 -22.19 9.71 19.28
C GLU A 80 -21.82 8.42 20.00
N VAL A 81 -21.30 8.56 21.22
CA VAL A 81 -20.90 7.40 22.01
C VAL A 81 -22.11 6.58 22.43
N LEU A 82 -23.22 7.27 22.70
CA LEU A 82 -24.45 6.61 23.12
C LEU A 82 -24.90 5.60 22.07
N GLN A 83 -25.16 6.09 20.86
CA GLN A 83 -25.60 5.23 19.77
C GLN A 83 -24.53 4.20 19.42
N ALA A 84 -23.28 4.66 19.33
CA ALA A 84 -22.17 3.77 19.01
C ALA A 84 -22.10 2.60 19.97
N ALA A 85 -22.10 2.89 21.27
CA ALA A 85 -22.04 1.87 22.29
C ALA A 85 -23.26 0.94 22.22
N TYR A 86 -24.43 1.53 22.00
CA TYR A 86 -25.66 0.76 21.91
C TYR A 86 -25.56 -0.32 20.83
N ARG A 87 -25.43 0.12 19.58
CA ARG A 87 -25.31 -0.82 18.46
C ARG A 87 -24.20 -1.82 18.70
N ALA A 88 -23.06 -1.34 19.19
CA ALA A 88 -21.91 -2.19 19.47
C ALA A 88 -22.32 -3.40 20.31
N ILE A 89 -22.80 -3.14 21.52
CA ILE A 89 -23.23 -4.20 22.41
C ILE A 89 -24.53 -4.84 21.93
N ARG A 90 -25.17 -4.22 20.95
CA ARG A 90 -26.41 -4.72 20.40
C ARG A 90 -26.15 -5.87 19.43
N HIS A 91 -25.03 -5.77 18.70
CA HIS A 91 -24.67 -6.80 17.74
C HIS A 91 -23.46 -7.59 18.21
N ILE A 92 -22.86 -7.15 19.32
CA ILE A 92 -21.69 -7.81 19.87
C ILE A 92 -21.92 -9.31 20.00
N PRO A 93 -20.96 -10.11 19.51
CA PRO A 93 -21.04 -11.57 19.56
C PRO A 93 -20.89 -12.11 20.99
N ARG A 94 -21.87 -12.88 21.43
CA ARG A 94 -21.86 -13.46 22.76
C ARG A 94 -20.54 -14.20 23.02
N ARG A 95 -19.65 -13.57 23.79
CA ARG A 95 -18.36 -14.17 24.10
C ARG A 95 -17.60 -13.29 25.10
N ILE A 96 -17.74 -13.60 26.38
CA ILE A 96 -17.06 -12.85 27.43
C ILE A 96 -15.58 -13.21 27.49
N ARG A 97 -15.26 -14.43 27.07
CA ARG A 97 -13.88 -14.90 27.08
C ARG A 97 -12.97 -13.91 26.36
N GLN A 98 -13.28 -13.63 25.10
CA GLN A 98 -12.48 -12.69 24.32
C GLN A 98 -12.31 -11.36 25.05
N GLY A 99 -13.38 -10.92 25.71
CA GLY A 99 -13.34 -9.66 26.44
C GLY A 99 -12.42 -9.72 27.63
N LEU A 100 -12.53 -10.80 28.42
CA LEU A 100 -11.71 -10.97 29.61
C LEU A 100 -10.23 -11.00 29.24
N GLU A 101 -9.91 -11.71 28.16
CA GLU A 101 -8.52 -11.82 27.72
C GLU A 101 -8.09 -10.54 27.01
N ARG A 102 -9.03 -9.84 26.39
CA ARG A 102 -8.75 -8.60 25.69
C ARG A 102 -8.33 -7.50 26.66
N ILE A 103 -9.05 -7.38 27.76
CA ILE A 103 -8.76 -6.38 28.78
C ILE A 103 -7.48 -6.72 29.53
N LEU A 104 -7.16 -8.01 29.59
CA LEU A 104 -5.97 -8.47 30.29
C LEU A 104 -4.71 -7.89 29.65
N LEU A 105 -4.49 -8.18 28.38
CA LEU A 105 -3.33 -7.69 27.66
C LEU A 105 -3.70 -6.48 26.81
N SER A 1 14.54 -26.21 -54.33
CA SER A 1 15.45 -25.65 -55.32
C SER A 1 16.49 -24.75 -54.65
N LEU A 2 17.35 -24.16 -55.46
CA LEU A 2 18.40 -23.28 -54.95
C LEU A 2 17.80 -22.20 -54.05
N ALA A 3 16.84 -21.44 -54.58
CA ALA A 3 16.19 -20.39 -53.82
C ALA A 3 15.67 -20.91 -52.48
N LEU A 4 15.02 -22.06 -52.52
CA LEU A 4 14.47 -22.67 -51.32
C LEU A 4 15.55 -22.86 -50.27
N ILE A 5 16.63 -23.54 -50.65
CA ILE A 5 17.73 -23.80 -49.74
C ILE A 5 18.25 -22.50 -49.12
N TRP A 6 18.56 -21.53 -49.97
CA TRP A 6 19.06 -20.24 -49.52
C TRP A 6 18.06 -19.58 -48.58
N ASP A 7 16.79 -19.62 -48.95
CA ASP A 7 15.73 -19.01 -48.14
C ASP A 7 15.78 -19.55 -46.71
N ASP A 8 15.74 -20.86 -46.57
CA ASP A 8 15.77 -21.50 -45.25
C ASP A 8 17.13 -21.27 -44.58
N LEU A 9 18.19 -21.31 -45.38
CA LEU A 9 19.54 -21.12 -44.86
C LEU A 9 19.67 -19.76 -44.19
N ARG A 10 19.41 -18.69 -44.94
CA ARG A 10 19.50 -17.33 -44.41
C ARG A 10 18.47 -17.13 -43.30
N SER A 11 17.28 -17.68 -43.49
CA SER A 11 16.22 -17.55 -42.50
C SER A 11 16.62 -18.15 -41.16
N LEU A 12 17.15 -19.37 -41.21
CA LEU A 12 17.58 -20.06 -40.01
C LEU A 12 18.74 -19.32 -39.33
N CYS A 13 19.80 -19.07 -40.11
CA CYS A 13 20.96 -18.36 -39.59
C CYS A 13 20.57 -17.01 -39.00
N LEU A 14 19.88 -16.21 -39.79
CA LEU A 14 19.45 -14.89 -39.36
C LEU A 14 18.57 -14.99 -38.12
N PHE A 15 17.73 -16.02 -38.07
CA PHE A 15 16.85 -16.24 -36.93
C PHE A 15 17.65 -16.42 -35.64
N SER A 16 18.56 -17.39 -35.65
CA SER A 16 19.38 -17.67 -34.49
C SER A 16 20.17 -16.44 -34.06
N TYR A 17 20.92 -15.88 -35.00
CA TYR A 17 21.73 -14.69 -34.73
C TYR A 17 20.87 -13.57 -34.16
N HIS A 18 19.79 -13.24 -34.89
CA HIS A 18 18.88 -12.18 -34.46
C HIS A 18 18.40 -12.42 -33.03
N ARG A 19 18.11 -13.67 -32.70
CA ARG A 19 17.63 -14.03 -31.38
C ARG A 19 18.70 -13.72 -30.32
N LEU A 20 19.87 -14.31 -30.49
CA LEU A 20 20.97 -14.10 -29.54
C LEU A 20 21.20 -12.62 -29.31
N ARG A 21 21.29 -11.85 -30.39
CA ARG A 21 21.52 -10.41 -30.31
C ARG A 21 20.32 -9.72 -29.68
N ASP A 22 19.14 -10.29 -29.88
CA ASP A 22 17.91 -9.73 -29.32
C ASP A 22 17.90 -9.83 -27.80
N LEU A 23 17.99 -11.05 -27.30
CA LEU A 23 17.99 -11.30 -25.86
C LEU A 23 19.16 -10.59 -25.19
N LEU A 24 20.33 -10.68 -25.81
CA LEU A 24 21.54 -10.05 -25.28
C LEU A 24 21.38 -8.53 -25.22
N LEU A 25 20.80 -7.96 -26.27
CA LEU A 25 20.59 -6.52 -26.35
C LEU A 25 19.66 -6.05 -25.23
N ILE A 26 18.49 -6.67 -25.13
CA ILE A 26 17.53 -6.31 -24.11
C ILE A 26 18.14 -6.43 -22.72
N VAL A 27 18.65 -7.61 -22.38
CA VAL A 27 19.27 -7.85 -21.09
C VAL A 27 20.32 -6.79 -20.78
N THR A 28 21.37 -6.75 -21.61
CA THR A 28 22.44 -5.78 -21.42
C THR A 28 21.89 -4.36 -21.30
N ARG A 29 20.89 -4.04 -22.11
CA ARG A 29 20.28 -2.72 -22.08
C ARG A 29 19.72 -2.40 -20.70
N ILE A 30 18.80 -3.23 -20.23
CA ILE A 30 18.19 -3.03 -18.92
C ILE A 30 19.26 -2.92 -17.83
N VAL A 31 20.27 -3.76 -17.91
CA VAL A 31 21.35 -3.75 -16.94
C VAL A 31 22.05 -2.39 -16.90
N GLU A 32 22.37 -1.87 -18.09
CA GLU A 32 23.04 -0.58 -18.20
C GLU A 32 22.11 0.54 -17.75
N LEU A 33 20.93 0.61 -18.36
CA LEU A 33 19.95 1.65 -18.02
C LEU A 33 19.64 1.63 -16.53
N LEU A 34 19.74 0.46 -15.91
CA LEU A 34 19.47 0.32 -14.49
C LEU A 34 20.64 0.85 -13.65
N GLY A 35 21.83 0.83 -14.24
CA GLY A 35 23.00 1.31 -13.55
C GLY A 35 22.81 2.71 -12.97
N ARG A 36 22.39 3.64 -13.82
CA ARG A 36 22.16 5.02 -13.40
C ARG A 36 20.79 5.16 -12.73
N ARG A 37 19.87 4.29 -13.09
CA ARG A 37 18.52 4.33 -12.54
C ARG A 37 18.56 4.23 -11.02
N GLY A 38 19.62 3.62 -10.49
CA GLY A 38 19.76 3.46 -9.06
C GLY A 38 19.63 4.78 -8.32
N TRP A 39 20.02 5.86 -8.98
CA TRP A 39 19.94 7.19 -8.37
C TRP A 39 18.49 7.65 -8.26
N GLU A 40 17.81 7.78 -9.40
CA GLU A 40 16.43 8.21 -9.41
C GLU A 40 15.57 7.31 -8.54
N ALA A 41 15.64 6.01 -8.78
CA ALA A 41 14.86 5.04 -8.01
C ALA A 41 15.06 5.25 -6.51
N LEU A 42 16.31 5.24 -6.08
CA LEU A 42 16.64 5.43 -4.67
C LEU A 42 15.97 6.68 -4.12
N LYS A 43 16.19 7.81 -4.77
CA LYS A 43 15.60 9.07 -4.35
C LYS A 43 14.09 8.94 -4.18
N TYR A 44 13.46 8.22 -5.10
CA TYR A 44 12.01 8.02 -5.04
C TYR A 44 11.62 7.28 -3.77
N TRP A 45 12.25 6.13 -3.54
CA TRP A 45 11.96 5.32 -2.36
C TRP A 45 12.07 6.16 -1.09
N TRP A 46 13.13 6.95 -1.00
CA TRP A 46 13.36 7.80 0.17
C TRP A 46 12.31 8.90 0.24
N ASN A 47 12.15 9.64 -0.85
CA ASN A 47 11.19 10.74 -0.90
C ASN A 47 9.81 10.25 -0.46
N LEU A 48 9.33 9.20 -1.10
CA LEU A 48 8.02 8.63 -0.78
C LEU A 48 7.98 8.14 0.66
N LEU A 49 9.05 7.48 1.08
CA LEU A 49 9.14 6.96 2.44
C LEU A 49 8.95 8.07 3.47
N GLN A 50 9.76 9.12 3.35
CA GLN A 50 9.68 10.26 4.26
C GLN A 50 8.31 10.92 4.18
N TYR A 51 7.76 10.99 2.98
CA TYR A 51 6.45 11.61 2.76
C TYR A 51 5.38 10.94 3.62
N TRP A 52 5.19 9.64 3.39
CA TRP A 52 4.20 8.87 4.14
C TRP A 52 4.48 8.93 5.63
N SER A 53 5.74 8.70 6.00
CA SER A 53 6.15 8.71 7.41
C SER A 53 5.69 10.00 8.08
N GLN A 54 6.18 11.13 7.58
CA GLN A 54 5.82 12.43 8.14
C GLN A 54 4.32 12.65 8.09
N GLU A 55 3.69 12.12 7.05
CA GLU A 55 2.24 12.26 6.89
C GLU A 55 1.50 11.64 8.07
N LEU A 56 1.85 10.40 8.40
CA LEU A 56 1.21 9.70 9.51
C LEU A 56 1.58 10.34 10.83
N LYS A 57 2.80 10.84 10.94
CA LYS A 57 3.28 11.48 12.15
C LYS A 57 2.54 12.79 12.41
N ASN A 58 2.65 13.71 11.45
CA ASN A 58 1.98 15.01 11.58
C ASN A 58 0.48 14.84 11.77
N SER A 59 -0.12 13.95 10.98
CA SER A 59 -1.55 13.69 11.06
C SER A 59 -1.92 13.12 12.44
N ALA A 60 -1.20 12.08 12.84
CA ALA A 60 -1.46 11.44 14.13
C ALA A 60 -1.48 12.47 15.26
N VAL A 61 -0.42 13.27 15.35
CA VAL A 61 -0.31 14.29 16.37
C VAL A 61 -1.42 15.33 16.24
N ASN A 62 -1.76 15.66 15.00
CA ASN A 62 -2.82 16.63 14.73
C ASN A 62 -4.17 16.12 15.19
N LEU A 63 -4.39 14.81 15.01
CA LEU A 63 -5.65 14.19 15.40
C LEU A 63 -5.79 14.15 16.92
N LEU A 64 -4.71 13.76 17.60
CA LEU A 64 -4.70 13.68 19.06
C LEU A 64 -4.95 15.06 19.68
N ASN A 65 -4.16 16.03 19.27
CA ASN A 65 -4.28 17.40 19.79
C ASN A 65 -5.70 17.93 19.54
N ALA A 66 -6.08 18.00 18.27
CA ALA A 66 -7.41 18.49 17.90
C ALA A 66 -8.49 17.83 18.75
N THR A 67 -8.36 16.52 18.94
CA THR A 67 -9.34 15.77 19.73
C THR A 67 -9.42 16.29 21.15
N ALA A 68 -8.26 16.55 21.76
CA ALA A 68 -8.20 17.06 23.12
C ALA A 68 -8.74 18.48 23.19
N ILE A 69 -8.62 19.22 22.09
CA ILE A 69 -9.09 20.59 22.03
C ILE A 69 -10.61 20.65 22.00
N ALA A 70 -11.21 19.72 21.27
CA ALA A 70 -12.66 19.65 21.15
C ALA A 70 -13.29 18.97 22.36
N VAL A 71 -12.51 18.09 23.00
CA VAL A 71 -12.99 17.35 24.16
C VAL A 71 -12.78 18.16 25.44
N ALA A 72 -11.80 19.06 25.42
CA ALA A 72 -11.50 19.90 26.57
C ALA A 72 -12.60 20.93 26.79
N GLU A 73 -13.44 21.11 25.78
CA GLU A 73 -14.55 22.07 25.88
C GLU A 73 -15.59 21.61 26.88
N GLY A 74 -15.48 20.34 27.30
CA GLY A 74 -16.43 19.80 28.26
C GLY A 74 -17.32 18.73 27.65
N THR A 75 -17.30 18.64 26.32
CA THR A 75 -18.11 17.64 25.62
C THR A 75 -17.70 16.23 26.01
N ASP A 76 -16.51 16.10 26.59
CA ASP A 76 -16.00 14.80 27.02
C ASP A 76 -17.03 14.07 27.88
N ARG A 77 -17.80 14.83 28.65
CA ARG A 77 -18.81 14.25 29.52
C ARG A 77 -19.94 13.63 28.71
N VAL A 78 -20.57 14.44 27.86
CA VAL A 78 -21.67 13.97 27.03
C VAL A 78 -21.23 12.78 26.18
N ILE A 79 -20.03 12.85 25.63
CA ILE A 79 -19.50 11.79 24.80
C ILE A 79 -19.20 10.54 25.63
N GLU A 80 -18.56 10.74 26.77
CA GLU A 80 -18.22 9.63 27.66
C GLU A 80 -19.46 8.87 28.09
N VAL A 81 -20.56 9.60 28.30
CA VAL A 81 -21.81 8.99 28.71
C VAL A 81 -22.47 8.26 27.54
N LEU A 82 -22.80 9.01 26.50
CA LEU A 82 -23.44 8.45 25.31
C LEU A 82 -22.66 7.24 24.80
N GLN A 83 -21.34 7.34 24.81
CA GLN A 83 -20.48 6.27 24.36
C GLN A 83 -20.53 5.09 25.32
N ALA A 84 -20.23 5.34 26.58
CA ALA A 84 -20.25 4.30 27.60
C ALA A 84 -21.57 3.54 27.60
N ALA A 85 -22.66 4.29 27.66
CA ALA A 85 -24.00 3.68 27.66
C ALA A 85 -24.24 2.90 26.37
N TYR A 86 -24.08 3.57 25.24
CA TYR A 86 -24.29 2.94 23.94
C TYR A 86 -23.49 1.64 23.83
N ARG A 87 -22.18 1.75 24.00
CA ARG A 87 -21.30 0.59 23.91
C ARG A 87 -21.75 -0.50 24.88
N ALA A 88 -22.18 -0.08 26.07
CA ALA A 88 -22.63 -1.02 27.09
C ALA A 88 -23.87 -1.79 26.62
N ILE A 89 -24.94 -1.05 26.34
CA ILE A 89 -26.18 -1.65 25.88
C ILE A 89 -25.97 -2.46 24.61
N ARG A 90 -24.94 -2.10 23.85
CA ARG A 90 -24.63 -2.79 22.60
C ARG A 90 -23.83 -4.06 22.89
N HIS A 91 -23.02 -4.02 23.95
CA HIS A 91 -22.20 -5.16 24.32
C HIS A 91 -23.04 -6.24 25.01
N ILE A 92 -24.07 -5.80 25.74
CA ILE A 92 -24.94 -6.72 26.45
C ILE A 92 -25.97 -7.34 25.50
N PRO A 93 -26.31 -8.61 25.76
CA PRO A 93 -27.29 -9.34 24.94
C PRO A 93 -28.71 -8.82 25.12
N ARG A 94 -29.68 -9.53 24.55
CA ARG A 94 -31.08 -9.14 24.66
C ARG A 94 -31.89 -10.18 25.42
N ARG A 95 -31.65 -10.26 26.72
CA ARG A 95 -32.36 -11.22 27.57
C ARG A 95 -32.90 -10.55 28.82
N ILE A 96 -33.87 -11.18 29.46
CA ILE A 96 -34.47 -10.64 30.66
C ILE A 96 -33.41 -10.30 31.71
N ARG A 97 -32.38 -11.13 31.77
CA ARG A 97 -31.29 -10.93 32.72
C ARG A 97 -30.69 -9.53 32.56
N GLN A 98 -30.81 -8.98 31.37
CA GLN A 98 -30.28 -7.65 31.10
C GLN A 98 -30.77 -6.63 32.12
N GLY A 99 -32.07 -6.68 32.40
CA GLY A 99 -32.64 -5.77 33.37
C GLY A 99 -32.18 -6.04 34.79
N LEU A 100 -32.20 -7.31 35.17
CA LEU A 100 -31.78 -7.71 36.52
C LEU A 100 -30.39 -7.16 36.84
N GLU A 101 -29.46 -7.33 35.90
CA GLU A 101 -28.10 -6.85 36.09
C GLU A 101 -28.02 -5.33 35.87
N ARG A 102 -28.80 -4.83 34.92
CA ARG A 102 -28.81 -3.41 34.62
C ARG A 102 -29.06 -2.59 35.89
N ILE A 103 -30.08 -2.97 36.65
CA ILE A 103 -30.43 -2.27 37.87
C ILE A 103 -29.48 -2.66 39.01
N LEU A 104 -28.79 -3.79 38.83
CA LEU A 104 -27.85 -4.27 39.84
C LEU A 104 -26.43 -3.79 39.53
N LEU A 105 -26.33 -2.75 38.71
CA LEU A 105 -25.03 -2.19 38.35
C LEU A 105 -24.29 -1.69 39.58
N SER A 1 11.83 -31.73 -45.95
CA SER A 1 12.57 -30.49 -46.10
C SER A 1 11.98 -29.39 -45.22
N LEU A 2 10.70 -29.51 -44.92
CA LEU A 2 10.01 -28.53 -44.08
C LEU A 2 10.75 -28.33 -42.76
N ALA A 3 11.18 -29.44 -42.16
CA ALA A 3 11.90 -29.39 -40.89
C ALA A 3 13.28 -28.79 -41.08
N LEU A 4 13.83 -28.93 -42.28
CA LEU A 4 15.16 -28.40 -42.59
C LEU A 4 15.14 -26.87 -42.66
N ILE A 5 14.27 -26.34 -43.52
CA ILE A 5 14.15 -24.89 -43.67
C ILE A 5 13.69 -24.24 -42.38
N TRP A 6 12.76 -24.88 -41.69
CA TRP A 6 12.24 -24.36 -40.43
C TRP A 6 13.32 -24.36 -39.35
N ASP A 7 14.01 -25.49 -39.22
CA ASP A 7 15.08 -25.60 -38.22
C ASP A 7 16.12 -24.50 -38.39
N ASP A 8 16.57 -24.31 -39.63
CA ASP A 8 17.56 -23.29 -39.93
C ASP A 8 16.97 -21.89 -39.76
N LEU A 9 15.68 -21.76 -40.06
CA LEU A 9 15.00 -20.48 -39.95
C LEU A 9 15.02 -19.97 -38.51
N ARG A 10 14.61 -20.82 -37.57
CA ARG A 10 14.59 -20.45 -36.16
C ARG A 10 16.01 -20.34 -35.62
N SER A 11 16.85 -21.32 -35.93
CA SER A 11 18.23 -21.33 -35.46
C SER A 11 18.96 -20.06 -35.92
N LEU A 12 18.93 -19.80 -37.22
CA LEU A 12 19.59 -18.64 -37.79
C LEU A 12 18.98 -17.36 -37.22
N CYS A 13 17.66 -17.24 -37.31
CA CYS A 13 16.97 -16.06 -36.81
C CYS A 13 17.34 -15.78 -35.35
N LEU A 14 17.45 -16.84 -34.57
CA LEU A 14 17.79 -16.71 -33.15
C LEU A 14 19.21 -16.18 -32.99
N PHE A 15 20.16 -16.83 -33.65
CA PHE A 15 21.56 -16.43 -33.57
C PHE A 15 21.71 -14.95 -33.91
N SER A 16 21.26 -14.57 -35.11
CA SER A 16 21.35 -13.19 -35.55
C SER A 16 20.66 -12.25 -34.56
N TYR A 17 19.44 -12.61 -34.17
CA TYR A 17 18.67 -11.80 -33.23
C TYR A 17 19.45 -11.60 -31.93
N HIS A 18 20.08 -12.67 -31.44
CA HIS A 18 20.85 -12.61 -30.21
C HIS A 18 22.02 -11.64 -30.35
N ARG A 19 22.81 -11.82 -31.40
CA ARG A 19 23.97 -10.97 -31.64
C ARG A 19 23.54 -9.51 -31.84
N LEU A 20 22.67 -9.29 -32.82
CA LEU A 20 22.18 -7.95 -33.12
C LEU A 20 21.65 -7.27 -31.86
N ARG A 21 20.82 -7.99 -31.11
CA ARG A 21 20.25 -7.45 -29.87
C ARG A 21 21.33 -7.24 -28.83
N ASP A 22 22.39 -8.04 -28.90
CA ASP A 22 23.49 -7.96 -27.96
C ASP A 22 24.27 -6.65 -28.15
N LEU A 23 24.70 -6.41 -29.39
CA LEU A 23 25.45 -5.21 -29.71
C LEU A 23 24.60 -3.96 -29.51
N LEU A 24 23.35 -4.02 -29.98
CA LEU A 24 22.43 -2.89 -29.85
C LEU A 24 22.15 -2.58 -28.39
N LEU A 25 21.96 -3.63 -27.59
CA LEU A 25 21.69 -3.46 -26.16
C LEU A 25 22.87 -2.81 -25.46
N ILE A 26 24.06 -3.38 -25.64
CA ILE A 26 25.27 -2.85 -25.03
C ILE A 26 25.49 -1.40 -25.41
N VAL A 27 25.59 -1.14 -26.72
CA VAL A 27 25.79 0.22 -27.21
C VAL A 27 24.76 1.18 -26.64
N THR A 28 23.49 0.92 -26.93
CA THR A 28 22.40 1.76 -26.44
C THR A 28 22.51 1.97 -24.93
N ARG A 29 22.71 0.88 -24.20
CA ARG A 29 22.83 0.95 -22.75
C ARG A 29 23.85 2.00 -22.34
N ILE A 30 25.06 1.90 -22.89
CA ILE A 30 26.13 2.84 -22.58
C ILE A 30 25.77 4.24 -23.03
N VAL A 31 25.27 4.36 -24.26
CA VAL A 31 24.89 5.65 -24.81
C VAL A 31 23.97 6.40 -23.86
N GLU A 32 23.05 5.68 -23.23
CA GLU A 32 22.11 6.28 -22.30
C GLU A 32 22.76 6.49 -20.94
N LEU A 33 23.44 5.46 -20.44
CA LEU A 33 24.11 5.53 -19.15
C LEU A 33 25.14 6.65 -19.14
N LEU A 34 25.55 7.10 -20.32
CA LEU A 34 26.53 8.16 -20.45
C LEU A 34 25.85 9.52 -20.55
N GLY A 35 25.02 9.69 -21.57
CA GLY A 35 24.32 10.95 -21.76
C GLY A 35 23.01 10.99 -21.00
N ARG A 36 22.14 10.02 -21.26
CA ARG A 36 20.84 9.96 -20.60
C ARG A 36 21.00 10.02 -19.08
N ARG A 37 22.17 9.63 -18.61
CA ARG A 37 22.46 9.64 -17.18
C ARG A 37 22.06 10.97 -16.54
N GLY A 38 22.21 12.05 -17.31
CA GLY A 38 21.87 13.36 -16.82
C GLY A 38 20.47 13.42 -16.26
N TRP A 39 19.53 12.79 -16.95
CA TRP A 39 18.13 12.77 -16.51
C TRP A 39 17.91 11.72 -15.43
N GLU A 40 18.70 10.66 -15.48
CA GLU A 40 18.59 9.58 -14.51
C GLU A 40 18.90 10.09 -13.10
N ALA A 41 20.09 10.63 -12.92
CA ALA A 41 20.51 11.15 -11.63
C ALA A 41 19.53 12.20 -11.12
N LEU A 42 19.29 13.22 -11.93
CA LEU A 42 18.37 14.30 -11.57
C LEU A 42 17.05 13.74 -11.06
N LYS A 43 16.40 12.95 -11.90
CA LYS A 43 15.12 12.34 -11.54
C LYS A 43 15.21 11.64 -10.19
N TYR A 44 16.27 10.86 -10.01
CA TYR A 44 16.48 10.13 -8.77
C TYR A 44 16.40 11.06 -7.56
N TRP A 45 17.30 12.02 -7.51
CA TRP A 45 17.34 12.99 -6.41
C TRP A 45 15.95 13.57 -6.16
N TRP A 46 15.25 13.89 -7.24
CA TRP A 46 13.91 14.46 -7.13
C TRP A 46 12.94 13.44 -6.53
N ASN A 47 13.08 12.18 -6.94
CA ASN A 47 12.21 11.12 -6.44
C ASN A 47 12.40 10.91 -4.94
N LEU A 48 13.64 10.64 -4.55
CA LEU A 48 13.97 10.41 -3.14
C LEU A 48 13.51 11.60 -2.29
N LEU A 49 13.84 12.81 -2.73
CA LEU A 49 13.47 14.02 -2.02
C LEU A 49 11.96 14.07 -1.77
N GLN A 50 11.19 14.00 -2.85
CA GLN A 50 9.74 14.03 -2.76
C GLN A 50 9.22 12.91 -1.86
N TYR A 51 9.90 11.77 -1.90
CA TYR A 51 9.52 10.62 -1.09
C TYR A 51 9.58 10.95 0.40
N TRP A 52 10.77 11.32 0.87
CA TRP A 52 10.97 11.66 2.27
C TRP A 52 10.02 12.77 2.69
N SER A 53 9.97 13.84 1.89
CA SER A 53 9.11 14.98 2.19
C SER A 53 7.67 14.51 2.46
N GLN A 54 7.06 13.89 1.47
CA GLN A 54 5.70 13.40 1.59
C GLN A 54 5.58 12.40 2.73
N GLU A 55 6.68 11.72 3.03
CA GLU A 55 6.70 10.72 4.10
C GLU A 55 6.61 11.41 5.47
N LEU A 56 7.27 12.55 5.59
CA LEU A 56 7.26 13.31 6.85
C LEU A 56 5.92 13.99 7.06
N LYS A 57 5.36 14.52 5.98
CA LYS A 57 4.07 15.21 6.05
C LYS A 57 2.93 14.20 6.22
N ASN A 58 3.03 13.07 5.55
CA ASN A 58 2.01 12.04 5.62
C ASN A 58 2.00 11.39 7.00
N SER A 59 3.19 11.07 7.51
CA SER A 59 3.31 10.45 8.83
C SER A 59 2.92 11.42 9.93
N ALA A 60 3.42 12.65 9.84
CA ALA A 60 3.12 13.67 10.83
C ALA A 60 1.62 13.90 10.94
N VAL A 61 0.97 14.10 9.80
CA VAL A 61 -0.48 14.33 9.77
C VAL A 61 -1.24 13.09 10.24
N ASN A 62 -0.75 11.92 9.86
CA ASN A 62 -1.38 10.67 10.26
C ASN A 62 -1.29 10.46 11.76
N LEU A 63 -0.17 10.88 12.34
CA LEU A 63 0.04 10.74 13.77
C LEU A 63 -0.85 11.69 14.56
N LEU A 64 -0.94 12.94 14.10
CA LEU A 64 -1.75 13.94 14.76
C LEU A 64 -3.23 13.55 14.72
N ASN A 65 -3.72 13.22 13.53
CA ASN A 65 -5.11 12.82 13.37
C ASN A 65 -5.44 11.59 14.19
N ALA A 66 -4.71 10.50 13.94
CA ALA A 66 -4.91 9.26 14.66
C ALA A 66 -4.92 9.50 16.17
N THR A 67 -4.00 10.32 16.64
CA THR A 67 -3.90 10.63 18.06
C THR A 67 -5.16 11.34 18.56
N ALA A 68 -5.68 12.25 17.74
CA ALA A 68 -6.88 12.99 18.10
C ALA A 68 -8.10 12.08 18.11
N ILE A 69 -8.11 11.09 17.23
CA ILE A 69 -9.22 10.15 17.15
C ILE A 69 -9.23 9.19 18.34
N ALA A 70 -8.03 8.84 18.81
CA ALA A 70 -7.90 7.93 19.95
C ALA A 70 -8.02 8.69 21.26
N VAL A 71 -7.69 9.99 21.24
CA VAL A 71 -7.76 10.82 22.43
C VAL A 71 -9.15 11.40 22.61
N ALA A 72 -9.87 11.55 21.51
CA ALA A 72 -11.23 12.09 21.54
C ALA A 72 -12.26 11.01 21.81
N GLU A 73 -11.90 9.77 21.46
CA GLU A 73 -12.79 8.64 21.65
C GLU A 73 -12.46 7.90 22.96
N GLY A 74 -11.71 8.56 23.83
CA GLY A 74 -11.33 7.96 25.09
C GLY A 74 -12.52 7.41 25.85
N THR A 75 -13.25 8.31 26.50
CA THR A 75 -14.42 7.91 27.29
C THR A 75 -15.57 7.48 26.38
N ASP A 76 -15.48 7.86 25.11
CA ASP A 76 -16.50 7.50 24.13
C ASP A 76 -16.79 6.00 24.15
N ARG A 77 -15.75 5.21 24.39
CA ARG A 77 -15.88 3.77 24.43
C ARG A 77 -16.76 3.34 25.61
N VAL A 78 -16.35 3.72 26.82
CA VAL A 78 -17.10 3.38 28.03
C VAL A 78 -18.56 3.83 27.91
N ILE A 79 -18.76 5.00 27.32
CA ILE A 79 -20.11 5.55 27.16
C ILE A 79 -20.89 4.76 26.10
N GLU A 80 -20.19 4.30 25.07
CA GLU A 80 -20.82 3.53 24.00
C GLU A 80 -21.28 2.17 24.52
N VAL A 81 -20.42 1.51 25.29
CA VAL A 81 -20.75 0.20 25.84
C VAL A 81 -21.82 0.31 26.91
N LEU A 82 -21.72 1.35 27.74
CA LEU A 82 -22.68 1.57 28.81
C LEU A 82 -24.03 2.00 28.25
N GLN A 83 -24.01 2.90 27.27
CA GLN A 83 -25.23 3.39 26.65
C GLN A 83 -25.95 2.27 25.91
N ALA A 84 -25.21 1.56 25.07
CA ALA A 84 -25.78 0.46 24.30
C ALA A 84 -26.29 -0.64 25.21
N ALA A 85 -25.44 -1.08 26.14
CA ALA A 85 -25.81 -2.13 27.08
C ALA A 85 -27.10 -1.79 27.82
N TYR A 86 -27.09 -0.64 28.50
CA TYR A 86 -28.26 -0.19 29.25
C TYR A 86 -29.48 -0.07 28.34
N ARG A 87 -29.26 0.41 27.12
CA ARG A 87 -30.34 0.58 26.17
C ARG A 87 -31.06 -0.74 25.92
N ALA A 88 -30.31 -1.77 25.56
CA ALA A 88 -30.87 -3.09 25.30
C ALA A 88 -31.52 -3.67 26.56
N ILE A 89 -30.87 -3.46 27.70
CA ILE A 89 -31.38 -3.96 28.97
C ILE A 89 -32.73 -3.33 29.30
N ARG A 90 -32.88 -2.05 28.96
CA ARG A 90 -34.12 -1.33 29.23
C ARG A 90 -35.16 -1.63 28.16
N HIS A 91 -34.69 -1.97 26.96
CA HIS A 91 -35.58 -2.28 25.85
C HIS A 91 -36.19 -3.67 26.03
N ILE A 92 -35.43 -4.57 26.63
CA ILE A 92 -35.89 -5.94 26.85
C ILE A 92 -36.75 -6.02 28.11
N PRO A 93 -37.93 -6.67 27.99
CA PRO A 93 -38.87 -6.85 29.10
C PRO A 93 -38.34 -7.81 30.16
N ARG A 94 -37.87 -8.97 29.71
CA ARG A 94 -37.34 -9.98 30.61
C ARG A 94 -35.94 -9.61 31.07
N ARG A 95 -35.85 -8.70 32.03
CA ARG A 95 -34.57 -8.26 32.56
C ARG A 95 -34.77 -7.30 33.73
N ILE A 96 -35.79 -6.46 33.64
CA ILE A 96 -36.08 -5.49 34.68
C ILE A 96 -36.17 -6.17 36.05
N ARG A 97 -36.60 -7.43 36.04
CA ARG A 97 -36.73 -8.19 37.29
C ARG A 97 -35.37 -8.37 37.95
N GLN A 98 -34.44 -9.00 37.24
CA GLN A 98 -33.10 -9.24 37.77
C GLN A 98 -32.48 -7.94 38.27
N GLY A 99 -32.70 -6.86 37.55
CA GLY A 99 -32.15 -5.57 37.94
C GLY A 99 -32.82 -5.02 39.19
N LEU A 100 -34.16 -4.99 39.18
CA LEU A 100 -34.91 -4.48 40.31
C LEU A 100 -34.53 -5.20 41.60
N GLU A 101 -34.28 -6.50 41.49
CA GLU A 101 -33.89 -7.31 42.64
C GLU A 101 -32.40 -7.18 42.92
N ARG A 102 -31.63 -6.95 41.86
CA ARG A 102 -30.18 -6.82 42.00
C ARG A 102 -29.82 -5.61 42.86
N ILE A 103 -30.45 -4.47 42.55
CA ILE A 103 -30.19 -3.24 43.30
C ILE A 103 -30.71 -3.34 44.72
N LEU A 104 -31.72 -4.19 44.92
CA LEU A 104 -32.30 -4.39 46.24
C LEU A 104 -31.28 -4.95 47.22
N LEU A 105 -30.43 -5.85 46.73
CA LEU A 105 -29.40 -6.45 47.57
C LEU A 105 -28.06 -5.75 47.36
#